data_4QAJ
# 
_entry.id   4QAJ 
# 
_audit_conform.dict_name       mmcif_pdbx.dic 
_audit_conform.dict_version    5.381 
_audit_conform.dict_location   http://mmcif.pdb.org/dictionaries/ascii/mmcif_pdbx.dic 
# 
loop_
_database_2.database_id 
_database_2.database_code 
_database_2.pdbx_database_accession 
_database_2.pdbx_DOI 
PDB   4QAJ         pdb_00004qaj 10.2210/pdb4qaj/pdb 
RCSB  RCSB085810   ?            ?                   
WWPDB D_1000085810 ?            ?                   
# 
_pdbx_database_related.db_name        PDB 
_pdbx_database_related.db_id          4JC4 
_pdbx_database_related.details        'Model PDB' 
_pdbx_database_related.content_type   unspecified 
# 
_pdbx_database_status.status_code                     REL 
_pdbx_database_status.entry_id                        4QAJ 
_pdbx_database_status.recvd_initial_deposition_date   2014-05-05 
_pdbx_database_status.deposit_site                    RCSB 
_pdbx_database_status.process_site                    PDBJ 
_pdbx_database_status.methods_development_category    ? 
_pdbx_database_status.status_code_sf                  REL 
_pdbx_database_status.status_code_mr                  ? 
_pdbx_database_status.SG_entry                        ? 
_pdbx_database_status.status_code_cs                  ? 
_pdbx_database_status.pdb_format_compatible           Y 
_pdbx_database_status.status_code_nmr_data            ? 
# 
loop_
_audit_author.name 
_audit_author.pdbx_ordinal 
'Singh, A.'   1 
'Kumar, A.'   2 
'Gautam, L.'  3 
'Sinha, M.'   4 
'Bhushan, A.' 5 
'Kaur, P.'    6 
'Sharma, S.'  7 
'Arora, A.'   8 
'Singh, T.P.' 9 
# 
_citation.id                        primary 
_citation.title                     
;Structural and binding studies of peptidyl-tRNA hydrolase from Pseudomonas aeruginosa provide a platform for the structure-based inhibitor design against peptidyl-tRNA hydrolase
;
_citation.journal_abbrev            Biochem.J. 
_citation.journal_volume            463 
_citation.page_first                329 
_citation.page_last                 337 
_citation.year                      2014 
_citation.journal_id_ASTM           BIJOAK 
_citation.country                   UK 
_citation.journal_id_ISSN           0264-6021 
_citation.journal_id_CSD            0043 
_citation.book_publisher            ? 
_citation.pdbx_database_id_PubMed   25101795 
_citation.pdbx_database_id_DOI      10.1042/BJ20140631 
# 
loop_
_citation_author.citation_id 
_citation_author.name 
_citation_author.ordinal 
_citation_author.identifier_ORCID 
primary 'Singh, A.'   1  ? 
primary 'Kumar, A.'   2  ? 
primary 'Gautam, L.'  3  ? 
primary 'Sharma, P.'  4  ? 
primary 'Sinha, M.'   5  ? 
primary 'Bhushan, A.' 6  ? 
primary 'Kaur, P.'    7  ? 
primary 'Sharma, S.'  8  ? 
primary 'Arora, A.'   9  ? 
primary 'Singh, T.P.' 10 ? 
# 
_cell.entry_id           4QAJ 
_cell.length_a           64.115 
_cell.length_b           64.115 
_cell.length_c           155.312 
_cell.angle_alpha        90.00 
_cell.angle_beta         90.00 
_cell.angle_gamma        120.00 
_cell.Z_PDB              12 
_cell.pdbx_unique_axis   ? 
_cell.length_a_esd       ? 
_cell.length_b_esd       ? 
_cell.length_c_esd       ? 
_cell.angle_alpha_esd    ? 
_cell.angle_beta_esd     ? 
_cell.angle_gamma_esd    ? 
# 
_symmetry.entry_id                         4QAJ 
_symmetry.space_group_name_H-M             'P 61 2 2' 
_symmetry.pdbx_full_space_group_name_H-M   ? 
_symmetry.cell_setting                     ? 
_symmetry.Int_Tables_number                178 
_symmetry.space_group_name_Hall            ? 
# 
loop_
_entity.id 
_entity.type 
_entity.src_method 
_entity.pdbx_description 
_entity.formula_weight 
_entity.pdbx_number_of_molecules 
_entity.pdbx_ec 
_entity.pdbx_mutation 
_entity.pdbx_fragment 
_entity.details 
1 polymer man 'Peptidyl-tRNA hydrolase' 20832.793 1   3.1.1.29 ? ? ? 
2 water   nat water                     18.015    250 ?        ? ? ? 
# 
_entity_name_com.entity_id   1 
_entity_name_com.name        PTH 
# 
_entity_poly.entity_id                      1 
_entity_poly.type                           'polypeptide(L)' 
_entity_poly.nstd_linkage                   no 
_entity_poly.nstd_monomer                   no 
_entity_poly.pdbx_seq_one_letter_code       
;MTAVQLIVGLGNPGPEYDQTRHNAGALFVERLAHAQGVSLVADRKYFGLVGKFSHQGKDVRLLIPTTYMNRSGQSVAALA
GFFRIAPDAILVAHDELDMPPGVAKLKTGGGHGGHNGLRDIIAQLGNQNSFHRLRLGIGHPGHSSLVSGYVLGRAPRSEQ
ELLDTSIDFALGVLPEMLAGDWTRAMQKLHSQKA
;
_entity_poly.pdbx_seq_one_letter_code_can   
;MTAVQLIVGLGNPGPEYDQTRHNAGALFVERLAHAQGVSLVADRKYFGLVGKFSHQGKDVRLLIPTTYMNRSGQSVAALA
GFFRIAPDAILVAHDELDMPPGVAKLKTGGGHGGHNGLRDIIAQLGNQNSFHRLRLGIGHPGHSSLVSGYVLGRAPRSEQ
ELLDTSIDFALGVLPEMLAGDWTRAMQKLHSQKA
;
_entity_poly.pdbx_strand_id                 A 
_entity_poly.pdbx_target_identifier         ? 
# 
loop_
_entity_poly_seq.entity_id 
_entity_poly_seq.num 
_entity_poly_seq.mon_id 
_entity_poly_seq.hetero 
1 1   MET n 
1 2   THR n 
1 3   ALA n 
1 4   VAL n 
1 5   GLN n 
1 6   LEU n 
1 7   ILE n 
1 8   VAL n 
1 9   GLY n 
1 10  LEU n 
1 11  GLY n 
1 12  ASN n 
1 13  PRO n 
1 14  GLY n 
1 15  PRO n 
1 16  GLU n 
1 17  TYR n 
1 18  ASP n 
1 19  GLN n 
1 20  THR n 
1 21  ARG n 
1 22  HIS n 
1 23  ASN n 
1 24  ALA n 
1 25  GLY n 
1 26  ALA n 
1 27  LEU n 
1 28  PHE n 
1 29  VAL n 
1 30  GLU n 
1 31  ARG n 
1 32  LEU n 
1 33  ALA n 
1 34  HIS n 
1 35  ALA n 
1 36  GLN n 
1 37  GLY n 
1 38  VAL n 
1 39  SER n 
1 40  LEU n 
1 41  VAL n 
1 42  ALA n 
1 43  ASP n 
1 44  ARG n 
1 45  LYS n 
1 46  TYR n 
1 47  PHE n 
1 48  GLY n 
1 49  LEU n 
1 50  VAL n 
1 51  GLY n 
1 52  LYS n 
1 53  PHE n 
1 54  SER n 
1 55  HIS n 
1 56  GLN n 
1 57  GLY n 
1 58  LYS n 
1 59  ASP n 
1 60  VAL n 
1 61  ARG n 
1 62  LEU n 
1 63  LEU n 
1 64  ILE n 
1 65  PRO n 
1 66  THR n 
1 67  THR n 
1 68  TYR n 
1 69  MET n 
1 70  ASN n 
1 71  ARG n 
1 72  SER n 
1 73  GLY n 
1 74  GLN n 
1 75  SER n 
1 76  VAL n 
1 77  ALA n 
1 78  ALA n 
1 79  LEU n 
1 80  ALA n 
1 81  GLY n 
1 82  PHE n 
1 83  PHE n 
1 84  ARG n 
1 85  ILE n 
1 86  ALA n 
1 87  PRO n 
1 88  ASP n 
1 89  ALA n 
1 90  ILE n 
1 91  LEU n 
1 92  VAL n 
1 93  ALA n 
1 94  HIS n 
1 95  ASP n 
1 96  GLU n 
1 97  LEU n 
1 98  ASP n 
1 99  MET n 
1 100 PRO n 
1 101 PRO n 
1 102 GLY n 
1 103 VAL n 
1 104 ALA n 
1 105 LYS n 
1 106 LEU n 
1 107 LYS n 
1 108 THR n 
1 109 GLY n 
1 110 GLY n 
1 111 GLY n 
1 112 HIS n 
1 113 GLY n 
1 114 GLY n 
1 115 HIS n 
1 116 ASN n 
1 117 GLY n 
1 118 LEU n 
1 119 ARG n 
1 120 ASP n 
1 121 ILE n 
1 122 ILE n 
1 123 ALA n 
1 124 GLN n 
1 125 LEU n 
1 126 GLY n 
1 127 ASN n 
1 128 GLN n 
1 129 ASN n 
1 130 SER n 
1 131 PHE n 
1 132 HIS n 
1 133 ARG n 
1 134 LEU n 
1 135 ARG n 
1 136 LEU n 
1 137 GLY n 
1 138 ILE n 
1 139 GLY n 
1 140 HIS n 
1 141 PRO n 
1 142 GLY n 
1 143 HIS n 
1 144 SER n 
1 145 SER n 
1 146 LEU n 
1 147 VAL n 
1 148 SER n 
1 149 GLY n 
1 150 TYR n 
1 151 VAL n 
1 152 LEU n 
1 153 GLY n 
1 154 ARG n 
1 155 ALA n 
1 156 PRO n 
1 157 ARG n 
1 158 SER n 
1 159 GLU n 
1 160 GLN n 
1 161 GLU n 
1 162 LEU n 
1 163 LEU n 
1 164 ASP n 
1 165 THR n 
1 166 SER n 
1 167 ILE n 
1 168 ASP n 
1 169 PHE n 
1 170 ALA n 
1 171 LEU n 
1 172 GLY n 
1 173 VAL n 
1 174 LEU n 
1 175 PRO n 
1 176 GLU n 
1 177 MET n 
1 178 LEU n 
1 179 ALA n 
1 180 GLY n 
1 181 ASP n 
1 182 TRP n 
1 183 THR n 
1 184 ARG n 
1 185 ALA n 
1 186 MET n 
1 187 GLN n 
1 188 LYS n 
1 189 LEU n 
1 190 HIS n 
1 191 SER n 
1 192 GLN n 
1 193 LYS n 
1 194 ALA n 
# 
_entity_src_gen.entity_id                          1 
_entity_src_gen.pdbx_src_id                        1 
_entity_src_gen.pdbx_alt_source_flag               sample 
_entity_src_gen.pdbx_seq_type                      ? 
_entity_src_gen.pdbx_beg_seq_num                   ? 
_entity_src_gen.pdbx_end_seq_num                   ? 
_entity_src_gen.gene_src_common_name               ? 
_entity_src_gen.gene_src_genus                     ? 
_entity_src_gen.pdbx_gene_src_gene                 'PA4672, pth' 
_entity_src_gen.gene_src_species                   ? 
_entity_src_gen.gene_src_strain                    PAO1 
_entity_src_gen.gene_src_tissue                    ? 
_entity_src_gen.gene_src_tissue_fraction           ? 
_entity_src_gen.gene_src_details                   ? 
_entity_src_gen.pdbx_gene_src_fragment             ? 
_entity_src_gen.pdbx_gene_src_scientific_name      'Pseudomonas aeruginosa' 
_entity_src_gen.pdbx_gene_src_ncbi_taxonomy_id     208964 
_entity_src_gen.pdbx_gene_src_variant              ? 
_entity_src_gen.pdbx_gene_src_cell_line            ? 
_entity_src_gen.pdbx_gene_src_atcc                 ? 
_entity_src_gen.pdbx_gene_src_organ                ? 
_entity_src_gen.pdbx_gene_src_organelle            ? 
_entity_src_gen.pdbx_gene_src_cell                 ? 
_entity_src_gen.pdbx_gene_src_cellular_location    ? 
_entity_src_gen.host_org_common_name               ? 
_entity_src_gen.pdbx_host_org_scientific_name      'Escherichia coli' 
_entity_src_gen.pdbx_host_org_ncbi_taxonomy_id     562 
_entity_src_gen.host_org_genus                     ? 
_entity_src_gen.pdbx_host_org_gene                 ? 
_entity_src_gen.pdbx_host_org_organ                ? 
_entity_src_gen.host_org_species                   ? 
_entity_src_gen.pdbx_host_org_tissue               ? 
_entity_src_gen.pdbx_host_org_tissue_fraction      ? 
_entity_src_gen.pdbx_host_org_strain               'BL21(De3)' 
_entity_src_gen.pdbx_host_org_variant              ? 
_entity_src_gen.pdbx_host_org_cell_line            ? 
_entity_src_gen.pdbx_host_org_atcc                 ? 
_entity_src_gen.pdbx_host_org_culture_collection   ? 
_entity_src_gen.pdbx_host_org_cell                 ? 
_entity_src_gen.pdbx_host_org_organelle            ? 
_entity_src_gen.pdbx_host_org_cellular_location    ? 
_entity_src_gen.pdbx_host_org_vector_type          plasmid 
_entity_src_gen.pdbx_host_org_vector               ? 
_entity_src_gen.host_org_details                   ? 
_entity_src_gen.expression_system_id               ? 
_entity_src_gen.plasmid_name                       pEt28a 
_entity_src_gen.plasmid_details                    ? 
_entity_src_gen.pdbx_description                   ? 
# 
_struct_ref.id                         1 
_struct_ref.db_name                    UNP 
_struct_ref.db_code                    PTH_PSEAE 
_struct_ref.pdbx_db_accession          Q9HVC3 
_struct_ref.entity_id                  1 
_struct_ref.pdbx_seq_one_letter_code   
;MTAVQLIVGLGNPGPEYDQTRHNAGALFVERLAHAQGVSLVADRKYFGLVGKFSHQGKDVRLLIPTTYMNRSGQSVAALA
GFFRIAPDAILVAHDELDMPPGVAKLKTGGGHGGHNGLRDIIAQLGNQNSFHRLRLGIGHPGHSSLVSGYVLGRAPRSEQ
ELLDTSIDFALGVLPEMLAGDWTRAMQKLHSQKA
;
_struct_ref.pdbx_align_begin           1 
_struct_ref.pdbx_db_isoform            ? 
# 
_struct_ref_seq.align_id                      1 
_struct_ref_seq.ref_id                        1 
_struct_ref_seq.pdbx_PDB_id_code              4QAJ 
_struct_ref_seq.pdbx_strand_id                A 
_struct_ref_seq.seq_align_beg                 1 
_struct_ref_seq.pdbx_seq_align_beg_ins_code   ? 
_struct_ref_seq.seq_align_end                 194 
_struct_ref_seq.pdbx_seq_align_end_ins_code   ? 
_struct_ref_seq.pdbx_db_accession             Q9HVC3 
_struct_ref_seq.db_align_beg                  1 
_struct_ref_seq.pdbx_db_align_beg_ins_code    ? 
_struct_ref_seq.db_align_end                  194 
_struct_ref_seq.pdbx_db_align_end_ins_code    ? 
_struct_ref_seq.pdbx_auth_seq_align_beg       1 
_struct_ref_seq.pdbx_auth_seq_align_end       194 
# 
loop_
_chem_comp.id 
_chem_comp.type 
_chem_comp.mon_nstd_flag 
_chem_comp.name 
_chem_comp.pdbx_synonyms 
_chem_comp.formula 
_chem_comp.formula_weight 
ALA 'L-peptide linking' y ALANINE         ? 'C3 H7 N O2'     89.093  
ARG 'L-peptide linking' y ARGININE        ? 'C6 H15 N4 O2 1' 175.209 
ASN 'L-peptide linking' y ASPARAGINE      ? 'C4 H8 N2 O3'    132.118 
ASP 'L-peptide linking' y 'ASPARTIC ACID' ? 'C4 H7 N O4'     133.103 
GLN 'L-peptide linking' y GLUTAMINE       ? 'C5 H10 N2 O3'   146.144 
GLU 'L-peptide linking' y 'GLUTAMIC ACID' ? 'C5 H9 N O4'     147.129 
GLY 'peptide linking'   y GLYCINE         ? 'C2 H5 N O2'     75.067  
HIS 'L-peptide linking' y HISTIDINE       ? 'C6 H10 N3 O2 1' 156.162 
HOH non-polymer         . WATER           ? 'H2 O'           18.015  
ILE 'L-peptide linking' y ISOLEUCINE      ? 'C6 H13 N O2'    131.173 
LEU 'L-peptide linking' y LEUCINE         ? 'C6 H13 N O2'    131.173 
LYS 'L-peptide linking' y LYSINE          ? 'C6 H15 N2 O2 1' 147.195 
MET 'L-peptide linking' y METHIONINE      ? 'C5 H11 N O2 S'  149.211 
PHE 'L-peptide linking' y PHENYLALANINE   ? 'C9 H11 N O2'    165.189 
PRO 'L-peptide linking' y PROLINE         ? 'C5 H9 N O2'     115.130 
SER 'L-peptide linking' y SERINE          ? 'C3 H7 N O3'     105.093 
THR 'L-peptide linking' y THREONINE       ? 'C4 H9 N O3'     119.119 
TRP 'L-peptide linking' y TRYPTOPHAN      ? 'C11 H12 N2 O2'  204.225 
TYR 'L-peptide linking' y TYROSINE        ? 'C9 H11 N O3'    181.189 
VAL 'L-peptide linking' y VALINE          ? 'C5 H11 N O2'    117.146 
# 
_exptl.entry_id          4QAJ 
_exptl.method            'X-RAY DIFFRACTION' 
_exptl.crystals_number   1 
# 
_exptl_crystal.id                    1 
_exptl_crystal.density_meas          ? 
_exptl_crystal.density_Matthews      2.21 
_exptl_crystal.density_percent_sol   44.39 
_exptl_crystal.description           ? 
_exptl_crystal.F_000                 ? 
_exptl_crystal.preparation           ? 
# 
_exptl_crystal_grow.crystal_id      1 
_exptl_crystal_grow.method          'VAPOR DIFFUSION, HANGING DROP' 
_exptl_crystal_grow.temp            298 
_exptl_crystal_grow.temp_details    ? 
_exptl_crystal_grow.pH              8.5 
_exptl_crystal_grow.pdbx_details    
'PEG 4000, 5% isoproponal, 100mM HEPES buffer, pH 8.5, VAPOR DIFFUSION, HANGING DROP, temperature 298K' 
_exptl_crystal_grow.pdbx_pH_range   . 
# 
_diffrn.id                     1 
_diffrn.ambient_temp           77 
_diffrn.ambient_temp_details   ? 
_diffrn.crystal_id             1 
# 
_diffrn_detector.diffrn_id              1 
_diffrn_detector.detector               CCD 
_diffrn_detector.type                   MARRESEARCH 
_diffrn_detector.pdbx_collection_date   2013-11-02 
_diffrn_detector.details                Mirror 
# 
_diffrn_radiation.diffrn_id                        1 
_diffrn_radiation.wavelength_id                    1 
_diffrn_radiation.pdbx_monochromatic_or_laue_m_l   M 
_diffrn_radiation.monochromator                    Graphite 
_diffrn_radiation.pdbx_diffrn_protocol             'SINGLE WAVELENGTH' 
_diffrn_radiation.pdbx_scattering_type             x-ray 
# 
_diffrn_radiation_wavelength.id           1 
_diffrn_radiation_wavelength.wavelength   0.97 
_diffrn_radiation_wavelength.wt           1.0 
# 
_diffrn_source.diffrn_id                   1 
_diffrn_source.source                      SYNCHROTRON 
_diffrn_source.type                        'ESRF BEAMLINE BM14' 
_diffrn_source.pdbx_synchrotron_site       ESRF 
_diffrn_source.pdbx_synchrotron_beamline   BM14 
_diffrn_source.pdbx_wavelength             ? 
_diffrn_source.pdbx_wavelength_list        0.97 
# 
_reflns.entry_id                     4QAJ 
_reflns.observed_criterion_sigma_I   0.0 
_reflns.observed_criterion_sigma_F   0.0 
_reflns.d_resolution_low             29.64 
_reflns.d_resolution_high            1.50 
_reflns.number_obs                   31169 
_reflns.number_all                   31169 
_reflns.percent_possible_obs         99.8 
_reflns.pdbx_Rmerge_I_obs            ? 
_reflns.pdbx_Rsym_value              ? 
_reflns.pdbx_netI_over_sigmaI        50.3 
_reflns.B_iso_Wilson_estimate        ? 
_reflns.pdbx_redundancy              ? 
_reflns.R_free_details               ? 
_reflns.limit_h_max                  ? 
_reflns.limit_h_min                  ? 
_reflns.limit_k_max                  ? 
_reflns.limit_k_min                  ? 
_reflns.limit_l_max                  ? 
_reflns.limit_l_min                  ? 
_reflns.observed_criterion_F_max     ? 
_reflns.observed_criterion_F_min     ? 
_reflns.pdbx_chi_squared             ? 
_reflns.pdbx_scaling_rejects         ? 
_reflns.pdbx_ordinal                 1 
_reflns.pdbx_diffrn_id               1 
# 
_reflns_shell.d_res_high                  1.50 
_reflns_shell.d_res_low                   1.53 
_reflns_shell.percent_possible_all        99.7 
_reflns_shell.Rmerge_I_obs                ? 
_reflns_shell.pdbx_Rsym_value             ? 
_reflns_shell.meanI_over_sigI_obs         2.0 
_reflns_shell.pdbx_redundancy             ? 
_reflns_shell.percent_possible_obs        ? 
_reflns_shell.number_unique_all           ? 
_reflns_shell.number_measured_all         ? 
_reflns_shell.number_measured_obs         ? 
_reflns_shell.number_unique_obs           ? 
_reflns_shell.pdbx_chi_squared            ? 
_reflns_shell.pdbx_rejects                ? 
_reflns_shell.pdbx_netI_over_sigmaI_obs   ? 
_reflns_shell.number_possible             ? 
_reflns_shell.Rmerge_F_all                ? 
_reflns_shell.Rmerge_F_obs                ? 
_reflns_shell.Rmerge_I_all                ? 
_reflns_shell.meanI_over_sigI_all         ? 
_reflns_shell.pdbx_Rrim_I_all             ? 
_reflns_shell.pdbx_Rpim_I_all             ? 
_reflns_shell.pdbx_ordinal                1 
_reflns_shell.pdbx_diffrn_id              1 
# 
_refine.entry_id                                 4QAJ 
_refine.ls_number_reflns_obs                     29552 
_refine.ls_number_reflns_all                     ? 
_refine.pdbx_ls_sigma_I                          0.0 
_refine.pdbx_ls_sigma_F                          0.0 
_refine.pdbx_data_cutoff_high_absF               ? 
_refine.pdbx_data_cutoff_low_absF                ? 
_refine.pdbx_data_cutoff_high_rms_absF           ? 
_refine.ls_d_res_low                             29.64 
_refine.ls_d_res_high                            1.50 
_refine.ls_percent_reflns_obs                    99.86 
_refine.ls_R_factor_obs                          0.18206 
_refine.ls_R_factor_all                          ? 
_refine.ls_R_factor_R_work                       0.18004 
_refine.ls_R_factor_R_free                       0.22027 
_refine.ls_R_factor_R_free_error                 ? 
_refine.ls_R_factor_R_free_error_details         ? 
_refine.ls_percent_reflns_R_free                 5.0 
_refine.ls_number_reflns_R_free                  1571 
_refine.ls_number_parameters                     ? 
_refine.ls_number_restraints                     ? 
_refine.occupancy_min                            ? 
_refine.occupancy_max                            ? 
_refine.correlation_coeff_Fo_to_Fc               0.970 
_refine.correlation_coeff_Fo_to_Fc_free          0.953 
_refine.B_iso_mean                               24.750 
_refine.aniso_B[1][1]                            0.09 
_refine.aniso_B[2][2]                            0.09 
_refine.aniso_B[3][3]                            -0.31 
_refine.aniso_B[1][2]                            0.09 
_refine.aniso_B[1][3]                            -0.00 
_refine.aniso_B[2][3]                            -0.00 
_refine.solvent_model_details                    MASK 
_refine.solvent_model_param_ksol                 ? 
_refine.solvent_model_param_bsol                 ? 
_refine.pdbx_solvent_vdw_probe_radii             1.20 
_refine.pdbx_solvent_ion_probe_radii             0.80 
_refine.pdbx_solvent_shrinkage_radii             0.80 
_refine.pdbx_ls_cross_valid_method               THROUGHOUT 
_refine.details                                  'HYDROGENS HAVE BEEN ADDED IN THE RIDING POSITIONS' 
_refine.pdbx_starting_model                      4JC4 
_refine.pdbx_method_to_determine_struct          'MOLECULAR REPLACEMENT' 
_refine.pdbx_isotropic_thermal_model             ? 
_refine.pdbx_stereochemistry_target_values       'MAXIMUM LIKELIHOOD' 
_refine.pdbx_stereochem_target_val_spec_case     ? 
_refine.pdbx_R_Free_selection_details            RANDOM 
_refine.pdbx_overall_ESU_R                       0.077 
_refine.pdbx_overall_ESU_R_Free                  0.082 
_refine.overall_SU_ML                            ? 
_refine.pdbx_overall_phase_error                 ? 
_refine.overall_SU_B                             ? 
_refine.overall_SU_R_Cruickshank_DPI             ? 
_refine.ls_redundancy_reflns_obs                 ? 
_refine.B_iso_min                                ? 
_refine.B_iso_max                                ? 
_refine.overall_SU_R_free                        ? 
_refine.ls_wR_factor_R_free                      ? 
_refine.ls_wR_factor_R_work                      ? 
_refine.overall_FOM_free_R_set                   ? 
_refine.overall_FOM_work_R_set                   ? 
_refine.pdbx_diffrn_id                           1 
_refine.pdbx_refine_id                           'X-RAY DIFFRACTION' 
_refine.pdbx_TLS_residual_ADP_flag               ? 
_refine.pdbx_overall_SU_R_free_Cruickshank_DPI   ? 
_refine.pdbx_overall_SU_R_Blow_DPI               ? 
_refine.pdbx_overall_SU_R_free_Blow_DPI          ? 
# 
_refine_hist.pdbx_refine_id                   'X-RAY DIFFRACTION' 
_refine_hist.cycle_id                         LAST 
_refine_hist.pdbx_number_atoms_protein        1467 
_refine_hist.pdbx_number_atoms_nucleic_acid   0 
_refine_hist.pdbx_number_atoms_ligand         0 
_refine_hist.number_atoms_solvent             250 
_refine_hist.number_atoms_total               1717 
_refine_hist.d_res_high                       1.50 
_refine_hist.d_res_low                        29.64 
# 
loop_
_refine_ls_restr.type 
_refine_ls_restr.dev_ideal 
_refine_ls_restr.dev_ideal_target 
_refine_ls_restr.weight 
_refine_ls_restr.number 
_refine_ls_restr.pdbx_restraint_function 
_refine_ls_restr.pdbx_refine_id 
r_bond_refined_d             0.021  0.019  ? 1537 ? 'X-RAY DIFFRACTION' 
r_bond_other_d               0.000  0.020  ? 1506 ? 'X-RAY DIFFRACTION' 
r_angle_refined_deg          1.926  1.962  ? 2087 ? 'X-RAY DIFFRACTION' 
r_angle_other_deg            3.674  3.000  ? 3453 ? 'X-RAY DIFFRACTION' 
r_dihedral_angle_1_deg       5.624  5.000  ? 203  ? 'X-RAY DIFFRACTION' 
r_dihedral_angle_2_deg       38.959 23.043 ? 69   ? 'X-RAY DIFFRACTION' 
r_dihedral_angle_3_deg       13.850 15.000 ? 256  ? 'X-RAY DIFFRACTION' 
r_dihedral_angle_4_deg       14.041 15.000 ? 13   ? 'X-RAY DIFFRACTION' 
r_chiral_restr               0.127  0.200  ? 229  ? 'X-RAY DIFFRACTION' 
r_gen_planes_refined         0.011  0.021  ? 1792 ? 'X-RAY DIFFRACTION' 
r_gen_planes_other           0.019  0.020  ? 373  ? 'X-RAY DIFFRACTION' 
r_nbd_refined                ?      ?      ? ?    ? 'X-RAY DIFFRACTION' 
r_nbd_other                  ?      ?      ? ?    ? 'X-RAY DIFFRACTION' 
r_nbtor_refined              ?      ?      ? ?    ? 'X-RAY DIFFRACTION' 
r_nbtor_other                ?      ?      ? ?    ? 'X-RAY DIFFRACTION' 
r_xyhbond_nbd_refined        ?      ?      ? ?    ? 'X-RAY DIFFRACTION' 
r_xyhbond_nbd_other          ?      ?      ? ?    ? 'X-RAY DIFFRACTION' 
r_metal_ion_refined          ?      ?      ? ?    ? 'X-RAY DIFFRACTION' 
r_metal_ion_other            ?      ?      ? ?    ? 'X-RAY DIFFRACTION' 
r_symmetry_vdw_refined       ?      ?      ? ?    ? 'X-RAY DIFFRACTION' 
r_symmetry_vdw_other         ?      ?      ? ?    ? 'X-RAY DIFFRACTION' 
r_symmetry_hbond_refined     ?      ?      ? ?    ? 'X-RAY DIFFRACTION' 
r_symmetry_hbond_other       ?      ?      ? ?    ? 'X-RAY DIFFRACTION' 
r_symmetry_metal_ion_refined ?      ?      ? ?    ? 'X-RAY DIFFRACTION' 
r_symmetry_metal_ion_other   ?      ?      ? ?    ? 'X-RAY DIFFRACTION' 
r_mcbond_it                  2.166  2.140  ? 787  ? 'X-RAY DIFFRACTION' 
r_mcbond_other               2.141  2.135  ? 786  ? 'X-RAY DIFFRACTION' 
r_mcangle_it                 3.047  3.199  ? 985  ? 'X-RAY DIFFRACTION' 
r_mcangle_other              3.057  3.204  ? 986  ? 'X-RAY DIFFRACTION' 
r_scbond_it                  3.023  2.485  ? 750  ? 'X-RAY DIFFRACTION' 
r_scbond_other               3.017  2.484  ? 750  ? 'X-RAY DIFFRACTION' 
r_scangle_it                 ?      ?      ? ?    ? 'X-RAY DIFFRACTION' 
r_scangle_other              4.460  3.581  ? 1096 ? 'X-RAY DIFFRACTION' 
r_long_range_B_refined       6.924  19.727 ? 1895 ? 'X-RAY DIFFRACTION' 
r_long_range_B_other         6.620  18.408 ? 1769 ? 'X-RAY DIFFRACTION' 
r_rigid_bond_restr           ?      ?      ? ?    ? 'X-RAY DIFFRACTION' 
r_sphericity_free            ?      ?      ? ?    ? 'X-RAY DIFFRACTION' 
r_sphericity_bonded          ?      ?      ? ?    ? 'X-RAY DIFFRACTION' 
# 
_refine_ls_shell.pdbx_refine_id                   'X-RAY DIFFRACTION' 
_refine_ls_shell.pdbx_total_number_of_bins_used   20 
_refine_ls_shell.d_res_high                       1.500 
_refine_ls_shell.d_res_low                        1.538 
_refine_ls_shell.number_reflns_R_work             2117 
_refine_ls_shell.R_factor_R_work                  0.273 
_refine_ls_shell.percent_reflns_obs               99.29 
_refine_ls_shell.R_factor_R_free                  0.290 
_refine_ls_shell.R_factor_R_free_error            ? 
_refine_ls_shell.percent_reflns_R_free            ? 
_refine_ls_shell.number_reflns_R_free             113 
_refine_ls_shell.number_reflns_all                ? 
_refine_ls_shell.R_factor_all                     ? 
_refine_ls_shell.number_reflns_obs                ? 
_refine_ls_shell.redundancy_reflns_obs            ? 
# 
_struct.entry_id                  4QAJ 
_struct.title                     
'Crystal structure of Peptidyl-tRNA hydrolase from Pseudomonas aeruginosa at 1.5 Angstrom resolution' 
_struct.pdbx_model_details        ? 
_struct.pdbx_CASP_flag            ? 
_struct.pdbx_model_type_details   ? 
# 
_struct_keywords.entry_id        4QAJ 
_struct_keywords.pdbx_keywords   HYDROLASE 
_struct_keywords.text            'Pth, hydrolase' 
# 
loop_
_struct_asym.id 
_struct_asym.pdbx_blank_PDB_chainid_flag 
_struct_asym.pdbx_modified 
_struct_asym.entity_id 
_struct_asym.details 
A N N 1 ? 
B N N 2 ? 
# 
_struct_biol.id        1 
_struct_biol.details   ? 
# 
loop_
_struct_conf.conf_type_id 
_struct_conf.id 
_struct_conf.pdbx_PDB_helix_id 
_struct_conf.beg_label_comp_id 
_struct_conf.beg_label_asym_id 
_struct_conf.beg_label_seq_id 
_struct_conf.pdbx_beg_PDB_ins_code 
_struct_conf.end_label_comp_id 
_struct_conf.end_label_asym_id 
_struct_conf.end_label_seq_id 
_struct_conf.pdbx_end_PDB_ins_code 
_struct_conf.beg_auth_comp_id 
_struct_conf.beg_auth_asym_id 
_struct_conf.beg_auth_seq_id 
_struct_conf.end_auth_comp_id 
_struct_conf.end_auth_asym_id 
_struct_conf.end_auth_seq_id 
_struct_conf.pdbx_PDB_helix_class 
_struct_conf.details 
_struct_conf.pdbx_PDB_helix_length 
HELX_P HELX_P1  1  GLY A 14  ? ASP A 18  ? GLY A 14  ASP A 18  5 ? 5  
HELX_P HELX_P2  2  THR A 20  ? HIS A 22  ? THR A 20  HIS A 22  5 ? 3  
HELX_P HELX_P3  3  ASN A 23  ? GLN A 36  ? ASN A 23  GLN A 36  1 ? 14 
HELX_P HELX_P4  4  ARG A 44  ? TYR A 46  ? ARG A 44  TYR A 46  5 ? 3  
HELX_P HELX_P5  5  TYR A 68  ? ASN A 70  ? TYR A 68  ASN A 70  5 ? 3  
HELX_P HELX_P6  6  ARG A 71  ? ARG A 84  ? ARG A 71  ARG A 84  1 ? 14 
HELX_P HELX_P7  7  ALA A 86  ? ASP A 88  ? ALA A 86  ASP A 88  5 ? 3  
HELX_P HELX_P8  8  HIS A 115 ? LEU A 125 ? HIS A 115 LEU A 125 1 ? 11 
HELX_P HELX_P9  9  HIS A 143 ? SER A 145 ? HIS A 143 SER A 145 5 ? 3  
HELX_P HELX_P10 10 LEU A 146 ? LEU A 152 ? LEU A 146 LEU A 152 1 ? 7  
HELX_P HELX_P11 11 PRO A 156 ? VAL A 173 ? PRO A 156 VAL A 173 1 ? 18 
HELX_P HELX_P12 12 VAL A 173 ? GLY A 180 ? VAL A 173 GLY A 180 1 ? 8  
HELX_P HELX_P13 13 ASP A 181 ? SER A 191 ? ASP A 181 SER A 191 1 ? 11 
# 
_struct_conf_type.id          HELX_P 
_struct_conf_type.criteria    ? 
_struct_conf_type.reference   ? 
# 
_struct_sheet.id               A 
_struct_sheet.type             ? 
_struct_sheet.number_strands   7 
_struct_sheet.details          ? 
# 
loop_
_struct_sheet_order.sheet_id 
_struct_sheet_order.range_id_1 
_struct_sheet_order.range_id_2 
_struct_sheet_order.offset 
_struct_sheet_order.sense 
A 1 2 ? anti-parallel 
A 2 3 ? anti-parallel 
A 3 4 ? parallel      
A 4 5 ? parallel      
A 5 6 ? parallel      
A 6 7 ? anti-parallel 
# 
loop_
_struct_sheet_range.sheet_id 
_struct_sheet_range.id 
_struct_sheet_range.beg_label_comp_id 
_struct_sheet_range.beg_label_asym_id 
_struct_sheet_range.beg_label_seq_id 
_struct_sheet_range.pdbx_beg_PDB_ins_code 
_struct_sheet_range.end_label_comp_id 
_struct_sheet_range.end_label_asym_id 
_struct_sheet_range.end_label_seq_id 
_struct_sheet_range.pdbx_end_PDB_ins_code 
_struct_sheet_range.beg_auth_comp_id 
_struct_sheet_range.beg_auth_asym_id 
_struct_sheet_range.beg_auth_seq_id 
_struct_sheet_range.end_auth_comp_id 
_struct_sheet_range.end_auth_asym_id 
_struct_sheet_range.end_auth_seq_id 
A 1 VAL A 41  ? ASP A 43  ? VAL A 41  ASP A 43  
A 2 GLY A 48  ? HIS A 55  ? GLY A 48  HIS A 55  
A 3 LYS A 58  ? PRO A 65  ? LYS A 58  PRO A 65  
A 4 LEU A 6   ? GLY A 9   ? LEU A 6   GLY A 9   
A 5 ILE A 90  ? GLU A 96  ? ILE A 90  GLU A 96  
A 6 HIS A 132 ? GLY A 137 ? HIS A 132 GLY A 137 
A 7 ALA A 104 ? THR A 108 ? ALA A 104 THR A 108 
# 
loop_
_pdbx_struct_sheet_hbond.sheet_id 
_pdbx_struct_sheet_hbond.range_id_1 
_pdbx_struct_sheet_hbond.range_id_2 
_pdbx_struct_sheet_hbond.range_1_label_atom_id 
_pdbx_struct_sheet_hbond.range_1_label_comp_id 
_pdbx_struct_sheet_hbond.range_1_label_asym_id 
_pdbx_struct_sheet_hbond.range_1_label_seq_id 
_pdbx_struct_sheet_hbond.range_1_PDB_ins_code 
_pdbx_struct_sheet_hbond.range_1_auth_atom_id 
_pdbx_struct_sheet_hbond.range_1_auth_comp_id 
_pdbx_struct_sheet_hbond.range_1_auth_asym_id 
_pdbx_struct_sheet_hbond.range_1_auth_seq_id 
_pdbx_struct_sheet_hbond.range_2_label_atom_id 
_pdbx_struct_sheet_hbond.range_2_label_comp_id 
_pdbx_struct_sheet_hbond.range_2_label_asym_id 
_pdbx_struct_sheet_hbond.range_2_label_seq_id 
_pdbx_struct_sheet_hbond.range_2_PDB_ins_code 
_pdbx_struct_sheet_hbond.range_2_auth_atom_id 
_pdbx_struct_sheet_hbond.range_2_auth_comp_id 
_pdbx_struct_sheet_hbond.range_2_auth_asym_id 
_pdbx_struct_sheet_hbond.range_2_auth_seq_id 
A 1 2 N VAL A 41  ? N VAL A 41  O VAL A 50  ? O VAL A 50  
A 2 3 N PHE A 53  ? N PHE A 53  O VAL A 60  ? O VAL A 60  
A 3 4 O LEU A 63  ? O LEU A 63  N GLY A 9   ? N GLY A 9   
A 4 5 N VAL A 8   ? N VAL A 8   O ALA A 93  ? O ALA A 93  
A 5 6 N HIS A 94  ? N HIS A 94  O LEU A 136 ? O LEU A 136 
A 6 7 O ARG A 135 ? O ARG A 135 N LYS A 105 ? N LYS A 105 
# 
_atom_sites.entry_id                    4QAJ 
_atom_sites.fract_transf_matrix[1][1]   0.00327162 
_atom_sites.fract_transf_matrix[1][2]   0.00633121 
_atom_sites.fract_transf_matrix[1][3]   0.01653991 
_atom_sites.fract_transf_matrix[2][1]   0.01685515 
_atom_sites.fract_transf_matrix[2][2]   0.00396600 
_atom_sites.fract_transf_matrix[2][3]   0.00495328 
_atom_sites.fract_transf_matrix[3][1]   -0.00078480 
_atom_sites.fract_transf_matrix[3][2]   0.00601895 
_atom_sites.fract_transf_matrix[3][3]   -0.00214872 
_atom_sites.fract_transf_vector[1]      0.279153 
_atom_sites.fract_transf_vector[2]      0.372963 
_atom_sites.fract_transf_vector[3]      0.034664 
# 
loop_
_atom_type.symbol 
C 
N 
O 
S 
# 
loop_
_atom_site.group_PDB 
_atom_site.id 
_atom_site.type_symbol 
_atom_site.label_atom_id 
_atom_site.label_alt_id 
_atom_site.label_comp_id 
_atom_site.label_asym_id 
_atom_site.label_entity_id 
_atom_site.label_seq_id 
_atom_site.pdbx_PDB_ins_code 
_atom_site.Cartn_x 
_atom_site.Cartn_y 
_atom_site.Cartn_z 
_atom_site.occupancy 
_atom_site.B_iso_or_equiv 
_atom_site.pdbx_formal_charge 
_atom_site.auth_seq_id 
_atom_site.auth_comp_id 
_atom_site.auth_asym_id 
_atom_site.auth_atom_id 
_atom_site.pdbx_PDB_model_num 
ATOM   1    N N   . MET A 1 1   ? 15.876  5.824   10.495  1.00 56.23 ? 1   MET A N   1 
ATOM   2    C CA  . MET A 1 1   ? 16.468  7.086   10.100  1.00 57.87 ? 1   MET A CA  1 
ATOM   3    C C   . MET A 1 1   ? 15.465  8.149   9.732   1.00 48.06 ? 1   MET A C   1 
ATOM   4    O O   . MET A 1 1   ? 15.482  9.202   10.277  1.00 45.65 ? 1   MET A O   1 
ATOM   5    C CB  . MET A 1 1   ? 17.412  6.894   8.945   1.00 66.76 ? 1   MET A CB  1 
ATOM   6    C CG  . MET A 1 1   ? 18.820  7.379   9.211   1.00 75.06 ? 1   MET A CG  1 
ATOM   7    S SD  . MET A 1 1   ? 19.042  9.140   8.934   1.00 88.55 ? 1   MET A SD  1 
ATOM   8    C CE  . MET A 1 1   ? 18.590  9.723   10.559  1.00 81.00 ? 1   MET A CE  1 
ATOM   9    N N   . THR A 1 2   ? 14.617  7.880   8.765   1.00 34.90 ? 2   THR A N   1 
ATOM   10   C CA  . THR A 1 2   ? 13.548  8.834   8.447   1.00 31.29 ? 2   THR A CA  1 
ATOM   11   C C   . THR A 1 2   ? 12.250  8.167   8.800   1.00 24.54 ? 2   THR A C   1 
ATOM   12   O O   . THR A 1 2   ? 11.921  7.157   8.184   1.00 25.44 ? 2   THR A O   1 
ATOM   13   C CB  . THR A 1 2   ? 13.513  9.159   6.948   1.00 34.32 ? 2   THR A CB  1 
ATOM   14   O OG1 . THR A 1 2   ? 14.778  9.735   6.588   1.00 38.83 ? 2   THR A OG1 1 
ATOM   15   C CG2 . THR A 1 2   ? 12.361  10.109  6.604   1.00 33.77 ? 2   THR A CG2 1 
ATOM   16   N N   . ALA A 1 3   ? 11.533  8.740   9.766   1.00 22.94 ? 3   ALA A N   1 
ATOM   17   C CA  . ALA A 1 3   ? 10.272  8.146   10.228  1.00 22.16 ? 3   ALA A CA  1 
ATOM   18   C C   . ALA A 1 3   ? 9.258   8.278   9.098   1.00 19.43 ? 3   ALA A C   1 
ATOM   19   O O   . ALA A 1 3   ? 9.267   9.230   8.327   1.00 21.13 ? 3   ALA A O   1 
ATOM   20   C CB  . ALA A 1 3   ? 9.785   8.876   11.431  1.00 23.56 ? 3   ALA A CB  1 
ATOM   21   N N   . VAL A 1 4   ? 8.417   7.256   9.011   1.00 19.88 ? 4   VAL A N   1 
ATOM   22   C CA  . VAL A 1 4   ? 7.300   7.264   8.038   1.00 18.88 ? 4   VAL A CA  1 
ATOM   23   C C   . VAL A 1 4   ? 6.247   8.235   8.518   1.00 18.98 ? 4   VAL A C   1 
ATOM   24   O O   . VAL A 1 4   ? 5.857   8.155   9.683   1.00 20.89 ? 4   VAL A O   1 
ATOM   25   C CB  . VAL A 1 4   ? 6.782   5.881   7.866   1.00 20.01 ? 4   VAL A CB  1 
ATOM   26   C CG1 . VAL A 1 4   ? 5.424   5.856   7.097   1.00 20.58 ? 4   VAL A CG1 1 
ATOM   27   C CG2 . VAL A 1 4   ? 7.813   5.026   7.166   1.00 22.23 ? 4   VAL A CG2 1 
ATOM   28   N N   . GLN A 1 5   ? 5.810   9.143   7.663   1.00 17.09 ? 5   GLN A N   1 
ATOM   29   C CA  . GLN A 1 5   ? 4.738   10.050  7.978   1.00 20.24 ? 5   GLN A CA  1 
ATOM   30   C C   . GLN A 1 5   ? 3.434   9.772   7.196   1.00 15.10 ? 5   GLN A C   1 
ATOM   31   O O   . GLN A 1 5   ? 2.449   10.353  7.500   1.00 16.09 ? 5   GLN A O   1 
ATOM   32   C CB  . GLN A 1 5   ? 5.144   11.515  7.746   1.00 26.99 ? 5   GLN A CB  1 
ATOM   33   C CG  . GLN A 1 5   ? 6.247   12.107  8.599   1.00 30.67 ? 5   GLN A CG  1 
ATOM   34   C CD  . GLN A 1 5   ? 6.779   13.414  7.997   1.00 32.86 ? 5   GLN A CD  1 
ATOM   35   O OE1 . GLN A 1 5   ? 6.131   14.427  8.057   1.00 39.99 ? 5   GLN A OE1 1 
ATOM   36   N NE2 . GLN A 1 5   ? 7.944   13.367  7.393   1.00 34.13 ? 5   GLN A NE2 1 
ATOM   37   N N   . LEU A 1 6   ? 3.490   8.918   6.184   1.00 15.66 ? 6   LEU A N   1 
ATOM   38   C CA  . LEU A 1 6   ? 2.325   8.646   5.338   1.00 13.90 ? 6   LEU A CA  1 
ATOM   39   C C   . LEU A 1 6   ? 2.412   7.244   4.851   1.00 14.18 ? 6   LEU A C   1 
ATOM   40   O O   . LEU A 1 6   ? 3.415   6.856   4.283   1.00 14.62 ? 6   LEU A O   1 
ATOM   41   C CB  . LEU A 1 6   ? 2.317   9.572   4.117   1.00 14.35 ? 6   LEU A CB  1 
ATOM   42   C CG  . LEU A 1 6   ? 1.187   9.373   3.125   1.00 15.69 ? 6   LEU A CG  1 
ATOM   43   C CD1 . LEU A 1 6   ? -0.140  9.471   3.844   1.00 16.67 ? 6   LEU A CD1 1 
ATOM   44   C CD2 . LEU A 1 6   ? 1.347   10.394  1.986   1.00 17.17 ? 6   LEU A CD2 1 
ATOM   45   N N   . ILE A 1 7   ? 1.352   6.446   5.051   1.00 13.45 ? 7   ILE A N   1 
ATOM   46   C CA  . ILE A 1 7   ? 1.210   5.108   4.540   1.00 12.87 ? 7   ILE A CA  1 
ATOM   47   C C   . ILE A 1 7   ? -0.025  5.089   3.641   1.00 13.21 ? 7   ILE A C   1 
ATOM   48   O O   . ILE A 1 7   ? -1.128  5.463   4.117   1.00 14.18 ? 7   ILE A O   1 
ATOM   49   C CB  . ILE A 1 7   ? 1.062   4.054   5.700   1.00 12.88 ? 7   ILE A CB  1 
ATOM   50   C CG1 . ILE A 1 7   ? 2.227   4.150   6.634   1.00 16.17 ? 7   ILE A CG1 1 
ATOM   51   C CG2 . ILE A 1 7   ? 0.880   2.659   5.166   1.00 13.11 ? 7   ILE A CG2 1 
ATOM   52   C CD1 . ILE A 1 7   ? 2.071   3.175   7.843   1.00 16.87 ? 7   ILE A CD1 1 
ATOM   53   N N   . VAL A 1 8   ? 0.161   4.730   2.388   1.00 13.85 ? 8   VAL A N   1 
ATOM   54   C CA  . VAL A 1 8   ? -0.860  4.758   1.382   1.00 13.11 ? 8   VAL A CA  1 
ATOM   55   C C   . VAL A 1 8   ? -1.233  3.351   1.043   1.00 13.00 ? 8   VAL A C   1 
ATOM   56   O O   . VAL A 1 8   ? -0.300  2.490   0.873   1.00 14.45 ? 8   VAL A O   1 
ATOM   57   C CB  . VAL A 1 8   ? -0.305  5.452   0.110   1.00 13.11 ? 8   VAL A CB  1 
ATOM   58   C CG1 . VAL A 1 8   ? -1.430  5.650   -0.886  1.00 14.01 ? 8   VAL A CG1 1 
ATOM   59   C CG2 . VAL A 1 8   ? 0.309   6.780   0.429   1.00 14.45 ? 8   VAL A CG2 1 
ATOM   60   N N   . GLY A 1 9   ? -2.502  3.032   0.895   1.00 13.02 ? 9   GLY A N   1 
ATOM   61   C CA  . GLY A 1 9   ? -2.931  1.748   0.445   1.00 13.19 ? 9   GLY A CA  1 
ATOM   62   C C   . GLY A 1 9   ? -3.703  1.831   -0.835  1.00 13.85 ? 9   GLY A C   1 
ATOM   63   O O   . GLY A 1 9   ? -4.784  2.391   -0.847  1.00 14.50 ? 9   GLY A O   1 
ATOM   64   N N   . LEU A 1 10  ? -3.181  1.227   -1.861  1.00 13.00 ? 10  LEU A N   1 
ATOM   65   C CA  . LEU A 1 10  ? -3.778  1.427   -3.180  1.00 13.66 ? 10  LEU A CA  1 
ATOM   66   C C   . LEU A 1 10  ? -4.908  0.499   -3.457  1.00 15.39 ? 10  LEU A C   1 
ATOM   67   O O   . LEU A 1 10  ? -4.940  -0.661  -3.099  1.00 14.37 ? 10  LEU A O   1 
ATOM   68   C CB  . LEU A 1 10  ? -2.728  1.242   -4.293  1.00 13.96 ? 10  LEU A CB  1 
ATOM   69   C CG  . LEU A 1 10  ? -1.539  2.219   -4.225  1.00 16.34 ? 10  LEU A CG  1 
ATOM   70   C CD1 . LEU A 1 10  ? -0.614  2.083   -5.421  1.00 16.14 ? 10  LEU A CD1 1 
ATOM   71   C CD2 . LEU A 1 10  ? -1.992  3.642   -4.085  1.00 17.44 ? 10  LEU A CD2 1 
ATOM   72   N N   . GLY A 1 11  ? -5.938  0.996   -4.152  1.00 17.23 ? 11  GLY A N   1 
ATOM   73   C CA  . GLY A 1 11  ? -7.031  0.210   -4.600  1.00 17.59 ? 11  GLY A CA  1 
ATOM   74   C C   . GLY A 1 11  ? -7.992  1.033   -5.454  1.00 19.38 ? 11  GLY A C   1 
ATOM   75   O O   . GLY A 1 11  ? -7.929  2.286   -5.447  1.00 22.69 ? 11  GLY A O   1 
ATOM   76   N N   . ASN A 1 12  ? -8.880  0.350   -6.104  1.00 17.84 ? 12  ASN A N   1 
ATOM   77   C CA  . ASN A 1 12  ? -9.997  1.030   -6.822  1.00 17.73 ? 12  ASN A CA  1 
ATOM   78   C C   . ASN A 1 12  ? -11.181 1.157   -5.894  1.00 19.78 ? 12  ASN A C   1 
ATOM   79   O O   . ASN A 1 12  ? -11.497 0.280   -5.129  1.00 19.54 ? 12  ASN A O   1 
ATOM   80   C CB  . ASN A 1 12  ? -10.359 0.159   -8.031  1.00 18.01 ? 12  ASN A CB  1 
ATOM   81   C CG  . ASN A 1 12  ? -9.438  0.343   -9.200  1.00 19.59 ? 12  ASN A CG  1 
ATOM   82   O OD1 . ASN A 1 12  ? -9.197  1.491   -9.711  1.00 20.17 ? 12  ASN A OD1 1 
ATOM   83   N ND2 . ASN A 1 12  ? -8.956  -0.751  -9.746  1.00 19.05 ? 12  ASN A ND2 1 
ATOM   84   N N   . PRO A 1 13  ? -11.970 2.233   -6.063  1.00 21.61 ? 13  PRO A N   1 
ATOM   85   C CA  . PRO A 1 13  ? -13.109 2.452   -5.220  1.00 20.71 ? 13  PRO A CA  1 
ATOM   86   C C   . PRO A 1 13  ? -14.344 1.715   -5.790  1.00 21.94 ? 13  PRO A C   1 
ATOM   87   O O   . PRO A 1 13  ? -14.386 1.424   -6.979  1.00 23.83 ? 13  PRO A O   1 
ATOM   88   C CB  . PRO A 1 13  ? -13.307 4.004   -5.353  1.00 22.26 ? 13  PRO A CB  1 
ATOM   89   C CG  . PRO A 1 13  ? -12.714 4.386   -6.572  1.00 22.86 ? 13  PRO A CG  1 
ATOM   90   C CD  . PRO A 1 13  ? -11.533 3.433   -6.773  1.00 23.39 ? 13  PRO A CD  1 
ATOM   91   N N   . GLY A 1 14  ? -15.255 1.482   -4.860  1.00 21.93 ? 14  GLY A N   1 
ATOM   92   C CA  . GLY A 1 14  ? -16.622 1.097   -5.152  1.00 26.44 ? 14  GLY A CA  1 
ATOM   93   C C   . GLY A 1 14  ? -16.838 -0.385  -5.191  1.00 28.18 ? 14  GLY A C   1 
ATOM   94   O O   . GLY A 1 14  ? -15.875 -1.147  -5.193  1.00 24.18 ? 14  GLY A O   1 
ATOM   95   N N   . PRO A 1 15  ? -18.106 -0.803  -5.191  1.00 21.59 ? 15  PRO A N   1 
ATOM   96   C CA  . PRO A 1 15  ? -18.422 -2.158  -4.884  1.00 22.48 ? 15  PRO A CA  1 
ATOM   97   C C   . PRO A 1 15  ? -17.833 -3.168  -5.845  1.00 22.16 ? 15  PRO A C   1 
ATOM   98   O O   . PRO A 1 15  ? -17.427 -4.236  -5.345  1.00 25.78 ? 15  PRO A O   1 
ATOM   99   C CB  . PRO A 1 15  ? -19.971 -2.175  -4.872  1.00 23.61 ? 15  PRO A CB  1 
ATOM   100  C CG  . PRO A 1 15  ? -20.337 -0.727  -4.597  1.00 22.77 ? 15  PRO A CG  1 
ATOM   101  C CD  . PRO A 1 15  ? -19.313 0.047   -5.329  1.00 22.87 ? 15  PRO A CD  1 
ATOM   102  N N   . GLU A 1 16  ? -17.801 -2.900  -7.143  1.00 25.79 ? 16  GLU A N   1 
ATOM   103  C CA  . GLU A 1 16  ? -17.349 -3.883  -8.110  1.00 29.43 ? 16  GLU A CA  1 
ATOM   104  C C   . GLU A 1 16  ? -15.897 -4.229  -7.900  1.00 25.82 ? 16  GLU A C   1 
ATOM   105  O O   . GLU A 1 16  ? -15.447 -5.199  -8.364  1.00 26.94 ? 16  GLU A O   1 
ATOM   106  C CB  . GLU A 1 16  ? -17.434 -3.404  -9.531  1.00 36.10 ? 16  GLU A CB  1 
ATOM   107  C CG  . GLU A 1 16  ? -18.542 -2.496  -9.849  1.00 45.38 ? 16  GLU A CG  1 
ATOM   108  C CD  . GLU A 1 16  ? -18.169 -1.118  -9.487  1.00 40.54 ? 16  GLU A CD  1 
ATOM   109  O OE1 . GLU A 1 16  ? -17.720 -0.412  -10.393 1.00 51.76 ? 16  GLU A OE1 1 
ATOM   110  O OE2 . GLU A 1 16  ? -18.276 -0.793  -8.337  1.00 36.14 ? 16  GLU A OE2 1 
ATOM   111  N N   . TYR A 1 17  ? -15.152 -3.336  -7.309  1.00 20.52 ? 17  TYR A N   1 
ATOM   112  C CA  . TYR A 1 17  ? -13.699 -3.556  -7.145  1.00 19.29 ? 17  TYR A CA  1 
ATOM   113  C C   . TYR A 1 17  ? -13.299 -4.008  -5.756  1.00 19.91 ? 17  TYR A C   1 
ATOM   114  O O   . TYR A 1 17  ? -12.183 -4.372  -5.524  1.00 19.79 ? 17  TYR A O   1 
ATOM   115  C CB  . TYR A 1 17  ? -12.952 -2.269  -7.530  1.00 18.10 ? 17  TYR A CB  1 
ATOM   116  C CG  . TYR A 1 17  ? -13.130 -1.827  -8.983  1.00 19.09 ? 17  TYR A CG  1 
ATOM   117  C CD1 . TYR A 1 17  ? -12.312 -2.271  -9.990  1.00 19.91 ? 17  TYR A CD1 1 
ATOM   118  C CD2 . TYR A 1 17  ? -14.146 -0.901  -9.324  1.00 21.10 ? 17  TYR A CD2 1 
ATOM   119  C CE1 . TYR A 1 17  ? -12.429 -1.852  -11.298 1.00 21.65 ? 17  TYR A CE1 1 
ATOM   120  C CE2 . TYR A 1 17  ? -14.308 -0.530  -10.614 1.00 22.66 ? 17  TYR A CE2 1 
ATOM   121  C CZ  . TYR A 1 17  ? -13.481 -1.000  -11.589 1.00 22.66 ? 17  TYR A CZ  1 
ATOM   122  O OH  . TYR A 1 17  ? -13.617 -0.586  -12.912 1.00 25.39 ? 17  TYR A OH  1 
ATOM   123  N N   . ASP A 1 18  ? -14.191 -3.946  -4.798  1.00 21.86 ? 18  ASP A N   1 
ATOM   124  C CA  . ASP A 1 18  ? -13.893 -4.258  -3.446  1.00 25.01 ? 18  ASP A CA  1 
ATOM   125  C C   . ASP A 1 18  ? -13.524 -5.759  -3.316  1.00 26.16 ? 18  ASP A C   1 
ATOM   126  O O   . ASP A 1 18  ? -14.096 -6.602  -3.927  1.00 25.08 ? 18  ASP A O   1 
ATOM   127  C CB  . ASP A 1 18  ? -15.096 -3.954  -2.557  1.00 27.67 ? 18  ASP A CB  1 
ATOM   128  C CG  . ASP A 1 18  ? -14.749 -4.028  -1.053  1.00 26.22 ? 18  ASP A CG  1 
ATOM   129  O OD1 . ASP A 1 18  ? -13.757 -3.412  -0.598  1.00 32.73 ? 18  ASP A OD1 1 
ATOM   130  O OD2 . ASP A 1 18  ? -15.489 -4.653  -0.303  1.00 36.22 ? 18  ASP A OD2 1 
ATOM   131  N N   . GLN A 1 19  ? -12.543 -6.049  -2.509  1.00 29.42 ? 19  GLN A N   1 
ATOM   132  C CA  . GLN A 1 19  ? -12.086 -7.447  -2.357  1.00 26.67 ? 19  GLN A CA  1 
ATOM   133  C C   . GLN A 1 19  ? -11.366 -8.015  -3.582  1.00 24.01 ? 19  GLN A C   1 
ATOM   134  O O   . GLN A 1 19  ? -11.020 -9.208  -3.571  1.00 22.94 ? 19  GLN A O   1 
ATOM   135  C CB  . GLN A 1 19  ? -13.189 -8.431  -1.884  1.00 33.51 ? 19  GLN A CB  1 
ATOM   136  C CG  . GLN A 1 19  ? -14.080 -7.911  -0.754  1.00 39.52 ? 19  GLN A CG  1 
ATOM   137  C CD  . GLN A 1 19  ? -13.343 -7.629  0.537   1.00 46.89 ? 19  GLN A CD  1 
ATOM   138  O OE1 . GLN A 1 19  ? -12.951 -8.557  1.259   1.00 53.93 ? 19  GLN A OE1 1 
ATOM   139  N NE2 . GLN A 1 19  ? -13.176 -6.347  0.862   1.00 47.44 ? 19  GLN A NE2 1 
ATOM   140  N N   . THR A 1 20  ? -11.169 -7.222  -4.639  1.00 19.72 ? 20  THR A N   1 
ATOM   141  C CA  . THR A 1 20  ? -10.343 -7.646  -5.787  1.00 17.58 ? 20  THR A CA  1 
ATOM   142  C C   . THR A 1 20  ? -8.846  -7.627  -5.438  1.00 14.52 ? 20  THR A C   1 
ATOM   143  O O   . THR A 1 20  ? -8.401  -6.960  -4.522  1.00 16.54 ? 20  THR A O   1 
ATOM   144  C CB  . THR A 1 20  ? -10.637 -6.903  -7.117  1.00 17.18 ? 20  THR A CB  1 
ATOM   145  O OG1 . THR A 1 20  ? -10.306 -5.488  -6.931  1.00 18.21 ? 20  THR A OG1 1 
ATOM   146  C CG2 . THR A 1 20  ? -12.074 -7.054  -7.466  1.00 18.97 ? 20  THR A CG2 1 
ATOM   147  N N   . ARG A 1 21  ? -8.069  -8.367  -6.213  1.00 14.95 ? 21  ARG A N   1 
ATOM   148  C CA  . ARG A 1 21  ? -6.647  -8.474  -5.949  1.00 14.01 ? 21  ARG A CA  1 
ATOM   149  C C   . ARG A 1 21  ? -5.913  -7.121  -5.957  1.00 14.12 ? 21  ARG A C   1 
ATOM   150  O O   . ARG A 1 21  ? -5.014  -6.882  -5.184  1.00 14.86 ? 21  ARG A O   1 
ATOM   151  C CB  . ARG A 1 21  ? -6.013  -9.382  -6.989  1.00 15.67 ? 21  ARG A CB  1 
ATOM   152  C CG  . ARG A 1 21  ? -6.422  -10.865 -6.921  1.00 15.99 ? 21  ARG A CG  1 
ATOM   153  C CD  . ARG A 1 21  ? -5.686  -11.655 -7.962  1.00 17.44 ? 21  ARG A CD  1 
ATOM   154  N NE  . ARG A 1 21  ? -5.963  -13.087 -7.893  1.00 16.47 ? 21  ARG A NE  1 
ATOM   155  C CZ  . ARG A 1 21  ? -6.789  -13.747 -8.699  1.00 20.27 ? 21  ARG A CZ  1 
ATOM   156  N NH1 . ARG A 1 21  ? -7.513  -13.127 -9.648  1.00 19.97 ? 21  ARG A NH1 1 
ATOM   157  N NH2 . ARG A 1 21  ? -6.916  -15.068 -8.551  1.00 20.89 ? 21  ARG A NH2 1 
ATOM   158  N N   . HIS A 1 22  ? -6.328  -6.245  -6.914  1.00 15.67 ? 22  HIS A N   1 
ATOM   159  C CA  . HIS A 1 22  ? -5.716  -4.930  -7.061  1.00 14.86 ? 22  HIS A CA  1 
ATOM   160  C C   . HIS A 1 22  ? -5.959  -4.011  -5.878  1.00 14.81 ? 22  HIS A C   1 
ATOM   161  O O   . HIS A 1 22  ? -5.346  -2.951  -5.816  1.00 15.94 ? 22  HIS A O   1 
ATOM   162  C CB  . HIS A 1 22  ? -6.246  -4.283  -8.395  1.00 14.17 ? 22  HIS A CB  1 
ATOM   163  C CG  . HIS A 1 22  ? -5.299  -3.413  -9.152  1.00 14.89 ? 22  HIS A CG  1 
ATOM   164  N ND1 . HIS A 1 22  ? -3.963  -3.625  -9.272  1.00 15.66 ? 22  HIS A ND1 1 
ATOM   165  C CD2 . HIS A 1 22  ? -5.576  -2.397  -10.022 1.00 15.35 ? 22  HIS A CD2 1 
ATOM   166  C CE1 . HIS A 1 22  ? -3.423  -2.727  -10.077 1.00 17.02 ? 22  HIS A CE1 1 
ATOM   167  N NE2 . HIS A 1 22  ? -4.394  -1.981  -10.558 1.00 15.80 ? 22  HIS A NE2 1 
ATOM   168  N N   . ASN A 1 23  ? -6.800  -4.404  -4.937  1.00 13.71 ? 23  ASN A N   1 
ATOM   169  C CA  . ASN A 1 23  ? -7.055  -3.666  -3.740  1.00 14.02 ? 23  ASN A CA  1 
ATOM   170  C C   . ASN A 1 23  ? -6.259  -4.147  -2.470  1.00 13.24 ? 23  ASN A C   1 
ATOM   171  O O   . ASN A 1 23  ? -6.517  -3.753  -1.337  1.00 14.02 ? 23  ASN A O   1 
ATOM   172  C CB  . ASN A 1 23  ? -8.493  -3.582  -3.372  1.00 15.45 ? 23  ASN A CB  1 
ATOM   173  C CG  . ASN A 1 23  ? -9.246  -2.616  -4.275  1.00 16.95 ? 23  ASN A CG  1 
ATOM   174  O OD1 . ASN A 1 23  ? -8.847  -2.367  -5.423  1.00 18.26 ? 23  ASN A OD1 1 
ATOM   175  N ND2 . ASN A 1 23  ? -10.337 -2.097  -3.753  1.00 22.12 ? 23  ASN A ND2 1 
ATOM   176  N N   . ALA A 1 24  ? -5.250  -4.963  -2.747  1.00 13.76 ? 24  ALA A N   1 
ATOM   177  C CA  . ALA A 1 24  ? -4.444  -5.531  -1.680  1.00 13.26 ? 24  ALA A CA  1 
ATOM   178  C C   . ALA A 1 24  ? -3.834  -4.489  -0.754  1.00 13.52 ? 24  ALA A C   1 
ATOM   179  O O   . ALA A 1 24  ? -3.842  -4.582  0.472   1.00 14.57 ? 24  ALA A O   1 
ATOM   180  C CB  . ALA A 1 24  ? -3.389  -6.439  -2.222  1.00 13.93 ? 24  ALA A CB  1 
ATOM   181  N N   . GLY A 1 25  ? -3.316  -3.390  -1.304  1.00 12.49 ? 25  GLY A N   1 
ATOM   182  C CA  . GLY A 1 25  ? -2.696  -2.357  -0.525  1.00 13.02 ? 25  GLY A CA  1 
ATOM   183  C C   . GLY A 1 25  ? -3.719  -1.637  0.376   1.00 14.11 ? 25  GLY A C   1 
ATOM   184  O O   . GLY A 1 25  ? -3.487  -1.386  1.557   1.00 13.34 ? 25  GLY A O   1 
ATOM   185  N N   . ALA A 1 26  ? -4.895  -1.337  -0.168  1.00 13.34 ? 26  ALA A N   1 
ATOM   186  C CA  . ALA A 1 26  ? -5.931  -0.755  0.608   1.00 13.48 ? 26  ALA A CA  1 
ATOM   187  C C   . ALA A 1 26  ? -6.342  -1.654  1.777   1.00 14.01 ? 26  ALA A C   1 
ATOM   188  O O   . ALA A 1 26  ? -6.659  -1.160  2.855   1.00 14.85 ? 26  ALA A O   1 
ATOM   189  C CB  . ALA A 1 26  ? -7.124  -0.387  -0.243  1.00 13.37 ? 26  ALA A CB  1 
ATOM   190  N N   . LEU A 1 27  ? -6.397  -2.941  1.505   1.00 13.84 ? 27  LEU A N   1 
ATOM   191  C CA  . LEU A 1 27  ? -6.745  -3.894  2.570   1.00 14.58 ? 27  LEU A CA  1 
ATOM   192  C C   . LEU A 1 27  ? -5.724  -3.823  3.688   1.00 13.91 ? 27  LEU A C   1 
ATOM   193  O O   . LEU A 1 27  ? -6.079  -3.802  4.868   1.00 14.76 ? 27  LEU A O   1 
ATOM   194  C CB  . LEU A 1 27  ? -6.841  -5.302  2.001   1.00 15.10 ? 27  LEU A CB  1 
ATOM   195  C CG  . LEU A 1 27  ? -7.176  -6.385  3.037   1.00 16.33 ? 27  LEU A CG  1 
ATOM   196  C CD1 . LEU A 1 27  ? -8.532  -6.101  3.713   1.00 18.79 ? 27  LEU A CD1 1 
ATOM   197  C CD2 . LEU A 1 27  ? -7.184  -7.743  2.335   1.00 15.90 ? 27  LEU A CD2 1 
ATOM   198  N N   . PHE A 1 28  ? -4.470  -3.736  3.332   1.00 14.03 ? 28  PHE A N   1 
ATOM   199  C CA  . PHE A 1 28  ? -3.478  -3.608  4.368   1.00 13.21 ? 28  PHE A CA  1 
ATOM   200  C C   . PHE A 1 28  ? -3.707  -2.343  5.218   1.00 14.88 ? 28  PHE A C   1 
ATOM   201  O O   . PHE A 1 28  ? -3.640  -2.419  6.372   1.00 15.49 ? 28  PHE A O   1 
ATOM   202  C CB  . PHE A 1 28  ? -2.053  -3.588  3.743   1.00 13.76 ? 28  PHE A CB  1 
ATOM   203  C CG  . PHE A 1 28  ? -0.979  -3.165  4.687   1.00 14.67 ? 28  PHE A CG  1 
ATOM   204  C CD1 . PHE A 1 28  ? -0.403  -4.048  5.579   1.00 14.89 ? 28  PHE A CD1 1 
ATOM   205  C CD2 . PHE A 1 28  ? -0.567  -1.913  4.689   1.00 14.56 ? 28  PHE A CD2 1 
ATOM   206  C CE1 . PHE A 1 28  ? 0.556   -3.632  6.443   1.00 14.60 ? 28  PHE A CE1 1 
ATOM   207  C CE2 . PHE A 1 28  ? 0.369   -1.481  5.557   1.00 15.55 ? 28  PHE A CE2 1 
ATOM   208  C CZ  . PHE A 1 28  ? 0.932   -2.355  6.446   1.00 15.90 ? 28  PHE A CZ  1 
ATOM   209  N N   . VAL A 1 29  ? -3.974  -1.210  4.604   1.00 13.05 ? 29  VAL A N   1 
ATOM   210  C CA  . VAL A 1 29  ? -4.152  0.020   5.334   1.00 13.81 ? 29  VAL A CA  1 
ATOM   211  C C   . VAL A 1 29  ? -5.461  -0.082  6.166   1.00 13.90 ? 29  VAL A C   1 
ATOM   212  O O   . VAL A 1 29  ? -5.473  0.431   7.277   1.00 13.79 ? 29  VAL A O   1 
ATOM   213  C CB  . VAL A 1 29  ? -4.120  1.254   4.407   1.00 13.26 ? 29  VAL A CB  1 
ATOM   214  C CG1 . VAL A 1 29  ? -4.549  2.518   5.168   1.00 14.13 ? 29  VAL A CG1 1 
ATOM   215  C CG2 . VAL A 1 29  ? -2.696  1.436   3.900   1.00 14.53 ? 29  VAL A CG2 1 
ATOM   216  N N   . GLU A 1 30  ? -6.472  -0.704  5.628   1.00 14.78 ? 30  GLU A N   1 
ATOM   217  C CA  A GLU A 1 30  ? -7.689  -0.914  6.421   0.50 14.68 ? 30  GLU A CA  1 
ATOM   218  C CA  B GLU A 1 30  ? -7.693  -0.941  6.408   0.50 14.95 ? 30  GLU A CA  1 
ATOM   219  C C   . GLU A 1 30  ? -7.387  -1.749  7.664   1.00 15.39 ? 30  GLU A C   1 
ATOM   220  O O   . GLU A 1 30  ? -7.857  -1.416  8.731   1.00 16.34 ? 30  GLU A O   1 
ATOM   221  C CB  A GLU A 1 30  ? -8.814  -1.552  5.605   0.50 16.00 ? 30  GLU A CB  1 
ATOM   222  C CB  B GLU A 1 30  ? -8.734  -1.703  5.603   0.50 16.90 ? 30  GLU A CB  1 
ATOM   223  C CG  A GLU A 1 30  ? -10.129 -1.594  6.355   0.50 17.13 ? 30  GLU A CG  1 
ATOM   224  C CG  B GLU A 1 30  ? -9.503  -0.916  4.574   0.50 18.01 ? 30  GLU A CG  1 
ATOM   225  C CD  A GLU A 1 30  ? -11.249 -2.173  5.513   0.50 19.63 ? 30  GLU A CD  1 
ATOM   226  C CD  B GLU A 1 30  ? -10.728 -1.703  4.231   0.50 21.26 ? 30  GLU A CD  1 
ATOM   227  O OE1 A GLU A 1 30  ? -11.042 -2.469  4.330   0.50 23.41 ? 30  GLU A OE1 1 
ATOM   228  O OE1 B GLU A 1 30  ? -11.730 -1.468  4.896   0.50 20.65 ? 30  GLU A OE1 1 
ATOM   229  O OE2 A GLU A 1 30  ? -12.368 -2.341  6.064   0.50 24.62 ? 30  GLU A OE2 1 
ATOM   230  O OE2 B GLU A 1 30  ? -10.648 -2.674  3.438   0.50 24.35 ? 30  GLU A OE2 1 
ATOM   231  N N   . ARG A 1 31  ? -6.631  -2.850  7.496   1.00 14.94 ? 31  ARG A N   1 
ATOM   232  C CA  A ARG A 1 31  ? -6.266  -3.688  8.643   0.50 15.89 ? 31  ARG A CA  1 
ATOM   233  C CA  B ARG A 1 31  ? -6.314  -3.674  8.652   0.50 15.09 ? 31  ARG A CA  1 
ATOM   234  C C   . ARG A 1 31  ? -5.454  -2.894  9.658   1.00 16.58 ? 31  ARG A C   1 
ATOM   235  O O   . ARG A 1 31  ? -5.676  -3.004  10.889  1.00 16.14 ? 31  ARG A O   1 
ATOM   236  C CB  A ARG A 1 31  ? -5.446  -4.885  8.196   0.50 17.76 ? 31  ARG A CB  1 
ATOM   237  C CB  B ARG A 1 31  ? -5.651  -4.968  8.221   0.50 15.81 ? 31  ARG A CB  1 
ATOM   238  C CG  A ARG A 1 31  ? -6.203  -5.891  7.332   0.50 20.04 ? 31  ARG A CG  1 
ATOM   239  C CG  B ARG A 1 31  ? -6.555  -5.908  7.417   0.50 16.78 ? 31  ARG A CG  1 
ATOM   240  C CD  A ARG A 1 31  ? -6.552  -7.189  8.058   0.50 22.89 ? 31  ARG A CD  1 
ATOM   241  C CD  B ARG A 1 31  ? -7.672  -6.535  8.236   0.50 17.38 ? 31  ARG A CD  1 
ATOM   242  N NE  A ARG A 1 31  ? -7.643  -7.879  7.353   0.50 23.14 ? 31  ARG A NE  1 
ATOM   243  N NE  B ARG A 1 31  ? -8.169  -7.726  7.573   0.50 18.79 ? 31  ARG A NE  1 
ATOM   244  C CZ  A ARG A 1 31  ? -7.494  -8.715  6.322   0.50 20.25 ? 31  ARG A CZ  1 
ATOM   245  C CZ  B ARG A 1 31  ? -8.920  -8.679  8.100   0.50 19.66 ? 31  ARG A CZ  1 
ATOM   246  N NH1 A ARG A 1 31  ? -6.305  -9.051  5.843   0.50 14.89 ? 31  ARG A NH1 1 
ATOM   247  N NH1 B ARG A 1 31  ? -9.421  -8.655  9.334   0.50 19.45 ? 31  ARG A NH1 1 
ATOM   248  N NH2 A ARG A 1 31  ? -8.567  -9.224  5.775   0.50 20.93 ? 31  ARG A NH2 1 
ATOM   249  N NH2 B ARG A 1 31  ? -9.170  -9.700  7.321   0.50 21.11 ? 31  ARG A NH2 1 
ATOM   250  N N   . LEU A 1 32  ? -4.470  -2.125  9.175   1.00 14.32 ? 32  LEU A N   1 
ATOM   251  C CA  A LEU A 1 32  ? -3.653  -1.317  10.017  0.50 15.15 ? 32  LEU A CA  1 
ATOM   252  C CA  B LEU A 1 32  ? -3.641  -1.313  10.014  0.50 14.88 ? 32  LEU A CA  1 
ATOM   253  C C   . LEU A 1 32  ? -4.484  -0.314  10.816  1.00 15.43 ? 32  LEU A C   1 
ATOM   254  O O   . LEU A 1 32  ? -4.336  -0.188  12.020  1.00 15.13 ? 32  LEU A O   1 
ATOM   255  C CB  A LEU A 1 32  ? -2.627  -0.594  9.169   0.50 16.26 ? 32  LEU A CB  1 
ATOM   256  C CB  B LEU A 1 32  ? -2.584  -0.599  9.168   0.50 15.70 ? 32  LEU A CB  1 
ATOM   257  C CG  A LEU A 1 32  ? -1.463  0.057   9.883   0.50 16.90 ? 32  LEU A CG  1 
ATOM   258  C CG  B LEU A 1 32  ? -1.684  0.430   9.839   0.50 15.87 ? 32  LEU A CG  1 
ATOM   259  C CD1 A LEU A 1 32  ? -0.385  0.347   8.861   0.50 17.15 ? 32  LEU A CD1 1 
ATOM   260  C CD1 B LEU A 1 32  ? -0.967  -0.239  10.994  0.50 15.42 ? 32  LEU A CD1 1 
ATOM   261  C CD2 A LEU A 1 32  ? -1.872  1.305   10.664  0.50 17.68 ? 32  LEU A CD2 1 
ATOM   262  C CD2 B LEU A 1 32  ? -0.652  1.073   8.922   0.50 17.85 ? 32  LEU A CD2 1 
ATOM   263  N N   . ALA A 1 33  ? -5.355  0.406   10.121  1.00 14.96 ? 33  ALA A N   1 
ATOM   264  C CA  . ALA A 1 33  ? -6.171  1.424   10.731  1.00 15.38 ? 33  ALA A CA  1 
ATOM   265  C C   . ALA A 1 33  ? -7.040  0.768   11.814  1.00 16.20 ? 33  ALA A C   1 
ATOM   266  O O   . ALA A 1 33  ? -7.118  1.297   12.912  1.00 17.07 ? 33  ALA A O   1 
ATOM   267  C CB  . ALA A 1 33  ? -7.031  2.126   9.691   1.00 14.54 ? 33  ALA A CB  1 
ATOM   268  N N   . HIS A 1 34  ? -7.592  -0.388  11.558  1.00 16.60 ? 34  HIS A N   1 
ATOM   269  C CA  . HIS A 1 34  ? -8.485  -1.035  12.557  1.00 19.62 ? 34  HIS A CA  1 
ATOM   270  C C   . HIS A 1 34  ? -7.663  -1.449  13.754  1.00 19.43 ? 34  HIS A C   1 
ATOM   271  O O   . HIS A 1 34  ? -8.063  -1.215  14.912  1.00 21.24 ? 34  HIS A O   1 
ATOM   272  C CB  . HIS A 1 34  ? -9.261  -2.212  11.940  1.00 19.79 ? 34  HIS A CB  1 
ATOM   273  C CG  . HIS A 1 34  ? -10.340 -2.755  12.824  1.00 21.91 ? 34  HIS A CG  1 
ATOM   274  N ND1 . HIS A 1 34  ? -10.233 -3.930  13.540  1.00 27.54 ? 34  HIS A ND1 1 
ATOM   275  C CD2 . HIS A 1 34  ? -11.530 -2.208  13.151  1.00 25.38 ? 34  HIS A CD2 1 
ATOM   276  C CE1 . HIS A 1 34  ? -11.353 -4.106  14.217  1.00 23.25 ? 34  HIS A CE1 1 
ATOM   277  N NE2 . HIS A 1 34  ? -12.139 -3.070  14.027  1.00 27.70 ? 34  HIS A NE2 1 
ATOM   278  N N   . ALA A 1 35  ? -6.502  -2.000  13.526  1.00 18.00 ? 35  ALA A N   1 
ATOM   279  C CA  . ALA A 1 35  ? -5.645  -2.436  14.619  1.00 18.43 ? 35  ALA A CA  1 
ATOM   280  C C   . ALA A 1 35  ? -5.156  -1.270  15.503  1.00 21.87 ? 35  ALA A C   1 
ATOM   281  O O   . ALA A 1 35  ? -4.940  -1.451  16.717  1.00 23.24 ? 35  ALA A O   1 
ATOM   282  C CB  . ALA A 1 35  ? -4.486  -3.222  14.131  1.00 19.68 ? 35  ALA A CB  1 
ATOM   283  N N   . GLN A 1 36  ? -4.945  -0.115  14.913  1.00 19.02 ? 36  GLN A N   1 
ATOM   284  C CA  . GLN A 1 36  ? -4.471  1.089   15.640  1.00 20.36 ? 36  GLN A CA  1 
ATOM   285  C C   . GLN A 1 36  ? -5.598  1.985   16.155  1.00 22.24 ? 36  GLN A C   1 
ATOM   286  O O   . GLN A 1 36  ? -5.302  3.069   16.718  1.00 21.78 ? 36  GLN A O   1 
ATOM   287  C CB  . GLN A 1 36  ? -3.547  1.880   14.735  1.00 24.05 ? 36  GLN A CB  1 
ATOM   288  C CG  . GLN A 1 36  ? -2.272  1.152   14.273  1.00 29.16 ? 36  GLN A CG  1 
ATOM   289  C CD  . GLN A 1 36  ? -1.359  0.793   15.398  1.00 30.31 ? 36  GLN A CD  1 
ATOM   290  O OE1 . GLN A 1 36  ? -0.935  1.688   16.152  1.00 39.20 ? 36  GLN A OE1 1 
ATOM   291  N NE2 . GLN A 1 36  ? -1.134  -0.509  15.600  1.00 35.75 ? 36  GLN A NE2 1 
ATOM   292  N N   . GLY A 1 37  ? -6.839  1.588   15.899  1.00 20.62 ? 37  GLY A N   1 
ATOM   293  C CA  . GLY A 1 37  ? -8.022  2.350   16.323  1.00 21.55 ? 37  GLY A CA  1 
ATOM   294  C C   . GLY A 1 37  ? -8.139  3.697   15.647  1.00 21.61 ? 37  GLY A C   1 
ATOM   295  O O   . GLY A 1 37  ? -8.634  4.675   16.208  1.00 26.37 ? 37  GLY A O   1 
ATOM   296  N N   . VAL A 1 38  ? -7.711  3.737   14.410  1.00 18.32 ? 38  VAL A N   1 
ATOM   297  C CA  . VAL A 1 38  ? -7.783  4.927   13.569  1.00 17.88 ? 38  VAL A CA  1 
ATOM   298  C C   . VAL A 1 38  ? -8.977  4.950   12.624  1.00 17.96 ? 38  VAL A C   1 
ATOM   299  O O   . VAL A 1 38  ? -9.238  3.955   11.909  1.00 19.10 ? 38  VAL A O   1 
ATOM   300  C CB  . VAL A 1 38  ? -6.483  5.014   12.678  1.00 18.66 ? 38  VAL A CB  1 
ATOM   301  C CG1 . VAL A 1 38  ? -6.540  6.221   11.735  1.00 21.19 ? 38  VAL A CG1 1 
ATOM   302  C CG2 . VAL A 1 38  ? -5.246  5.074   13.545  1.00 22.94 ? 38  VAL A CG2 1 
ATOM   303  N N   . SER A 1 39  ? -9.724  6.043   12.653  1.00 17.47 ? 39  SER A N   1 
ATOM   304  C CA  . SER A 1 39  ? -10.831 6.255   11.790  1.00 18.33 ? 39  SER A CA  1 
ATOM   305  C C   . SER A 1 39  ? -10.335 6.782   10.453  1.00 18.76 ? 39  SER A C   1 
ATOM   306  O O   . SER A 1 39  ? -9.463  7.645   10.417  1.00 20.60 ? 39  SER A O   1 
ATOM   307  C CB  . SER A 1 39  ? -11.798 7.306   12.354  1.00 22.31 ? 39  SER A CB  1 
ATOM   308  O OG  . SER A 1 39  ? -12.459 6.743   13.475  1.00 24.47 ? 39  SER A OG  1 
ATOM   309  N N   . LEU A 1 40  ? -10.858 6.262   9.366   1.00 15.88 ? 40  LEU A N   1 
ATOM   310  C CA  . LEU A 1 40  ? -10.512 6.748   8.041   1.00 15.68 ? 40  LEU A CA  1 
ATOM   311  C C   . LEU A 1 40  ? -11.650 7.652   7.573   1.00 17.46 ? 40  LEU A C   1 
ATOM   312  O O   . LEU A 1 40  ? -12.725 7.169   7.238   1.00 18.49 ? 40  LEU A O   1 
ATOM   313  C CB  . LEU A 1 40  ? -10.355 5.611   7.055   1.00 16.17 ? 40  LEU A CB  1 
ATOM   314  C CG  . LEU A 1 40  ? -9.190  4.671   7.410   1.00 17.03 ? 40  LEU A CG  1 
ATOM   315  C CD1 . LEU A 1 40  ? -9.171  3.468   6.514   1.00 20.48 ? 40  LEU A CD1 1 
ATOM   316  C CD2 . LEU A 1 40  ? -7.865  5.398   7.289   1.00 19.55 ? 40  LEU A CD2 1 
ATOM   317  N N   . VAL A 1 41  ? -11.324 8.936   7.394   1.00 15.69 ? 41  VAL A N   1 
ATOM   318  C CA  . VAL A 1 41  ? -12.338 9.960   7.136   1.00 16.92 ? 41  VAL A CA  1 
ATOM   319  C C   . VAL A 1 41  ? -12.325 10.290  5.655   1.00 16.45 ? 41  VAL A C   1 
ATOM   320  O O   . VAL A 1 41  ? -11.267 10.470  5.049   1.00 16.22 ? 41  VAL A O   1 
ATOM   321  C CB  . VAL A 1 41  ? -11.977 11.208  7.891   1.00 18.40 ? 41  VAL A CB  1 
ATOM   322  C CG1 . VAL A 1 41  ? -12.888 12.387  7.476   1.00 19.94 ? 41  VAL A CG1 1 
ATOM   323  C CG2 . VAL A 1 41  ? -12.044 10.998  9.370   1.00 19.46 ? 41  VAL A CG2 1 
ATOM   324  N N   . ALA A 1 42  ? -13.487 10.370  5.017   1.00 16.56 ? 42  ALA A N   1 
ATOM   325  C CA  . ALA A 1 42  ? -13.605 10.706  3.620   1.00 17.47 ? 42  ALA A CA  1 
ATOM   326  C C   . ALA A 1 42  ? -13.369 12.190  3.473   1.00 18.96 ? 42  ALA A C   1 
ATOM   327  O O   . ALA A 1 42  ? -14.045 13.000  4.085   1.00 19.80 ? 42  ALA A O   1 
ATOM   328  C CB  . ALA A 1 42  ? -15.012 10.337  3.134   1.00 19.32 ? 42  ALA A CB  1 
ATOM   329  N N   . ASP A 1 43  ? -12.325 12.589  2.761   1.00 16.87 ? 43  ASP A N   1 
ATOM   330  C CA  . ASP A 1 43  ? -11.932 13.997  2.711   1.00 18.69 ? 43  ASP A CA  1 
ATOM   331  C C   . ASP A 1 43  ? -11.635 14.325  1.250   1.00 18.30 ? 43  ASP A C   1 
ATOM   332  O O   . ASP A 1 43  ? -10.626 13.897  0.629   1.00 17.70 ? 43  ASP A O   1 
ATOM   333  C CB  . ASP A 1 43  ? -10.728 14.274  3.597   1.00 18.52 ? 43  ASP A CB  1 
ATOM   334  C CG  . ASP A 1 43  ? -10.424 15.783  3.764   1.00 22.45 ? 43  ASP A CG  1 
ATOM   335  O OD1 . ASP A 1 43  ? -10.890 16.545  2.910   1.00 22.76 ? 43  ASP A OD1 1 
ATOM   336  O OD2 . ASP A 1 43  ? -9.737  16.095  4.727   1.00 23.03 ? 43  ASP A OD2 1 
ATOM   337  N N   . ARG A 1 44  ? -12.553 15.059  0.642   1.00 21.09 ? 44  ARG A N   1 
ATOM   338  C CA  . ARG A 1 44  ? -12.444 15.359  -0.764  1.00 21.39 ? 44  ARG A CA  1 
ATOM   339  C C   . ARG A 1 44  ? -11.172 16.141  -1.069  1.00 19.75 ? 44  ARG A C   1 
ATOM   340  O O   . ARG A 1 44  ? -10.688 16.093  -2.183  1.00 20.10 ? 44  ARG A O   1 
ATOM   341  C CB  . ARG A 1 44  ? -13.588 16.266  -1.219  1.00 25.01 ? 44  ARG A CB  1 
ATOM   342  C CG  . ARG A 1 44  ? -14.829 15.512  -1.465  1.00 28.00 ? 44  ARG A CG  1 
ATOM   343  C CD  . ARG A 1 44  ? -15.722 16.423  -2.287  1.00 32.11 ? 44  ARG A CD  1 
ATOM   344  N NE  . ARG A 1 44  ? -16.949 15.743  -2.527  1.00 31.11 ? 44  ARG A NE  1 
ATOM   345  C CZ  . ARG A 1 44  ? -17.204 15.010  -3.585  1.00 30.22 ? 44  ARG A CZ  1 
ATOM   346  N NH1 . ARG A 1 44  ? -16.288 14.841  -4.542  1.00 29.60 ? 44  ARG A NH1 1 
ATOM   347  N NH2 . ARG A 1 44  ? -18.361 14.410  -3.647  1.00 30.30 ? 44  ARG A NH2 1 
ATOM   348  N N   . LYS A 1 45  ? -10.672 16.865  -0.113  1.00 18.80 ? 45  LYS A N   1 
ATOM   349  C CA  . LYS A 1 45  ? -9.480  17.633  -0.334  1.00 20.60 ? 45  LYS A CA  1 
ATOM   350  C C   . LYS A 1 45  ? -8.294  16.791  -0.692  1.00 20.57 ? 45  LYS A C   1 
ATOM   351  O O   . LYS A 1 45  ? -7.410  17.245  -1.342  1.00 20.25 ? 45  LYS A O   1 
ATOM   352  C CB  . LYS A 1 45  ? -9.154  18.485  0.852   1.00 25.91 ? 45  LYS A CB  1 
ATOM   353  C CG  . LYS A 1 45  ? -10.232 19.526  1.040   1.00 34.19 ? 45  LYS A CG  1 
ATOM   354  C CD  . LYS A 1 45  ? -10.141 20.342  2.310   1.00 40.91 ? 45  LYS A CD  1 
ATOM   355  C CE  . LYS A 1 45  ? -8.758  20.430  2.896   1.00 49.65 ? 45  LYS A CE  1 
ATOM   356  N NZ  . LYS A 1 45  ? -8.115  19.184  3.336   1.00 49.78 ? 45  LYS A NZ  1 
ATOM   357  N N   . TYR A 1 46  ? -8.298  15.548  -0.207  1.00 18.05 ? 46  TYR A N   1 
ATOM   358  C CA  . TYR A 1 46  ? -7.190  14.635  -0.491  1.00 16.01 ? 46  TYR A CA  1 
ATOM   359  C C   . TYR A 1 46  ? -7.578  13.490  -1.415  1.00 15.23 ? 46  TYR A C   1 
ATOM   360  O O   . TYR A 1 46  ? -6.822  12.514  -1.596  1.00 15.75 ? 46  TYR A O   1 
ATOM   361  C CB  . TYR A 1 46  ? -6.601  14.113  0.808   1.00 16.91 ? 46  TYR A CB  1 
ATOM   362  C CG  . TYR A 1 46  ? -6.234  15.228  1.738   1.00 18.83 ? 46  TYR A CG  1 
ATOM   363  C CD1 . TYR A 1 46  ? -5.301  16.169  1.320   1.00 20.06 ? 46  TYR A CD1 1 
ATOM   364  C CD2 . TYR A 1 46  ? -6.806  15.348  2.971   1.00 21.78 ? 46  TYR A CD2 1 
ATOM   365  C CE1 . TYR A 1 46  ? -4.973  17.238  2.135   1.00 22.81 ? 46  TYR A CE1 1 
ATOM   366  C CE2 . TYR A 1 46  ? -6.456  16.400  3.829   1.00 25.39 ? 46  TYR A CE2 1 
ATOM   367  C CZ  . TYR A 1 46  ? -5.544  17.346  3.400   1.00 26.08 ? 46  TYR A CZ  1 
ATOM   368  O OH  . TYR A 1 46  ? -5.222  18.389  4.273   1.00 30.89 ? 46  TYR A OH  1 
ATOM   369  N N   . PHE A 1 47  ? -8.766  13.536  -1.998  1.00 15.42 ? 47  PHE A N   1 
ATOM   370  C CA  . PHE A 1 47  ? -9.210  12.570  -2.946  1.00 15.80 ? 47  PHE A CA  1 
ATOM   371  C C   . PHE A 1 47  ? -9.108  11.134  -2.376  1.00 13.28 ? 47  PHE A C   1 
ATOM   372  O O   . PHE A 1 47  ? -8.744  10.224  -3.091  1.00 15.17 ? 47  PHE A O   1 
ATOM   373  C CB  . PHE A 1 47  ? -8.473  12.653  -4.270  1.00 17.77 ? 47  PHE A CB  1 
ATOM   374  C CG  . PHE A 1 47  ? -8.438  14.009  -4.865  1.00 20.69 ? 47  PHE A CG  1 
ATOM   375  C CD1 . PHE A 1 47  ? -9.534  14.502  -5.529  1.00 23.82 ? 47  PHE A CD1 1 
ATOM   376  C CD2 . PHE A 1 47  ? -7.313  14.780  -4.745  1.00 20.46 ? 47  PHE A CD2 1 
ATOM   377  C CE1 . PHE A 1 47  ? -9.497  15.784  -6.099  1.00 27.11 ? 47  PHE A CE1 1 
ATOM   378  C CE2 . PHE A 1 47  ? -7.240  16.017  -5.366  1.00 22.02 ? 47  PHE A CE2 1 
ATOM   379  C CZ  . PHE A 1 47  ? -8.354  16.522  -5.985  1.00 23.33 ? 47  PHE A CZ  1 
ATOM   380  N N   . GLY A 1 48  ? -9.528  11.012  -1.136  1.00 15.18 ? 48  GLY A N   1 
ATOM   381  C CA  . GLY A 1 48  ? -9.455  9.707   -0.490  1.00 14.96 ? 48  GLY A CA  1 
ATOM   382  C C   . GLY A 1 48  ? -9.936  9.647   0.890   1.00 15.25 ? 48  GLY A C   1 
ATOM   383  O O   . GLY A 1 48  ? -10.555 10.591  1.416   1.00 16.24 ? 48  GLY A O   1 
ATOM   384  N N   . LEU A 1 49  ? -9.621  8.556   1.578   1.00 14.37 ? 49  LEU A N   1 
ATOM   385  C CA  . LEU A 1 49  ? -9.904  8.338   2.965   1.00 14.33 ? 49  LEU A CA  1 
ATOM   386  C C   . LEU A 1 49  ? -8.628  8.542   3.743   1.00 14.13 ? 49  LEU A C   1 
ATOM   387  O O   . LEU A 1 49  ? -7.596  7.962   3.395   1.00 14.84 ? 49  LEU A O   1 
ATOM   388  C CB  . LEU A 1 49  ? -10.381 6.890   3.198   1.00 14.56 ? 49  LEU A CB  1 
ATOM   389  C CG  . LEU A 1 49  ? -11.477 6.406   2.281   1.00 15.72 ? 49  LEU A CG  1 
ATOM   390  C CD1 . LEU A 1 49  ? -11.881 4.981   2.672   1.00 16.29 ? 49  LEU A CD1 1 
ATOM   391  C CD2 . LEU A 1 49  ? -12.705 7.265   2.374   1.00 17.82 ? 49  LEU A CD2 1 
ATOM   392  N N   . VAL A 1 50  ? -8.662  9.333   4.777   1.00 14.83 ? 50  VAL A N   1 
ATOM   393  C CA  . VAL A 1 50  ? -7.500  9.756   5.515   1.00 14.79 ? 50  VAL A CA  1 
ATOM   394  C C   . VAL A 1 50  ? -7.654  9.555   7.019   1.00 16.04 ? 50  VAL A C   1 
ATOM   395  O O   . VAL A 1 50  ? -8.627  9.954   7.645   1.00 15.67 ? 50  VAL A O   1 
ATOM   396  C CB  . VAL A 1 50  ? -7.177  11.251  5.234   1.00 16.51 ? 50  VAL A CB  1 
ATOM   397  C CG1 . VAL A 1 50  ? -5.991  11.641  6.016   1.00 17.47 ? 50  VAL A CG1 1 
ATOM   398  C CG2 . VAL A 1 50  ? -7.059  11.556  3.782   1.00 18.43 ? 50  VAL A CG2 1 
ATOM   399  N N   . GLY A 1 51  ? -6.650  8.987   7.601   1.00 16.27 ? 51  GLY A N   1 
ATOM   400  C CA  . GLY A 1 51  ? -6.598  8.809   9.006   1.00 17.74 ? 51  GLY A CA  1 
ATOM   401  C C   . GLY A 1 51  ? -5.309  9.265   9.611   1.00 16.97 ? 51  GLY A C   1 
ATOM   402  O O   . GLY A 1 51  ? -4.364  9.470   8.886   1.00 16.40 ? 51  GLY A O   1 
ATOM   403  N N   . LYS A 1 52  ? -5.277  9.465   10.906  1.00 18.24 ? 52  LYS A N   1 
ATOM   404  C CA  . LYS A 1 52  ? -4.072  10.015  11.547  1.00 20.75 ? 52  LYS A CA  1 
ATOM   405  C C   . LYS A 1 52  ? -3.893  9.426   12.925  1.00 22.68 ? 52  LYS A C   1 
ATOM   406  O O   . LYS A 1 52  ? -4.860  9.221   13.654  1.00 22.82 ? 52  LYS A O   1 
ATOM   407  C CB  . LYS A 1 52  ? -4.272  11.527  11.722  1.00 25.64 ? 52  LYS A CB  1 
ATOM   408  C CG  . LYS A 1 52  ? -3.117  12.318  12.298  1.00 29.56 ? 52  LYS A CG  1 
ATOM   409  C CD  . LYS A 1 52  ? -3.443  13.795  12.272  1.00 33.54 ? 52  LYS A CD  1 
ATOM   410  C CE  . LYS A 1 52  ? -4.362  14.160  13.402  1.00 33.22 ? 52  LYS A CE  1 
ATOM   411  N NZ  . LYS A 1 52  ? -4.591  15.633  13.319  1.00 38.47 ? 52  LYS A NZ  1 
ATOM   412  N N   . PHE A 1 53  ? -2.657  9.213   13.291  1.00 21.09 ? 53  PHE A N   1 
ATOM   413  C CA  . PHE A 1 53  ? -2.291  8.768   14.637  1.00 21.67 ? 53  PHE A CA  1 
ATOM   414  C C   . PHE A 1 53  ? -0.932  9.306   14.947  1.00 24.87 ? 53  PHE A C   1 
ATOM   415  O O   . PHE A 1 53  ? -0.303  9.901   14.087  1.00 25.85 ? 53  PHE A O   1 
ATOM   416  C CB  . PHE A 1 53  ? -2.373  7.273   14.854  1.00 21.18 ? 53  PHE A CB  1 
ATOM   417  C CG  . PHE A 1 53  ? -1.379  6.454   14.065  1.00 24.38 ? 53  PHE A CG  1 
ATOM   418  C CD1 . PHE A 1 53  ? -1.631  6.141   12.742  1.00 26.51 ? 53  PHE A CD1 1 
ATOM   419  C CD2 . PHE A 1 53  ? -0.280  5.905   14.669  1.00 25.61 ? 53  PHE A CD2 1 
ATOM   420  C CE1 . PHE A 1 53  ? -0.751  5.343   12.036  1.00 25.79 ? 53  PHE A CE1 1 
ATOM   421  C CE2 . PHE A 1 53  ? 0.620   5.143   13.983  1.00 26.18 ? 53  PHE A CE2 1 
ATOM   422  C CZ  . PHE A 1 53  ? 0.360   4.828   12.673  1.00 24.36 ? 53  PHE A CZ  1 
ATOM   423  N N   . SER A 1 54  ? -0.559  9.251   16.221  1.00 23.26 ? 54  SER A N   1 
ATOM   424  C CA  . SER A 1 54  ? 0.703   9.783   16.689  1.00 25.89 ? 54  SER A CA  1 
ATOM   425  C C   . SER A 1 54  ? 1.649   8.630   16.977  1.00 21.67 ? 54  SER A C   1 
ATOM   426  O O   . SER A 1 54  ? 1.273   7.624   17.513  1.00 24.85 ? 54  SER A O   1 
ATOM   427  C CB  . SER A 1 54  ? 0.457   10.593  17.962  1.00 28.81 ? 54  SER A CB  1 
ATOM   428  O OG  . SER A 1 54  ? 1.514   11.547  18.128  1.00 35.55 ? 54  SER A OG  1 
ATOM   429  N N   . HIS A 1 55  ? 2.886   8.787   16.575  1.00 20.72 ? 55  HIS A N   1 
ATOM   430  C CA  . HIS A 1 55  ? 3.920   7.824   16.918  1.00 20.62 ? 55  HIS A CA  1 
ATOM   431  C C   . HIS A 1 55  ? 5.194   8.586   17.180  1.00 23.27 ? 55  HIS A C   1 
ATOM   432  O O   . HIS A 1 55  ? 5.651   9.355   16.347  1.00 22.09 ? 55  HIS A O   1 
ATOM   433  C CB  . HIS A 1 55  ? 4.138   6.849   15.778  1.00 21.00 ? 55  HIS A CB  1 
ATOM   434  C CG  . HIS A 1 55  ? 5.110   5.790   16.113  1.00 21.53 ? 55  HIS A CG  1 
ATOM   435  N ND1 . HIS A 1 55  ? 4.837   4.815   17.046  1.00 22.33 ? 55  HIS A ND1 1 
ATOM   436  C CD2 . HIS A 1 55  ? 6.352   5.540   15.651  1.00 22.27 ? 55  HIS A CD2 1 
ATOM   437  C CE1 . HIS A 1 55  ? 5.855   3.985   17.118  1.00 20.52 ? 55  HIS A CE1 1 
ATOM   438  N NE2 . HIS A 1 55  ? 6.783   4.385   16.267  1.00 21.73 ? 55  HIS A NE2 1 
ATOM   439  N N   . GLN A 1 56  ? 5.766   8.425   18.370  1.00 21.41 ? 56  GLN A N   1 
ATOM   440  C CA  . GLN A 1 56  ? 7.054   9.042   18.721  1.00 23.14 ? 56  GLN A CA  1 
ATOM   441  C C   . GLN A 1 56  ? 7.009   10.552  18.531  1.00 20.01 ? 56  GLN A C   1 
ATOM   442  O O   . GLN A 1 56  ? 7.967   11.143  18.074  1.00 23.37 ? 56  GLN A O   1 
ATOM   443  C CB  . GLN A 1 56  ? 8.241   8.347   18.001  1.00 21.86 ? 56  GLN A CB  1 
ATOM   444  C CG  . GLN A 1 56  ? 8.476   6.939   18.536  1.00 22.42 ? 56  GLN A CG  1 
ATOM   445  C CD  . GLN A 1 56  ? 9.549   6.110   17.890  1.00 24.05 ? 56  GLN A CD  1 
ATOM   446  O OE1 . GLN A 1 56  ? 9.680   4.887   18.149  1.00 28.95 ? 56  GLN A OE1 1 
ATOM   447  N NE2 . GLN A 1 56  ? 10.352  6.761   17.089  1.00 24.94 ? 56  GLN A NE2 1 
ATOM   448  N N   . GLY A 1 57  ? 5.881   11.147  18.892  1.00 23.53 ? 57  GLY A N   1 
ATOM   449  C CA  . GLY A 1 57  ? 5.773   12.590  18.867  1.00 26.47 ? 57  GLY A CA  1 
ATOM   450  C C   . GLY A 1 57  ? 5.505   13.216  17.502  1.00 27.78 ? 57  GLY A C   1 
ATOM   451  O O   . GLY A 1 57  ? 5.482   14.434  17.413  1.00 31.17 ? 57  GLY A O   1 
ATOM   452  N N   . LYS A 1 58  ? 5.208   12.396  16.497  1.00 25.30 ? 58  LYS A N   1 
ATOM   453  C CA  . LYS A 1 58  ? 4.933   12.847  15.146  1.00 25.25 ? 58  LYS A CA  1 
ATOM   454  C C   . LYS A 1 58  ? 3.613   12.295  14.616  1.00 22.17 ? 58  LYS A C   1 
ATOM   455  O O   . LYS A 1 58  ? 3.244   11.230  14.936  1.00 21.84 ? 58  LYS A O   1 
ATOM   456  C CB  . LYS A 1 58  ? 6.039   12.393  14.230  1.00 30.23 ? 58  LYS A CB  1 
ATOM   457  C CG  . LYS A 1 58  ? 7.396   12.950  14.612  1.00 37.64 ? 58  LYS A CG  1 
ATOM   458  C CD  . LYS A 1 58  ? 8.469   12.426  13.699  1.00 45.27 ? 58  LYS A CD  1 
ATOM   459  C CE  . LYS A 1 58  ? 9.767   13.192  13.805  1.00 49.50 ? 58  LYS A CE  1 
ATOM   460  N NZ  . LYS A 1 58  ? 10.840  12.274  13.379  1.00 53.43 ? 58  LYS A NZ  1 
ATOM   461  N N   . ASP A 1 59  ? 2.931   13.066  13.778  1.00 23.35 ? 59  ASP A N   1 
ATOM   462  C CA  . ASP A 1 59  ? 1.725   12.573  13.191  1.00 23.84 ? 59  ASP A CA  1 
ATOM   463  C C   . ASP A 1 59  ? 2.074   11.618  12.038  1.00 22.10 ? 59  ASP A C   1 
ATOM   464  O O   . ASP A 1 59  ? 2.941   11.889  11.259  1.00 23.11 ? 59  ASP A O   1 
ATOM   465  C CB  . ASP A 1 59  ? 0.911   13.753  12.668  1.00 25.17 ? 59  ASP A CB  1 
ATOM   466  C CG  . ASP A 1 59  ? 0.297   14.592  13.776  1.00 30.13 ? 59  ASP A CG  1 
ATOM   467  O OD1 . ASP A 1 59  ? 0.021   14.032  14.855  1.00 33.92 ? 59  ASP A OD1 1 
ATOM   468  O OD2 . ASP A 1 59  ? 0.045   15.783  13.506  1.00 40.69 ? 59  ASP A OD2 1 
ATOM   469  N N   . VAL A 1 60  ? 1.418   10.483  11.985  1.00 18.33 ? 60  VAL A N   1 
ATOM   470  C CA  . VAL A 1 60  ? 1.509   9.534   10.918  1.00 18.36 ? 60  VAL A CA  1 
ATOM   471  C C   . VAL A 1 60  ? 0.103   9.445   10.310  1.00 17.61 ? 60  VAL A C   1 
ATOM   472  O O   . VAL A 1 60  ? -0.905  9.235   11.018  1.00 19.67 ? 60  VAL A O   1 
ATOM   473  C CB  . VAL A 1 60  ? 1.866   8.141   11.424  1.00 18.16 ? 60  VAL A CB  1 
ATOM   474  C CG1 . VAL A 1 60  ? 1.986   7.144   10.297  1.00 18.70 ? 60  VAL A CG1 1 
ATOM   475  C CG2 . VAL A 1 60  ? 3.211   8.193   12.196  1.00 19.67 ? 60  VAL A CG2 1 
ATOM   476  N N   . ARG A 1 61  ? 0.033   9.607   9.011   1.00 15.35 ? 61  ARG A N   1 
ATOM   477  C CA  . ARG A 1 61  ? -1.219  9.583   8.301   1.00 15.57 ? 61  ARG A CA  1 
ATOM   478  C C   . ARG A 1 61  ? -1.364  8.347   7.429   1.00 14.44 ? 61  ARG A C   1 
ATOM   479  O O   . ARG A 1 61  ? -0.434  7.826   6.955   1.00 14.43 ? 61  ARG A O   1 
ATOM   480  C CB  . ARG A 1 61  ? -1.383  10.884  7.505   1.00 18.17 ? 61  ARG A CB  1 
ATOM   481  C CG  . ARG A 1 61  ? -1.754  12.040  8.408   1.00 21.14 ? 61  ARG A CG  1 
ATOM   482  C CD  . ARG A 1 61  ? -2.027  13.331  7.658   1.00 21.40 ? 61  ARG A CD  1 
ATOM   483  N NE  . ARG A 1 61  ? -2.506  14.368  8.547   1.00 24.69 ? 61  ARG A NE  1 
ATOM   484  C CZ  . ARG A 1 61  ? -1.722  15.092  9.296   1.00 25.69 ? 61  ARG A CZ  1 
ATOM   485  N NH1 . ARG A 1 61  ? -2.254  16.003  10.059  1.00 30.44 ? 61  ARG A NH1 1 
ATOM   486  N NH2 . ARG A 1 61  ? -0.440  14.903  9.273   1.00 25.88 ? 61  ARG A NH2 1 
ATOM   487  N N   . LEU A 1 62  ? -2.602  7.906   7.317   1.00 15.23 ? 62  LEU A N   1 
ATOM   488  C CA  . LEU A 1 62  ? -3.032  6.793   6.541   1.00 14.05 ? 62  LEU A CA  1 
ATOM   489  C C   . LEU A 1 62  ? -3.891  7.268   5.402   1.00 14.21 ? 62  LEU A C   1 
ATOM   490  O O   . LEU A 1 62  ? -4.757  8.118   5.654   1.00 17.02 ? 62  LEU A O   1 
ATOM   491  C CB  . LEU A 1 62  ? -3.860  5.848   7.394   1.00 14.64 ? 62  LEU A CB  1 
ATOM   492  C CG  . LEU A 1 62  ? -3.151  5.250   8.594   1.00 15.57 ? 62  LEU A CG  1 
ATOM   493  C CD1 . LEU A 1 62  ? -4.022  4.219   9.327   1.00 17.15 ? 62  LEU A CD1 1 
ATOM   494  C CD2 . LEU A 1 62  ? -1.786  4.570   8.309   1.00 16.44 ? 62  LEU A CD2 1 
ATOM   495  N N   . LEU A 1 63  ? -3.699  6.798   4.198   1.00 12.61 ? 63  LEU A N   1 
ATOM   496  C CA  . LEU A 1 63  ? -4.409  7.285   3.041   1.00 13.53 ? 63  LEU A CA  1 
ATOM   497  C C   . LEU A 1 63  ? -4.796  6.123   2.172   1.00 13.55 ? 63  LEU A C   1 
ATOM   498  O O   . LEU A 1 63  ? -3.991  5.292   1.768   1.00 13.19 ? 63  LEU A O   1 
ATOM   499  C CB  . LEU A 1 63  ? -3.525  8.224   2.210   1.00 14.57 ? 63  LEU A CB  1 
ATOM   500  C CG  . LEU A 1 63  ? -4.156  8.678   0.879   1.00 14.61 ? 63  LEU A CG  1 
ATOM   501  C CD1 . LEU A 1 63  ? -5.455  9.499   1.042   1.00 15.92 ? 63  LEU A CD1 1 
ATOM   502  C CD2 . LEU A 1 63  ? -3.139  9.542   0.120   1.00 15.06 ? 63  LEU A CD2 1 
ATOM   503  N N   . ILE A 1 64  ? -6.065  6.049   1.848   1.00 14.49 ? 64  ILE A N   1 
ATOM   504  C CA  . ILE A 1 64  ? -6.585  5.179   0.797   1.00 13.26 ? 64  ILE A CA  1 
ATOM   505  C C   . ILE A 1 64  ? -7.204  6.087   -0.276  1.00 13.71 ? 64  ILE A C   1 
ATOM   506  O O   . ILE A 1 64  ? -8.278  6.661   -0.028  1.00 14.33 ? 64  ILE A O   1 
ATOM   507  C CB  . ILE A 1 64  ? -7.631  4.130   1.293   1.00 14.04 ? 64  ILE A CB  1 
ATOM   508  C CG1 . ILE A 1 64  ? -7.027  3.280   2.445   1.00 15.58 ? 64  ILE A CG1 1 
ATOM   509  C CG2 . ILE A 1 64  ? -8.139  3.298   0.158   1.00 13.80 ? 64  ILE A CG2 1 
ATOM   510  C CD1 . ILE A 1 64  ? -8.013  2.210   2.993   1.00 15.96 ? 64  ILE A CD1 1 
ATOM   511  N N   . PRO A 1 65  ? -6.537  6.243   -1.390  1.00 13.22 ? 65  PRO A N   1 
ATOM   512  C CA  . PRO A 1 65  ? -7.110  7.134   -2.441  1.00 14.22 ? 65  PRO A CA  1 
ATOM   513  C C   . PRO A 1 65  ? -8.471  6.570   -2.852  1.00 16.00 ? 65  PRO A C   1 
ATOM   514  O O   . PRO A 1 65  ? -8.653  5.327   -2.915  1.00 15.58 ? 65  PRO A O   1 
ATOM   515  C CB  . PRO A 1 65  ? -6.139  7.028   -3.560  1.00 14.53 ? 65  PRO A CB  1 
ATOM   516  C CG  . PRO A 1 65  ? -4.805  6.720   -2.875  1.00 14.90 ? 65  PRO A CG  1 
ATOM   517  C CD  . PRO A 1 65  ? -5.197  5.748   -1.766  1.00 14.90 ? 65  PRO A CD  1 
ATOM   518  N N   . THR A 1 66  ? -9.414  7.447   -3.256  1.00 15.24 ? 66  THR A N   1 
ATOM   519  C CA  . THR A 1 66  ? -10.666 7.020   -3.837  1.00 15.59 ? 66  THR A CA  1 
ATOM   520  C C   . THR A 1 66  ? -10.802 7.558   -5.283  1.00 15.97 ? 66  THR A C   1 
ATOM   521  O O   . THR A 1 66  ? -11.894 7.552   -5.842  1.00 18.04 ? 66  THR A O   1 
ATOM   522  C CB  . THR A 1 66  ? -11.827 7.430   -2.981  1.00 17.16 ? 66  THR A CB  1 
ATOM   523  O OG1 . THR A 1 66  ? -11.788 8.833   -2.768  1.00 18.40 ? 66  THR A OG1 1 
ATOM   524  C CG2 . THR A 1 66  ? -11.772 6.696   -1.635  1.00 17.27 ? 66  THR A CG2 1 
ATOM   525  N N   . THR A 1 67  ? -9.695  7.913   -5.900  1.00 17.90 ? 67  THR A N   1 
ATOM   526  C CA  . THR A 1 67  ? -9.604  8.077   -7.337  1.00 18.15 ? 67  THR A CA  1 
ATOM   527  C C   . THR A 1 67  ? -9.625  6.690   -7.922  1.00 18.75 ? 67  THR A C   1 
ATOM   528  O O   . THR A 1 67  ? -9.493  5.729   -7.220  1.00 21.06 ? 67  THR A O   1 
ATOM   529  C CB  . THR A 1 67  ? -8.245  8.723   -7.695  1.00 19.01 ? 67  THR A CB  1 
ATOM   530  O OG1 . THR A 1 67  ? -7.183  7.873   -7.169  1.00 18.95 ? 67  THR A OG1 1 
ATOM   531  C CG2 . THR A 1 67  ? -8.064  10.076  -7.138  1.00 22.73 ? 67  THR A CG2 1 
ATOM   532  N N   . TYR A 1 68  ? -9.668  6.553   -9.219  1.00 22.17 ? 68  TYR A N   1 
ATOM   533  C CA  . TYR A 1 68  ? -9.362  5.241   -9.720  1.00 24.21 ? 68  TYR A CA  1 
ATOM   534  C C   . TYR A 1 68  ? -7.846  4.987   -9.549  1.00 20.42 ? 68  TYR A C   1 
ATOM   535  O O   . TYR A 1 68  ? -7.142  5.888   -9.362  1.00 20.92 ? 68  TYR A O   1 
ATOM   536  C CB  . TYR A 1 68  ? -9.839  5.036   -11.150 1.00 29.97 ? 68  TYR A CB  1 
ATOM   537  C CG  . TYR A 1 68  ? -11.301 4.623   -11.165 1.00 32.12 ? 68  TYR A CG  1 
ATOM   538  C CD1 . TYR A 1 68  ? -11.722 3.508   -10.442 1.00 35.43 ? 68  TYR A CD1 1 
ATOM   539  C CD2 . TYR A 1 68  ? -12.236 5.341   -11.865 1.00 31.52 ? 68  TYR A CD2 1 
ATOM   540  C CE1 . TYR A 1 68  ? -13.025 3.112   -10.413 1.00 40.10 ? 68  TYR A CE1 1 
ATOM   541  C CE2 . TYR A 1 68  ? -13.552 4.951   -11.861 1.00 32.65 ? 68  TYR A CE2 1 
ATOM   542  C CZ  . TYR A 1 68  ? -13.937 3.838   -11.129 1.00 39.66 ? 68  TYR A CZ  1 
ATOM   543  O OH  . TYR A 1 68  ? -15.227 3.446   -11.076 1.00 38.51 ? 68  TYR A OH  1 
ATOM   544  N N   . MET A 1 69  ? -7.420  3.751   -9.620  1.00 19.57 ? 69  MET A N   1 
ATOM   545  C CA  . MET A 1 69  ? -6.060  3.354   -9.398  1.00 18.38 ? 69  MET A CA  1 
ATOM   546  C C   . MET A 1 69  ? -5.083  4.186   -10.234 1.00 18.14 ? 69  MET A C   1 
ATOM   547  O O   . MET A 1 69  ? -4.026  4.644   -9.726  1.00 18.61 ? 69  MET A O   1 
ATOM   548  C CB  . MET A 1 69  ? -5.848  1.864   -9.704  1.00 19.32 ? 69  MET A CB  1 
ATOM   549  C CG  . MET A 1 69  ? -4.443  1.400   -9.456  1.00 19.53 ? 69  MET A CG  1 
ATOM   550  S SD  . MET A 1 69  ? -3.946  1.342   -7.707  1.00 18.22 ? 69  MET A SD  1 
ATOM   551  C CE  . MET A 1 69  ? -4.540  -0.303  -7.262  1.00 19.42 ? 69  MET A CE  1 
ATOM   552  N N   . ASN A 1 70  ? -5.427  4.428   -11.486 1.00 19.58 ? 70  ASN A N   1 
ATOM   553  C CA  . ASN A 1 70  ? -4.551  5.163   -12.386 1.00 18.50 ? 70  ASN A CA  1 
ATOM   554  C C   . ASN A 1 70  ? -4.401  6.645   -12.069 1.00 17.56 ? 70  ASN A C   1 
ATOM   555  O O   . ASN A 1 70  ? -3.568  7.274   -12.620 1.00 20.53 ? 70  ASN A O   1 
ATOM   556  C CB  . ASN A 1 70  ? -4.883  4.956   -13.857 1.00 19.89 ? 70  ASN A CB  1 
ATOM   557  C CG  . ASN A 1 70  ? -6.258  5.390   -14.183 1.00 23.11 ? 70  ASN A CG  1 
ATOM   558  O OD1 . ASN A 1 70  ? -7.173  4.918   -13.582 1.00 23.81 ? 70  ASN A OD1 1 
ATOM   559  N ND2 . ASN A 1 70  ? -6.407  6.258   -15.141 1.00 22.19 ? 70  ASN A ND2 1 
ATOM   560  N N   . ARG A 1 71  ? -5.240  7.173   -11.200 1.00 18.33 ? 71  ARG A N   1 
ATOM   561  C CA  . ARG A 1 71  ? -5.098  8.542   -10.739 1.00 18.30 ? 71  ARG A CA  1 
ATOM   562  C C   . ARG A 1 71  ? -4.717  8.734   -9.246  1.00 16.14 ? 71  ARG A C   1 
ATOM   563  O O   . ARG A 1 71  ? -4.868  9.777   -8.661  1.00 18.12 ? 71  ARG A O   1 
ATOM   564  C CB  . ARG A 1 71  ? -6.354  9.326   -11.095 1.00 19.83 ? 71  ARG A CB  1 
ATOM   565  C CG  . ARG A 1 71  ? -6.539  9.459   -12.618 1.00 24.19 ? 71  ARG A CG  1 
ATOM   566  C CD  . ARG A 1 71  ? -5.316  9.913   -13.443 1.00 26.98 ? 71  ARG A CD  1 
ATOM   567  N NE  . ARG A 1 71  ? -5.420  9.841   -14.937 1.00 24.97 ? 71  ARG A NE  1 
ATOM   568  C CZ  . ARG A 1 71  ? -6.041  10.742  -15.655 1.00 33.02 ? 71  ARG A CZ  1 
ATOM   569  N NH1 . ARG A 1 71  ? -6.648  11.759  -15.048 1.00 31.79 ? 71  ARG A NH1 1 
ATOM   570  N NH2 . ARG A 1 71  ? -6.055  10.635  -16.973 1.00 31.12 ? 71  ARG A NH2 1 
ATOM   571  N N   . SER A 1 72  ? -4.182  7.647   -8.643  1.00 16.51 ? 72  SER A N   1 
ATOM   572  C CA  . SER A 1 72  ? -3.833  7.592   -7.230  1.00 16.38 ? 72  SER A CA  1 
ATOM   573  C C   . SER A 1 72  ? -2.832  8.716   -6.842  1.00 15.90 ? 72  SER A C   1 
ATOM   574  O O   . SER A 1 72  ? -2.812  9.158   -5.702  1.00 15.33 ? 72  SER A O   1 
ATOM   575  C CB  . SER A 1 72  ? -3.110  6.221   -6.917  1.00 18.23 ? 72  SER A CB  1 
ATOM   576  O OG  . SER A 1 72  ? -3.979  5.122   -6.975  1.00 22.33 ? 72  SER A OG  1 
ATOM   577  N N   . GLY A 1 73  ? -1.977  9.123   -7.776  1.00 14.88 ? 73  GLY A N   1 
ATOM   578  C CA  . GLY A 1 73  ? -0.978  10.144  -7.494  1.00 14.70 ? 73  GLY A CA  1 
ATOM   579  C C   . GLY A 1 73  ? -1.568  11.454  -7.108  1.00 14.54 ? 73  GLY A C   1 
ATOM   580  O O   . GLY A 1 73  ? -0.983  12.191  -6.387  1.00 15.66 ? 73  GLY A O   1 
ATOM   581  N N   . GLN A 1 74  ? -2.731  11.746  -7.615  1.00 16.50 ? 74  GLN A N   1 
ATOM   582  C CA  . GLN A 1 74  ? -3.409  12.972  -7.313  1.00 19.17 ? 74  GLN A CA  1 
ATOM   583  C C   . GLN A 1 74  ? -3.717  13.061  -5.807  1.00 15.97 ? 74  GLN A C   1 
ATOM   584  O O   . GLN A 1 74  ? -3.606  14.055  -5.205  1.00 17.93 ? 74  GLN A O   1 
ATOM   585  C CB  . GLN A 1 74  ? -4.689  12.956  -8.151  1.00 25.07 ? 74  GLN A CB  1 
ATOM   586  C CG  . GLN A 1 74  ? -5.605  14.108  -8.085  1.00 33.39 ? 74  GLN A CG  1 
ATOM   587  C CD  . GLN A 1 74  ? -6.869  13.809  -8.861  1.00 34.15 ? 74  GLN A CD  1 
ATOM   588  O OE1 . GLN A 1 74  ? -7.897  14.213  -8.468  1.00 45.75 ? 74  GLN A OE1 1 
ATOM   589  N NE2 . GLN A 1 74  ? -6.771  13.030  -9.911  1.00 37.41 ? 74  GLN A NE2 1 
ATOM   590  N N   . SER A 1 75  ? -4.113  11.929  -5.256  1.00 17.56 ? 75  SER A N   1 
ATOM   591  C CA  . SER A 1 75  ? -4.425  11.814  -3.854  1.00 15.96 ? 75  SER A CA  1 
ATOM   592  C C   . SER A 1 75  ? -3.158  11.915  -3.006  1.00 15.44 ? 75  SER A C   1 
ATOM   593  O O   . SER A 1 75  ? -3.055  12.648  -2.061  1.00 15.08 ? 75  SER A O   1 
ATOM   594  C CB  . SER A 1 75  ? -5.120  10.474  -3.644  1.00 15.83 ? 75  SER A CB  1 
ATOM   595  O OG  . SER A 1 75  ? -5.403  10.281  -2.308  1.00 16.75 ? 75  SER A OG  1 
ATOM   596  N N   . VAL A 1 76  ? -2.174  11.078  -3.365  1.00 15.97 ? 76  VAL A N   1 
ATOM   597  C CA  . VAL A 1 76  ? -0.926  11.145  -2.614  1.00 14.52 ? 76  VAL A CA  1 
ATOM   598  C C   . VAL A 1 76  ? -0.234  12.515  -2.618  1.00 16.52 ? 76  VAL A C   1 
ATOM   599  O O   . VAL A 1 76  ? 0.220   13.027  -1.602  1.00 17.38 ? 76  VAL A O   1 
ATOM   600  C CB  . VAL A 1 76  ? 0.055   10.061  -3.121  1.00 15.53 ? 76  VAL A CB  1 
ATOM   601  C CG1 . VAL A 1 76  ? 1.373   10.162  -2.397  1.00 17.49 ? 76  VAL A CG1 1 
ATOM   602  C CG2 . VAL A 1 76  ? -0.565  8.668   -2.969  1.00 14.49 ? 76  VAL A CG2 1 
ATOM   603  N N   . ALA A 1 77  ? -0.195  13.087  -3.815  1.00 15.31 ? 77  ALA A N   1 
ATOM   604  C CA  . ALA A 1 77  ? 0.406   14.431  -3.909  1.00 16.84 ? 77  ALA A CA  1 
ATOM   605  C C   . ALA A 1 77  ? -0.378  15.526  -3.165  1.00 17.12 ? 77  ALA A C   1 
ATOM   606  O O   . ALA A 1 77  ? 0.227   16.431  -2.548  1.00 18.67 ? 77  ALA A O   1 
ATOM   607  C CB  . ALA A 1 77  ? 0.572   14.831  -5.344  1.00 17.55 ? 77  ALA A CB  1 
ATOM   608  N N   . ALA A 1 78  ? -1.720  15.438  -3.153  1.00 16.22 ? 78  ALA A N   1 
ATOM   609  C CA  . ALA A 1 78  ? -2.513  16.399  -2.395  1.00 17.43 ? 78  ALA A CA  1 
ATOM   610  C C   . ALA A 1 78  ? -2.146  16.376  -0.922  1.00 17.33 ? 78  ALA A C   1 
ATOM   611  O O   . ALA A 1 78  ? -1.944  17.401  -0.278  1.00 19.21 ? 78  ALA A O   1 
ATOM   612  C CB  . ALA A 1 78  ? -3.991  16.126  -2.559  1.00 20.35 ? 78  ALA A CB  1 
ATOM   613  N N   . LEU A 1 79  ? -2.179  15.155  -0.354  1.00 17.11 ? 79  LEU A N   1 
ATOM   614  C CA  A LEU A 1 79  ? -1.951  15.039  1.054   0.50 16.10 ? 79  LEU A CA  1 
ATOM   615  C CA  B LEU A 1 79  ? -1.914  14.990  1.045   0.50 17.27 ? 79  LEU A CA  1 
ATOM   616  C C   . LEU A 1 79  ? -0.471  15.268  1.405   1.00 17.72 ? 79  LEU A C   1 
ATOM   617  O O   . LEU A 1 79  ? -0.200  15.968  2.353   1.00 18.64 ? 79  LEU A O   1 
ATOM   618  C CB  A LEU A 1 79  ? -2.525  13.687  1.576   0.50 15.51 ? 79  LEU A CB  1 
ATOM   619  C CB  B LEU A 1 79  ? -2.279  13.556  1.472   0.50 18.22 ? 79  LEU A CB  1 
ATOM   620  C CG  A LEU A 1 79  ? -2.376  13.402  3.077   0.50 15.50 ? 79  LEU A CG  1 
ATOM   621  C CG  B LEU A 1 79  ? -2.278  13.398  3.003   0.50 19.09 ? 79  LEU A CG  1 
ATOM   622  C CD1 A LEU A 1 79  ? -3.266  14.331  3.889   0.50 14.16 ? 79  LEU A CD1 1 
ATOM   623  C CD1 B LEU A 1 79  ? -3.197  12.241  3.400   0.50 17.92 ? 79  LEU A CD1 1 
ATOM   624  C CD2 A LEU A 1 79  ? -2.693  11.941  3.434   0.50 15.22 ? 79  LEU A CD2 1 
ATOM   625  C CD2 B LEU A 1 79  ? -0.885  13.239  3.641   0.50 20.56 ? 79  LEU A CD2 1 
ATOM   626  N N   . ALA A 1 80  ? 0.464   14.657  0.668   1.00 17.47 ? 80  ALA A N   1 
ATOM   627  C CA  . ALA A 1 80  ? 1.871   14.847  0.985   1.00 17.98 ? 80  ALA A CA  1 
ATOM   628  C C   . ALA A 1 80  ? 2.234   16.310  0.765   1.00 19.17 ? 80  ALA A C   1 
ATOM   629  O O   . ALA A 1 80  ? 2.958   16.863  1.546   1.00 19.60 ? 80  ALA A O   1 
ATOM   630  C CB  . ALA A 1 80  ? 2.730   13.949  0.123   1.00 17.06 ? 80  ALA A CB  1 
ATOM   631  N N   . GLY A 1 81  ? 1.746   16.932  -0.287  1.00 20.21 ? 81  GLY A N   1 
ATOM   632  C CA  . GLY A 1 81  ? 2.069   18.344  -0.525  1.00 20.00 ? 81  GLY A CA  1 
ATOM   633  C C   . GLY A 1 81  ? 1.528   19.233  0.611   1.00 20.73 ? 81  GLY A C   1 
ATOM   634  O O   . GLY A 1 81  ? 2.214   20.140  1.144   1.00 23.85 ? 81  GLY A O   1 
ATOM   635  N N   . PHE A 1 82  ? 0.294   19.018  1.033   1.00 18.32 ? 82  PHE A N   1 
ATOM   636  C CA  . PHE A 1 82  ? -0.322  19.849  2.053   1.00 18.73 ? 82  PHE A CA  1 
ATOM   637  C C   . PHE A 1 82  ? 0.436   19.829  3.371   1.00 21.00 ? 82  PHE A C   1 
ATOM   638  O O   . PHE A 1 82  ? 0.570   20.857  4.057   1.00 22.46 ? 82  PHE A O   1 
ATOM   639  C CB  . PHE A 1 82  ? -1.801  19.427  2.261   1.00 19.99 ? 82  PHE A CB  1 
ATOM   640  C CG  . PHE A 1 82  ? -2.577  20.327  3.156   1.00 22.78 ? 82  PHE A CG  1 
ATOM   641  C CD1 . PHE A 1 82  ? -2.517  20.175  4.534   1.00 23.24 ? 82  PHE A CD1 1 
ATOM   642  C CD2 . PHE A 1 82  ? -3.384  21.325  2.613   1.00 25.60 ? 82  PHE A CD2 1 
ATOM   643  C CE1 . PHE A 1 82  ? -3.297  20.964  5.358   1.00 26.80 ? 82  PHE A CE1 1 
ATOM   644  C CE2 . PHE A 1 82  ? -4.146  22.149  3.438   1.00 27.14 ? 82  PHE A CE2 1 
ATOM   645  C CZ  . PHE A 1 82  ? -4.092  21.989  4.818   1.00 26.65 ? 82  PHE A CZ  1 
ATOM   646  N N   . PHE A 1 83  ? 0.958   18.656  3.754   1.00 20.71 ? 83  PHE A N   1 
ATOM   647  C CA  . PHE A 1 83  ? 1.705   18.470  4.944   1.00 21.01 ? 83  PHE A CA  1 
ATOM   648  C C   . PHE A 1 83  ? 3.211   18.454  4.753   1.00 23.87 ? 83  PHE A C   1 
ATOM   649  O O   . PHE A 1 83  ? 3.937   18.239  5.699   1.00 26.40 ? 83  PHE A O   1 
ATOM   650  C CB  . PHE A 1 83  ? 1.185   17.180  5.666   1.00 22.75 ? 83  PHE A CB  1 
ATOM   651  C CG  . PHE A 1 83  ? -0.211  17.347  6.231   1.00 22.51 ? 83  PHE A CG  1 
ATOM   652  C CD1 . PHE A 1 83  ? -0.433  18.153  7.327   1.00 22.44 ? 83  PHE A CD1 1 
ATOM   653  C CD2 . PHE A 1 83  ? -1.291  16.694  5.672   1.00 21.47 ? 83  PHE A CD2 1 
ATOM   654  C CE1 . PHE A 1 83  ? -1.699  18.366  7.821   1.00 25.19 ? 83  PHE A CE1 1 
ATOM   655  C CE2 . PHE A 1 83  ? -2.584  16.874  6.165   1.00 21.90 ? 83  PHE A CE2 1 
ATOM   656  C CZ  . PHE A 1 83  ? -2.781  17.696  7.266   1.00 22.78 ? 83  PHE A CZ  1 
ATOM   657  N N   . ARG A 1 84  ? 3.661   18.765  3.542   1.00 23.35 ? 84  ARG A N   1 
ATOM   658  C CA  . ARG A 1 84  ? 5.068   18.960  3.262   1.00 26.58 ? 84  ARG A CA  1 
ATOM   659  C C   . ARG A 1 84  ? 5.851   17.681  3.603   1.00 24.82 ? 84  ARG A C   1 
ATOM   660  O O   . ARG A 1 84  ? 6.906   17.691  4.231   1.00 26.65 ? 84  ARG A O   1 
ATOM   661  C CB  . ARG A 1 84  ? 5.638   20.195  4.028   1.00 28.04 ? 84  ARG A CB  1 
ATOM   662  C CG  . ARG A 1 84  ? 5.503   21.522  3.300   1.00 32.96 ? 84  ARG A CG  1 
ATOM   663  C CD  . ARG A 1 84  ? 4.089   21.960  3.070   1.00 36.93 ? 84  ARG A CD  1 
ATOM   664  N NE  . ARG A 1 84  ? 3.937   23.416  2.883   1.00 36.42 ? 84  ARG A NE  1 
ATOM   665  C CZ  . ARG A 1 84  ? 2.758   24.019  2.725   1.00 39.04 ? 84  ARG A CZ  1 
ATOM   666  N NH1 . ARG A 1 84  ? 2.683   25.345  2.587   1.00 36.13 ? 84  ARG A NH1 1 
ATOM   667  N NH2 . ARG A 1 84  ? 1.645   23.296  2.668   1.00 32.34 ? 84  ARG A NH2 1 
ATOM   668  N N   . ILE A 1 85  ? 5.298   16.558  3.190   1.00 22.54 ? 85  ILE A N   1 
ATOM   669  C CA  . ILE A 1 85  ? 5.900   15.243  3.399   1.00 21.40 ? 85  ILE A CA  1 
ATOM   670  C C   . ILE A 1 85  ? 6.766   14.770  2.262   1.00 25.23 ? 85  ILE A C   1 
ATOM   671  O O   . ILE A 1 85  ? 6.298   14.681  1.116   1.00 24.08 ? 85  ILE A O   1 
ATOM   672  C CB  . ILE A 1 85  ? 4.796   14.152  3.646   1.00 22.20 ? 85  ILE A CB  1 
ATOM   673  C CG1 . ILE A 1 85  ? 3.937   14.538  4.816   1.00 22.89 ? 85  ILE A CG1 1 
ATOM   674  C CG2 . ILE A 1 85  ? 5.440   12.802  3.959   1.00 22.49 ? 85  ILE A CG2 1 
ATOM   675  C CD1 . ILE A 1 85  ? 2.643   13.702  4.937   1.00 21.84 ? 85  ILE A CD1 1 
ATOM   676  N N   . ALA A 1 86  ? 8.053   14.514  2.551   1.00 24.62 ? 86  ALA A N   1 
ATOM   677  C CA  . ALA A 1 86  ? 8.990   14.113  1.520   1.00 26.38 ? 86  ALA A CA  1 
ATOM   678  C C   . ALA A 1 86  ? 8.758   12.666  1.103   1.00 24.99 ? 86  ALA A C   1 
ATOM   679  O O   . ALA A 1 86  ? 8.302   11.846  1.919   1.00 23.51 ? 86  ALA A O   1 
ATOM   680  C CB  . ALA A 1 86  ? 10.424  14.212  2.080   1.00 29.29 ? 86  ALA A CB  1 
ATOM   681  N N   . PRO A 1 87  ? 9.114   12.311  -0.121  1.00 24.85 ? 87  PRO A N   1 
ATOM   682  C CA  . PRO A 1 87  ? 8.904   10.930  -0.558  1.00 25.21 ? 87  PRO A CA  1 
ATOM   683  C C   . PRO A 1 87  ? 9.549   9.865   0.334   1.00 21.78 ? 87  PRO A C   1 
ATOM   684  O O   . PRO A 1 87  ? 9.045   8.762   0.491   1.00 21.14 ? 87  PRO A O   1 
ATOM   685  C CB  . PRO A 1 87  ? 9.521   10.939  -1.959  1.00 27.41 ? 87  PRO A CB  1 
ATOM   686  C CG  . PRO A 1 87  ? 9.136   12.277  -2.442  1.00 28.99 ? 87  PRO A CG  1 
ATOM   687  C CD  . PRO A 1 87  ? 9.402   13.202  -1.269  1.00 27.47 ? 87  PRO A CD  1 
ATOM   688  N N   . ASP A 1 88  ? 10.715  10.179  0.886   1.00 23.21 ? 88  ASP A N   1 
ATOM   689  C CA  . ASP A 1 88  ? 11.380  9.257   1.766   1.00 22.49 ? 88  ASP A CA  1 
ATOM   690  C C   . ASP A 1 88  ? 10.613  8.891   3.060   1.00 20.27 ? 88  ASP A C   1 
ATOM   691  O O   . ASP A 1 88  ? 10.955  7.935   3.736   1.00 21.02 ? 88  ASP A O   1 
ATOM   692  C CB  . ASP A 1 88  ? 12.753  9.871   2.254   1.00 27.93 ? 88  ASP A CB  1 
ATOM   693  C CG  . ASP A 1 88  ? 13.675  8.840   2.913   1.00 36.79 ? 88  ASP A CG  1 
ATOM   694  O OD1 . ASP A 1 88  ? 13.660  7.645   2.536   1.00 38.39 ? 88  ASP A OD1 1 
ATOM   695  O OD2 . ASP A 1 88  ? 14.455  9.240   3.839   1.00 38.06 ? 88  ASP A OD2 1 
ATOM   696  N N   . ALA A 1 89  ? 9.576   9.679   3.368   1.00 19.69 ? 89  ALA A N   1 
ATOM   697  C CA  . ALA A 1 89  ? 8.758   9.455   4.563   1.00 19.03 ? 89  ALA A CA  1 
ATOM   698  C C   . ALA A 1 89  ? 7.407   8.823   4.149   1.00 19.64 ? 89  ALA A C   1 
ATOM   699  O O   . ALA A 1 89  ? 6.485   8.761   4.963   1.00 18.45 ? 89  ALA A O   1 
ATOM   700  C CB  . ALA A 1 89  ? 8.531   10.744  5.228   1.00 19.18 ? 89  ALA A CB  1 
ATOM   701  N N   . ILE A 1 90  ? 7.317   8.340   2.921   1.00 18.01 ? 90  ILE A N   1 
ATOM   702  C CA  . ILE A 1 90  ? 6.096   7.682   2.416   1.00 15.94 ? 90  ILE A CA  1 
ATOM   703  C C   . ILE A 1 90  ? 6.295   6.225   2.173   1.00 16.87 ? 90  ILE A C   1 
ATOM   704  O O   . ILE A 1 90  ? 7.267   5.801   1.529   1.00 17.00 ? 90  ILE A O   1 
ATOM   705  C CB  . ILE A 1 90  ? 5.602   8.386   1.110   1.00 17.33 ? 90  ILE A CB  1 
ATOM   706  C CG1 . ILE A 1 90  ? 5.455   9.904   1.254   1.00 15.65 ? 90  ILE A CG1 1 
ATOM   707  C CG2 . ILE A 1 90  ? 4.312   7.771   0.587   1.00 17.73 ? 90  ILE A CG2 1 
ATOM   708  C CD1 . ILE A 1 90  ? 5.095   10.678  -0.052  1.00 18.32 ? 90  ILE A CD1 1 
ATOM   709  N N   . LEU A 1 91  ? 5.305   5.420   2.601   1.00 14.63 ? 91  LEU A N   1 
ATOM   710  C CA  . LEU A 1 91  ? 5.241   4.012   2.314   1.00 14.40 ? 91  LEU A CA  1 
ATOM   711  C C   . LEU A 1 91  ? 3.970   3.728   1.540   1.00 15.53 ? 91  LEU A C   1 
ATOM   712  O O   . LEU A 1 91  ? 2.879   4.132   1.966   1.00 15.27 ? 91  LEU A O   1 
ATOM   713  C CB  . LEU A 1 91  ? 5.200   3.236   3.622   1.00 15.66 ? 91  LEU A CB  1 
ATOM   714  C CG  . LEU A 1 91  ? 5.010   1.757   3.540   1.00 15.41 ? 91  LEU A CG  1 
ATOM   715  C CD1 . LEU A 1 91  ? 6.150   1.024   2.782   1.00 16.58 ? 91  LEU A CD1 1 
ATOM   716  C CD2 . LEU A 1 91  ? 4.818   1.052   4.887   1.00 14.86 ? 91  LEU A CD2 1 
ATOM   717  N N   . VAL A 1 92  ? 4.126   3.073   0.391   1.00 14.62 ? 92  VAL A N   1 
ATOM   718  C CA  . VAL A 1 92  ? 2.953   2.691   -0.426  1.00 14.12 ? 92  VAL A CA  1 
ATOM   719  C C   . VAL A 1 92  ? 2.770   1.209   -0.498  1.00 14.82 ? 92  VAL A C   1 
ATOM   720  O O   . VAL A 1 92  ? 3.682   0.479   -0.940  1.00 14.65 ? 92  VAL A O   1 
ATOM   721  C CB  . VAL A 1 92  ? 3.125   3.241   -1.863  1.00 14.37 ? 92  VAL A CB  1 
ATOM   722  C CG1 . VAL A 1 92  ? 1.909   2.866   -2.697  1.00 15.61 ? 92  VAL A CG1 1 
ATOM   723  C CG2 . VAL A 1 92  ? 3.246   4.728   -1.841  1.00 15.35 ? 92  VAL A CG2 1 
ATOM   724  N N   . ALA A 1 93  ? 1.674   0.712   0.041   1.00 13.47 ? 93  ALA A N   1 
ATOM   725  C CA  . ALA A 1 93  ? 1.314   -0.659  -0.052  1.00 13.25 ? 93  ALA A CA  1 
ATOM   726  C C   . ALA A 1 93  ? 0.533   -0.928  -1.309  1.00 13.57 ? 93  ALA A C   1 
ATOM   727  O O   . ALA A 1 93  ? -0.393  -0.199  -1.678  1.00 13.46 ? 93  ALA A O   1 
ATOM   728  C CB  . ALA A 1 93  ? 0.522   -1.058  1.182   1.00 12.96 ? 93  ALA A CB  1 
ATOM   729  N N   . HIS A 1 94  ? 0.926   -1.986  -2.004  1.00 14.31 ? 94  HIS A N   1 
ATOM   730  C CA  . HIS A 1 94  ? 0.308   -2.363  -3.263  1.00 13.94 ? 94  HIS A CA  1 
ATOM   731  C C   . HIS A 1 94  ? 0.396   -3.858  -3.569  1.00 14.48 ? 94  HIS A C   1 
ATOM   732  O O   . HIS A 1 94  ? 1.225   -4.541  -3.032  1.00 15.98 ? 94  HIS A O   1 
ATOM   733  C CB  . HIS A 1 94  ? 0.944   -1.586  -4.416  1.00 14.97 ? 94  HIS A CB  1 
ATOM   734  C CG  . HIS A 1 94  ? 2.368   -1.958  -4.665  1.00 14.67 ? 94  HIS A CG  1 
ATOM   735  N ND1 . HIS A 1 94  ? 2.714   -2.960  -5.519  1.00 15.43 ? 94  HIS A ND1 1 
ATOM   736  C CD2 . HIS A 1 94  ? 3.522   -1.458  -4.187  1.00 15.14 ? 94  HIS A CD2 1 
ATOM   737  C CE1 . HIS A 1 94  ? 4.016   -3.098  -5.529  1.00 16.23 ? 94  HIS A CE1 1 
ATOM   738  N NE2 . HIS A 1 94  ? 4.534   -2.185  -4.748  1.00 15.74 ? 94  HIS A NE2 1 
ATOM   739  N N   . ASP A 1 95  ? -0.512  -4.316  -4.440  1.00 13.97 ? 95  ASP A N   1 
ATOM   740  C CA  . ASP A 1 95  ? -0.468  -5.710  -4.975  1.00 14.62 ? 95  ASP A CA  1 
ATOM   741  C C   . ASP A 1 95  ? 0.721   -5.898  -5.870  1.00 15.22 ? 95  ASP A C   1 
ATOM   742  O O   . ASP A 1 95  ? 1.117   -5.000  -6.651  1.00 14.17 ? 95  ASP A O   1 
ATOM   743  C CB  . ASP A 1 95  ? -1.729  -6.005  -5.759  1.00 14.73 ? 95  ASP A CB  1 
ATOM   744  C CG  . ASP A 1 95  ? -2.004  -4.924  -6.843  1.00 15.94 ? 95  ASP A CG  1 
ATOM   745  O OD1 . ASP A 1 95  ? -2.074  -3.718  -6.489  1.00 17.43 ? 95  ASP A OD1 1 
ATOM   746  O OD2 . ASP A 1 95  ? -2.295  -5.381  -7.958  1.00 15.75 ? 95  ASP A OD2 1 
ATOM   747  N N   . GLU A 1 96  ? 1.308   -7.111  -5.809  1.00 15.11 ? 96  GLU A N   1 
ATOM   748  C CA  . GLU A 1 96  ? 2.562   -7.416  -6.525  1.00 14.97 ? 96  GLU A CA  1 
ATOM   749  C C   . GLU A 1 96  ? 2.321   -8.720  -7.265  1.00 15.32 ? 96  GLU A C   1 
ATOM   750  O O   . GLU A 1 96  ? 2.252   -9.826  -6.679  1.00 15.53 ? 96  GLU A O   1 
ATOM   751  C CB  . GLU A 1 96  ? 3.714   -7.515  -5.562  1.00 15.38 ? 96  GLU A CB  1 
ATOM   752  C CG  . GLU A 1 96  ? 5.034   -7.973  -6.226  1.00 15.63 ? 96  GLU A CG  1 
ATOM   753  C CD  . GLU A 1 96  ? 5.411   -7.012  -7.301  1.00 18.30 ? 96  GLU A CD  1 
ATOM   754  O OE1 . GLU A 1 96  ? 5.745   -5.833  -6.991  1.00 19.30 ? 96  GLU A OE1 1 
ATOM   755  O OE2 . GLU A 1 96  ? 5.243   -7.442  -8.467  1.00 19.55 ? 96  GLU A OE2 1 
ATOM   756  N N   . LEU A 1 97  ? 2.187   -8.587  -8.609  1.00 15.60 ? 97  LEU A N   1 
ATOM   757  C CA  . LEU A 1 97  ? 2.099   -9.767  -9.451  1.00 16.09 ? 97  LEU A CA  1 
ATOM   758  C C   . LEU A 1 97  ? 3.319   -10.706 -9.375  1.00 15.95 ? 97  LEU A C   1 
ATOM   759  O O   . LEU A 1 97  ? 3.120   -11.920 -9.580  1.00 16.72 ? 97  LEU A O   1 
ATOM   760  C CB  . LEU A 1 97  ? 1.970   -9.320  -10.907 1.00 17.32 ? 97  LEU A CB  1 
ATOM   761  C CG  . LEU A 1 97  ? 0.625   -8.701  -11.288 1.00 18.75 ? 97  LEU A CG  1 
ATOM   762  C CD1 . LEU A 1 97  ? 0.889   -7.777  -12.494 1.00 19.98 ? 97  LEU A CD1 1 
ATOM   763  C CD2 . LEU A 1 97  ? -0.467  -9.674  -11.539 1.00 19.25 ? 97  LEU A CD2 1 
ATOM   764  N N   . ASP A 1 98  ? 4.467   -10.175 -9.057  1.00 16.57 ? 98  ASP A N   1 
ATOM   765  C CA  . ASP A 1 98  ? 5.701   -10.964 -9.181  1.00 18.29 ? 98  ASP A CA  1 
ATOM   766  C C   . ASP A 1 98  ? 6.020   -11.822 -7.982  1.00 18.72 ? 98  ASP A C   1 
ATOM   767  O O   . ASP A 1 98  ? 7.059   -12.510 -7.925  1.00 18.16 ? 98  ASP A O   1 
ATOM   768  C CB  . ASP A 1 98  ? 6.925   -10.124 -9.613  1.00 18.30 ? 98  ASP A CB  1 
ATOM   769  C CG  . ASP A 1 98  ? 6.901   -9.706  -11.086 1.00 20.65 ? 98  ASP A CG  1 
ATOM   770  O OD1 . ASP A 1 98  ? 6.148   -10.302 -11.864 1.00 21.56 ? 98  ASP A OD1 1 
ATOM   771  O OD2 . ASP A 1 98  ? 7.661   -8.730  -11.317 1.00 24.99 ? 98  ASP A OD2 1 
ATOM   772  N N   . MET A 1 99  ? 5.147   -11.785 -6.974  1.00 16.81 ? 99  MET A N   1 
ATOM   773  C CA  . MET A 1 99  ? 5.267   -12.644 -5.790  1.00 18.59 ? 99  MET A CA  1 
ATOM   774  C C   . MET A 1 99  ? 3.965   -13.357 -5.594  1.00 18.28 ? 99  MET A C   1 
ATOM   775  O O   . MET A 1 99  ? 2.897   -12.757 -5.834  1.00 18.12 ? 99  MET A O   1 
ATOM   776  C CB  . MET A 1 99  ? 5.543   -11.776 -4.574  1.00 21.33 ? 99  MET A CB  1 
ATOM   777  C CG  . MET A 1 99  ? 6.830   -11.049 -4.707  1.00 20.99 ? 99  MET A CG  1 
ATOM   778  S SD  . MET A 1 99  ? 7.086   -9.877  -3.377  1.00 29.12 ? 99  MET A SD  1 
ATOM   779  C CE  . MET A 1 99  ? 8.329   -8.837  -4.027  1.00 29.61 ? 99  MET A CE  1 
ATOM   780  N N   . PRO A 1 100 ? 3.942   -14.587 -5.081  1.00 17.46 ? 100 PRO A N   1 
ATOM   781  C CA  . PRO A 1 100 ? 2.717   -15.357 -4.964  1.00 17.97 ? 100 PRO A CA  1 
ATOM   782  C C   . PRO A 1 100 ? 1.900   -14.890 -3.700  1.00 14.36 ? 100 PRO A C   1 
ATOM   783  O O   . PRO A 1 100 ? 2.511   -14.284 -2.835  1.00 15.86 ? 100 PRO A O   1 
ATOM   784  C CB  . PRO A 1 100 ? 3.237   -16.801 -4.712  1.00 19.66 ? 100 PRO A CB  1 
ATOM   785  C CG  . PRO A 1 100 ? 4.601   -16.612 -4.243  1.00 21.93 ? 100 PRO A CG  1 
ATOM   786  C CD  . PRO A 1 100 ? 5.168   -15.421 -4.849  1.00 19.11 ? 100 PRO A CD  1 
ATOM   787  N N   . PRO A 1 101 ? 0.616   -15.241 -3.644  1.00 17.48 ? 101 PRO A N   1 
ATOM   788  C CA  . PRO A 1 101 ? -0.103  -15.058 -2.409  1.00 17.70 ? 101 PRO A CA  1 
ATOM   789  C C   . PRO A 1 101 ? 0.629   -15.691 -1.216  1.00 19.42 ? 101 PRO A C   1 
ATOM   790  O O   . PRO A 1 101 ? 1.066   -16.880 -1.316  1.00 18.97 ? 101 PRO A O   1 
ATOM   791  C CB  . PRO A 1 101 ? -1.384  -15.804 -2.687  1.00 18.72 ? 101 PRO A CB  1 
ATOM   792  C CG  . PRO A 1 101 ? -1.576  -15.679 -4.123  1.00 18.02 ? 101 PRO A CG  1 
ATOM   793  C CD  . PRO A 1 101 ? -0.199  -15.983 -4.586  1.00 16.61 ? 101 PRO A CD  1 
ATOM   794  N N   . GLY A 1 102 ? 0.741   -14.953 -0.131  1.00 17.94 ? 102 GLY A N   1 
ATOM   795  C CA  . GLY A 1 102 ? 1.458   -15.403 1.080   1.00 18.68 ? 102 GLY A CA  1 
ATOM   796  C C   . GLY A 1 102 ? 2.791   -14.778 1.257   1.00 17.42 ? 102 GLY A C   1 
ATOM   797  O O   . GLY A 1 102 ? 3.471   -14.958 2.290   1.00 21.74 ? 102 GLY A O   1 
ATOM   798  N N   . VAL A 1 103 ? 3.294   -13.999 0.287   1.00 18.60 ? 103 VAL A N   1 
ATOM   799  C CA  . VAL A 1 103 ? 4.569   -13.351 0.336   1.00 19.07 ? 103 VAL A CA  1 
ATOM   800  C C   . VAL A 1 103 ? 4.414   -11.815 0.332   1.00 23.81 ? 103 VAL A C   1 
ATOM   801  O O   . VAL A 1 103 ? 3.743   -11.309 -0.584  1.00 22.30 ? 103 VAL A O   1 
ATOM   802  C CB  . VAL A 1 103 ? 5.447   -13.729 -0.909  1.00 22.67 ? 103 VAL A CB  1 
ATOM   803  C CG1 . VAL A 1 103 ? 6.748   -13.007 -0.907  1.00 22.19 ? 103 VAL A CG1 1 
ATOM   804  C CG2 . VAL A 1 103 ? 5.679   -15.232 -0.923  1.00 23.06 ? 103 VAL A CG2 1 
ATOM   805  N N   . ALA A 1 104 ? 5.064   -11.126 1.260   1.00 21.17 ? 104 ALA A N   1 
ATOM   806  C CA  . ALA A 1 104 ? 5.177   -9.651  1.384   1.00 22.04 ? 104 ALA A CA  1 
ATOM   807  C C   . ALA A 1 104 ? 6.619   -9.279  1.434   1.00 22.75 ? 104 ALA A C   1 
ATOM   808  O O   . ALA A 1 104 ? 7.414   -9.920  2.178   1.00 22.96 ? 104 ALA A O   1 
ATOM   809  C CB  . ALA A 1 104 ? 4.483   -9.144  2.607   1.00 22.83 ? 104 ALA A CB  1 
ATOM   810  N N   . LYS A 1 105 ? 6.993   -8.243  0.712   1.00 20.26 ? 105 LYS A N   1 
ATOM   811  C CA  . LYS A 1 105 ? 8.314   -7.714  0.708   1.00 21.82 ? 105 LYS A CA  1 
ATOM   812  C C   . LYS A 1 105 ? 8.317   -6.209  0.703   1.00 22.82 ? 105 LYS A C   1 
ATOM   813  O O   . LYS A 1 105 ? 7.372   -5.558  0.211   1.00 18.26 ? 105 LYS A O   1 
ATOM   814  C CB  . LYS A 1 105 ? 9.126   -8.248  -0.475  1.00 25.76 ? 105 LYS A CB  1 
ATOM   815  C CG  . LYS A 1 105 ? 9.375   -9.735  -0.373  1.00 27.75 ? 105 LYS A CG  1 
ATOM   816  C CD  . LYS A 1 105 ? 10.565  -10.202 -1.212  1.00 31.93 ? 105 LYS A CD  1 
ATOM   817  C CE  . LYS A 1 105 ? 10.520  -11.710 -1.501  1.00 37.51 ? 105 LYS A CE  1 
ATOM   818  N NZ  . LYS A 1 105 ? 10.764  -12.553 -0.290  1.00 42.41 ? 105 LYS A NZ  1 
ATOM   819  N N   . LEU A 1 106 ? 9.387   -5.598  1.139   1.00 19.80 ? 106 LEU A N   1 
ATOM   820  C CA  . LEU A 1 106 ? 9.607   -4.213  1.151   1.00 20.64 ? 106 LEU A CA  1 
ATOM   821  C C   . LEU A 1 106 ? 10.665  -3.843  0.119   1.00 22.98 ? 106 LEU A C   1 
ATOM   822  O O   . LEU A 1 106 ? 11.571  -4.662  -0.167  1.00 25.82 ? 106 LEU A O   1 
ATOM   823  C CB  . LEU A 1 106 ? 10.003  -3.769  2.564   1.00 21.41 ? 106 LEU A CB  1 
ATOM   824  C CG  . LEU A 1 106 ? 8.920   -3.772  3.604   1.00 21.09 ? 106 LEU A CG  1 
ATOM   825  C CD1 . LEU A 1 106 ? 9.450   -3.791  5.062   1.00 23.03 ? 106 LEU A CD1 1 
ATOM   826  C CD2 . LEU A 1 106 ? 8.033   -2.526  3.441   1.00 22.49 ? 106 LEU A CD2 1 
ATOM   827  N N   . LYS A 1 107 ? 10.562  -2.652  -0.418  1.00 21.62 ? 107 LYS A N   1 
ATOM   828  C CA  . LYS A 1 107 ? 11.459  -2.140  -1.431  1.00 24.48 ? 107 LYS A CA  1 
ATOM   829  C C   . LYS A 1 107 ? 11.481  -0.670  -1.352  1.00 24.91 ? 107 LYS A C   1 
ATOM   830  O O   . LYS A 1 107 ? 10.447  0.021   -1.208  1.00 22.19 ? 107 LYS A O   1 
ATOM   831  C CB  . LYS A 1 107 ? 10.992  -2.583  -2.830  1.00 28.76 ? 107 LYS A CB  1 
ATOM   832  C CG  . LYS A 1 107 ? 11.630  -1.928  -4.069  1.00 32.21 ? 107 LYS A CG  1 
ATOM   833  C CD  . LYS A 1 107 ? 10.845  -2.450  -5.275  1.00 36.83 ? 107 LYS A CD  1 
ATOM   834  C CE  . LYS A 1 107 ? 11.347  -2.057  -6.669  1.00 41.51 ? 107 LYS A CE  1 
ATOM   835  N NZ  . LYS A 1 107 ? 12.778  -2.408  -6.861  1.00 40.52 ? 107 LYS A NZ  1 
ATOM   836  N N   . THR A 1 108 ? 12.664  -0.121  -1.552  1.00 23.48 ? 108 THR A N   1 
ATOM   837  C CA  . THR A 1 108 ? 12.852  1.263   -1.597  1.00 23.69 ? 108 THR A CA  1 
ATOM   838  C C   . THR A 1 108 ? 13.119  1.730   -3.009  1.00 29.57 ? 108 THR A C   1 
ATOM   839  O O   . THR A 1 108 ? 14.088  1.296   -3.650  1.00 28.31 ? 108 THR A O   1 
ATOM   840  C CB  . THR A 1 108 ? 13.965  1.757   -0.638  1.00 26.51 ? 108 THR A CB  1 
ATOM   841  O OG1 . THR A 1 108 ? 13.614  1.492   0.734   1.00 26.05 ? 108 THR A OG1 1 
ATOM   842  C CG2 . THR A 1 108 ? 14.198  3.205   -0.803  1.00 26.41 ? 108 THR A CG2 1 
ATOM   843  N N   . GLY A 1 109 ? 12.271  2.620   -3.509  1.00 29.22 ? 109 GLY A N   1 
ATOM   844  C CA  . GLY A 1 109 ? 12.480  3.245   -4.793  1.00 30.53 ? 109 GLY A CA  1 
ATOM   845  C C   . GLY A 1 109 ? 12.335  2.253   -5.917  1.00 27.70 ? 109 GLY A C   1 
ATOM   846  O O   . GLY A 1 109 ? 11.687  1.192   -5.782  1.00 28.36 ? 109 GLY A O   1 
ATOM   847  N N   . GLY A 1 110 ? 12.931  2.634   -7.053  1.00 30.58 ? 110 GLY A N   1 
ATOM   848  C CA  . GLY A 1 110 ? 12.848  1.825   -8.269  1.00 31.57 ? 110 GLY A CA  1 
ATOM   849  C C   . GLY A 1 110 ? 11.630  2.181   -9.105  1.00 31.27 ? 110 GLY A C   1 
ATOM   850  O O   . GLY A 1 110 ? 10.998  3.224   -8.872  1.00 33.25 ? 110 GLY A O   1 
ATOM   851  N N   . GLY A 1 111 ? 11.320  1.326   -10.068 1.00 31.03 ? 111 GLY A N   1 
ATOM   852  C CA  . GLY A 1 111 ? 10.268  1.615   -11.055 1.00 30.78 ? 111 GLY A CA  1 
ATOM   853  C C   . GLY A 1 111 ? 8.898   1.139   -10.594 1.00 31.39 ? 111 GLY A C   1 
ATOM   854  O O   . GLY A 1 111 ? 8.707   0.685   -9.454  1.00 32.29 ? 111 GLY A O   1 
ATOM   855  N N   . HIS A 1 112 ? 7.924   1.235   -11.480 1.00 27.55 ? 112 HIS A N   1 
ATOM   856  C CA  . HIS A 1 112 ? 6.547   0.812   -11.202 1.00 25.60 ? 112 HIS A CA  1 
ATOM   857  C C   . HIS A 1 112 ? 6.189   -0.589  -11.616 1.00 28.08 ? 112 HIS A C   1 
ATOM   858  O O   . HIS A 1 112 ? 5.165   -1.102  -11.174 1.00 26.66 ? 112 HIS A O   1 
ATOM   859  C CB  . HIS A 1 112 ? 5.545   1.836   -11.773 1.00 23.76 ? 112 HIS A CB  1 
ATOM   860  C CG  . HIS A 1 112 ? 5.774   2.151   -13.215 1.00 26.59 ? 112 HIS A CG  1 
ATOM   861  N ND1 . HIS A 1 112 ? 5.428   1.279   -14.221 1.00 30.79 ? 112 HIS A ND1 1 
ATOM   862  C CD2 . HIS A 1 112 ? 6.351   3.215   -13.806 1.00 31.97 ? 112 HIS A CD2 1 
ATOM   863  C CE1 . HIS A 1 112 ? 5.732   1.820   -15.385 1.00 30.79 ? 112 HIS A CE1 1 
ATOM   864  N NE2 . HIS A 1 112 ? 6.308   2.984   -15.161 1.00 32.07 ? 112 HIS A NE2 1 
ATOM   865  N N   . GLY A 1 113 ? 6.997   -1.229  -12.492 1.00 32.59 ? 113 GLY A N   1 
ATOM   866  C CA  . GLY A 1 113 ? 6.684   -2.595  -12.967 1.00 34.92 ? 113 GLY A CA  1 
ATOM   867  C C   . GLY A 1 113 ? 5.341   -2.748  -13.651 1.00 36.53 ? 113 GLY A C   1 
ATOM   868  O O   . GLY A 1 113 ? 4.662   -3.781  -13.532 1.00 44.55 ? 113 GLY A O   1 
ATOM   869  N N   . GLY A 1 114 ? 4.939   -1.707  -14.357 1.00 33.79 ? 114 GLY A N   1 
ATOM   870  C CA  . GLY A 1 114 ? 3.635   -1.645  -14.949 1.00 33.50 ? 114 GLY A CA  1 
ATOM   871  C C   . GLY A 1 114 ? 2.420   -1.435  -14.072 1.00 28.98 ? 114 GLY A C   1 
ATOM   872  O O   . GLY A 1 114 ? 1.281   -1.444  -14.565 1.00 31.94 ? 114 GLY A O   1 
ATOM   873  N N   . HIS A 1 115 ? 2.621   -1.249  -12.743 1.00 25.37 ? 115 HIS A N   1 
ATOM   874  C CA  . HIS A 1 115 ? 1.535   -0.982  -11.858 1.00 22.58 ? 115 HIS A CA  1 
ATOM   875  C C   . HIS A 1 115 ? 1.144   0.466   -12.058 1.00 20.83 ? 115 HIS A C   1 
ATOM   876  O O   . HIS A 1 115 ? 1.929   1.334   -11.753 1.00 21.39 ? 115 HIS A O   1 
ATOM   877  C CB  . HIS A 1 115 ? 1.958   -1.182  -10.382 1.00 21.55 ? 115 HIS A CB  1 
ATOM   878  C CG  . HIS A 1 115 ? 0.809   -1.283  -9.442  1.00 18.65 ? 115 HIS A CG  1 
ATOM   879  N ND1 . HIS A 1 115 ? 0.026   -0.188  -9.103  1.00 17.86 ? 115 HIS A ND1 1 
ATOM   880  C CD2 . HIS A 1 115 ? 0.281   -2.328  -8.745  1.00 17.80 ? 115 HIS A CD2 1 
ATOM   881  C CE1 . HIS A 1 115 ? -0.922  -0.558  -8.278  1.00 18.83 ? 115 HIS A CE1 1 
ATOM   882  N NE2 . HIS A 1 115 ? -0.783  -1.862  -8.048  1.00 17.63 ? 115 HIS A NE2 1 
ATOM   883  N N   . ASN A 1 116 ? -0.070  0.643   -12.502 1.00 21.08 ? 116 ASN A N   1 
ATOM   884  C CA  . ASN A 1 116 ? -0.445  1.983   -12.990 1.00 21.22 ? 116 ASN A CA  1 
ATOM   885  C C   . ASN A 1 116 ? -0.766  2.932   -11.861 1.00 19.93 ? 116 ASN A C   1 
ATOM   886  O O   . ASN A 1 116 ? -0.617  4.147   -11.952 1.00 19.49 ? 116 ASN A O   1 
ATOM   887  C CB  . ASN A 1 116 ? -1.499  1.838   -14.074 1.00 25.00 ? 116 ASN A CB  1 
ATOM   888  C CG  . ASN A 1 116 ? -0.948  1.135   -15.332 1.00 27.37 ? 116 ASN A CG  1 
ATOM   889  O OD1 . ASN A 1 116 ? 0.280   1.116   -15.600 1.00 29.87 ? 116 ASN A OD1 1 
ATOM   890  N ND2 . ASN A 1 116 ? -1.849  0.499   -16.077 1.00 36.04 ? 116 ASN A ND2 1 
ATOM   891  N N   . GLY A 1 117 ? -0.980  2.387   -10.656 1.00 17.72 ? 117 GLY A N   1 
ATOM   892  C CA  . GLY A 1 117 ? -1.058  3.201   -9.461  1.00 16.47 ? 117 GLY A CA  1 
ATOM   893  C C   . GLY A 1 117 ? 0.283   3.771   -9.036  1.00 16.48 ? 117 GLY A C   1 
ATOM   894  O O   . GLY A 1 117 ? 0.487   4.953   -8.802  1.00 16.90 ? 117 GLY A O   1 
ATOM   895  N N   . LEU A 1 118 ? 1.282   2.904   -8.955  1.00 16.48 ? 118 LEU A N   1 
ATOM   896  C CA  . LEU A 1 118 ? 2.599   3.351   -8.693  1.00 16.49 ? 118 LEU A CA  1 
ATOM   897  C C   . LEU A 1 118 ? 3.076   4.346   -9.728  1.00 17.22 ? 118 LEU A C   1 
ATOM   898  O O   . LEU A 1 118 ? 3.752   5.260   -9.415  1.00 15.85 ? 118 LEU A O   1 
ATOM   899  C CB  . LEU A 1 118 ? 3.651   2.198   -8.579  1.00 17.87 ? 118 LEU A CB  1 
ATOM   900  C CG  . LEU A 1 118 ? 3.415   1.180   -7.445  1.00 18.52 ? 118 LEU A CG  1 
ATOM   901  C CD1 . LEU A 1 118 ? 4.429   0.042   -7.615  1.00 19.57 ? 118 LEU A CD1 1 
ATOM   902  C CD2 . LEU A 1 118 ? 3.523   1.861   -6.085  1.00 21.10 ? 118 LEU A CD2 1 
ATOM   903  N N   . ARG A 1 119 ? 2.782   4.052   -11.003 1.00 16.79 ? 119 ARG A N   1 
ATOM   904  C CA  . ARG A 1 119 ? 3.234   4.922   -12.092 1.00 18.24 ? 119 ARG A CA  1 
ATOM   905  C C   . ARG A 1 119 ? 2.679   6.310   -11.901 1.00 17.48 ? 119 ARG A C   1 
ATOM   906  O O   . ARG A 1 119 ? 3.414   7.297   -12.030 1.00 18.23 ? 119 ARG A O   1 
ATOM   907  C CB  . ARG A 1 119 ? 2.748   4.359   -13.433 1.00 19.68 ? 119 ARG A CB  1 
ATOM   908  C CG  . ARG A 1 119 ? 3.305   5.196   -14.591 1.00 20.64 ? 119 ARG A CG  1 
ATOM   909  C CD  . ARG A 1 119 ? 2.887   4.663   -15.947 1.00 23.05 ? 119 ARG A CD  1 
ATOM   910  N NE  . ARG A 1 119 ? 1.500   4.749   -16.103 1.00 19.56 ? 119 ARG A NE  1 
ATOM   911  C CZ  . ARG A 1 119 ? 0.801   4.016   -16.962 1.00 22.87 ? 119 ARG A CZ  1 
ATOM   912  N NH1 . ARG A 1 119 ? 1.465   3.186   -17.781 1.00 22.26 ? 119 ARG A NH1 1 
ATOM   913  N NH2 . ARG A 1 119 ? -0.500  4.101   -17.054 1.00 22.84 ? 119 ARG A NH2 1 
ATOM   914  N N   . ASP A 1 120 ? 1.402   6.410   -11.532 1.00 17.12 ? 120 ASP A N   1 
ATOM   915  C CA  . ASP A 1 120 ? 0.829   7.724   -11.348 1.00 16.27 ? 120 ASP A CA  1 
ATOM   916  C C   . ASP A 1 120 ? 1.445   8.447   -10.162 1.00 14.74 ? 120 ASP A C   1 
ATOM   917  O O   . ASP A 1 120 ? 1.573   9.695   -10.120 1.00 15.87 ? 120 ASP A O   1 
ATOM   918  C CB  . ASP A 1 120 ? -0.663  7.652   -11.244 1.00 15.38 ? 120 ASP A CB  1 
ATOM   919  C CG  . ASP A 1 120 ? -1.332  9.011   -11.431 1.00 17.04 ? 120 ASP A CG  1 
ATOM   920  O OD1 . ASP A 1 120 ? -1.150  9.549   -12.590 1.00 18.28 ? 120 ASP A OD1 1 
ATOM   921  O OD2 . ASP A 1 120 ? -1.985  9.522   -10.514 1.00 17.25 ? 120 ASP A OD2 1 
ATOM   922  N N   . ILE A 1 121 ? 1.710   7.719   -9.070  1.00 14.58 ? 121 ILE A N   1 
ATOM   923  C CA  . ILE A 1 121 ? 2.328   8.352   -7.921  1.00 15.17 ? 121 ILE A CA  1 
ATOM   924  C C   . ILE A 1 121 ? 3.724   8.905   -8.245  1.00 16.42 ? 121 ILE A C   1 
ATOM   925  O O   . ILE A 1 121 ? 4.035   10.014  -7.910  1.00 17.89 ? 121 ILE A O   1 
ATOM   926  C CB  . ILE A 1 121 ? 2.414   7.352   -6.743  1.00 15.38 ? 121 ILE A CB  1 
ATOM   927  C CG1 . ILE A 1 121 ? 1.001   7.052   -6.259  1.00 15.24 ? 121 ILE A CG1 1 
ATOM   928  C CG2 . ILE A 1 121 ? 3.236   7.900   -5.600  1.00 17.35 ? 121 ILE A CG2 1 
ATOM   929  C CD1 . ILE A 1 121 ? 0.884   5.877   -5.300  1.00 16.21 ? 121 ILE A CD1 1 
ATOM   930  N N   . ILE A 1 122 ? 4.491   8.087   -8.904  1.00 18.09 ? 122 ILE A N   1 
ATOM   931  C CA  . ILE A 1 122 ? 5.865   8.558   -9.321  1.00 21.34 ? 122 ILE A CA  1 
ATOM   932  C C   . ILE A 1 122 ? 5.704   9.827   -10.159 1.00 21.54 ? 122 ILE A C   1 
ATOM   933  O O   . ILE A 1 122 ? 6.395   10.812  -9.939  1.00 24.67 ? 122 ILE A O   1 
ATOM   934  C CB  . ILE A 1 122 ? 6.566   7.469   -10.104 1.00 21.23 ? 122 ILE A CB  1 
ATOM   935  C CG1 . ILE A 1 122 ? 6.931   6.283   -9.188  1.00 21.15 ? 122 ILE A CG1 1 
ATOM   936  C CG2 . ILE A 1 122 ? 7.799   8.055   -10.818 1.00 22.19 ? 122 ILE A CG2 1 
ATOM   937  C CD1 . ILE A 1 122 ? 7.286   5.039   -9.928  1.00 21.55 ? 122 ILE A CD1 1 
ATOM   938  N N   . ALA A 1 123 ? 4.738   9.806   -11.083 1.00 21.80 ? 123 ALA A N   1 
ATOM   939  C CA  . ALA A 1 123 ? 4.550   10.951  -11.994 1.00 23.47 ? 123 ALA A CA  1 
ATOM   940  C C   . ALA A 1 123 ? 4.159   12.187  -11.198 1.00 26.04 ? 123 ALA A C   1 
ATOM   941  O O   . ALA A 1 123 ? 4.741   13.247  -11.376 1.00 25.51 ? 123 ALA A O   1 
ATOM   942  C CB  . ALA A 1 123 ? 3.512   10.636  -13.060 1.00 23.19 ? 123 ALA A CB  1 
ATOM   943  N N   . GLN A 1 124 ? 3.168   12.071  -10.330 1.00 21.54 ? 124 GLN A N   1 
ATOM   944  C CA  . GLN A 1 124 ? 2.626   13.192  -9.578  1.00 25.84 ? 124 GLN A CA  1 
ATOM   945  C C   . GLN A 1 124 ? 3.527   13.765  -8.565  1.00 30.36 ? 124 GLN A C   1 
ATOM   946  O O   . GLN A 1 124 ? 3.354   14.888  -8.201  1.00 34.85 ? 124 GLN A O   1 
ATOM   947  C CB  . GLN A 1 124 ? 1.308   12.870  -8.884  1.00 28.70 ? 124 GLN A CB  1 
ATOM   948  C CG  . GLN A 1 124 ? 0.096   12.766  -9.777  1.00 30.58 ? 124 GLN A CG  1 
ATOM   949  C CD  . GLN A 1 124 ? -0.389  14.091  -10.273 1.00 39.09 ? 124 GLN A CD  1 
ATOM   950  O OE1 . GLN A 1 124 ? 0.354   14.814  -10.831 1.00 40.48 ? 124 GLN A OE1 1 
ATOM   951  N NE2 . GLN A 1 124 ? -1.640  14.387  -10.080 1.00 40.05 ? 124 GLN A NE2 1 
ATOM   952  N N   . LEU A 1 125 ? 4.383   12.953  -8.009  1.00 26.69 ? 125 LEU A N   1 
ATOM   953  C CA  . LEU A 1 125 ? 5.342   13.422  -7.006  1.00 27.97 ? 125 LEU A CA  1 
ATOM   954  C C   . LEU A 1 125 ? 6.524   14.109  -7.687  1.00 34.98 ? 125 LEU A C   1 
ATOM   955  O O   . LEU A 1 125 ? 7.598   14.244  -7.091  1.00 36.08 ? 125 LEU A O   1 
ATOM   956  C CB  . LEU A 1 125 ? 5.841   12.284  -6.105  1.00 26.19 ? 125 LEU A CB  1 
ATOM   957  C CG  . LEU A 1 125 ? 4.812   11.768  -5.079  1.00 24.93 ? 125 LEU A CG  1 
ATOM   958  C CD1 . LEU A 1 125 ? 5.406   10.609  -4.321  1.00 23.15 ? 125 LEU A CD1 1 
ATOM   959  C CD2 . LEU A 1 125 ? 4.185   12.850  -4.177  1.00 25.02 ? 125 LEU A CD2 1 
ATOM   960  N N   . GLY A 1 126 ? 6.336   14.484  -8.954  1.00 39.37 ? 126 GLY A N   1 
ATOM   961  C CA  . GLY A 1 126 ? 7.410   15.116  -9.729  1.00 42.70 ? 126 GLY A CA  1 
ATOM   962  C C   . GLY A 1 126 ? 8.517   14.117  -10.059 1.00 45.60 ? 126 GLY A C   1 
ATOM   963  O O   . GLY A 1 126 ? 9.700   14.372  -9.801  1.00 47.45 ? 126 GLY A O   1 
ATOM   964  N N   . ASN A 1 127 ? 8.135   12.973  -10.580 1.00 41.66 ? 127 ASN A N   1 
ATOM   965  C CA  . ASN A 1 127 ? 9.087   11.917  -10.904 1.00 43.58 ? 127 ASN A CA  1 
ATOM   966  C C   . ASN A 1 127 ? 10.007  11.576  -9.787  1.00 40.52 ? 127 ASN A C   1 
ATOM   967  O O   . ASN A 1 127 ? 11.194  11.430  -9.979  1.00 39.81 ? 127 ASN A O   1 
ATOM   968  C CB  . ASN A 1 127 ? 9.841   12.178  -12.196 1.00 45.33 ? 127 ASN A CB  1 
ATOM   969  C CG  . ASN A 1 127 ? 8.923   12.538  -13.278 1.00 48.60 ? 127 ASN A CG  1 
ATOM   970  O OD1 . ASN A 1 127 ? 8.356   11.690  -13.925 1.00 53.21 ? 127 ASN A OD1 1 
ATOM   971  N ND2 . ASN A 1 127 ? 8.688   13.811  -13.408 1.00 53.55 ? 127 ASN A ND2 1 
ATOM   972  N N   . GLN A 1 128 ? 9.439   11.456  -8.604  1.00 33.37 ? 128 GLN A N   1 
ATOM   973  C CA  . GLN A 1 128 ? 10.156  10.961  -7.469  1.00 38.95 ? 128 GLN A CA  1 
ATOM   974  C C   . GLN A 1 128 ? 9.681   9.551   -7.210  1.00 38.82 ? 128 GLN A C   1 
ATOM   975  O O   . GLN A 1 128 ? 8.536   9.320   -7.033  1.00 31.07 ? 128 GLN A O   1 
ATOM   976  C CB  . GLN A 1 128 ? 9.895   11.835  -6.261  1.00 41.58 ? 128 GLN A CB  1 
ATOM   977  C CG  . GLN A 1 128 ? 10.373  13.261  -6.402  1.00 48.05 ? 128 GLN A CG  1 
ATOM   978  C CD  . GLN A 1 128 ? 11.146  13.698  -5.201  1.00 53.19 ? 128 GLN A CD  1 
ATOM   979  O OE1 . GLN A 1 128 ? 10.762  14.636  -4.520  1.00 54.46 ? 128 GLN A OE1 1 
ATOM   980  N NE2 . GLN A 1 128 ? 12.196  12.967  -4.887  1.00 55.82 ? 128 GLN A NE2 1 
ATOM   981  N N   . ASN A 1 129 ? 10.604  8.614   -7.235  1.00 35.28 ? 129 ASN A N   1 
ATOM   982  C CA  . ASN A 1 129 ? 10.260  7.211   -7.080  1.00 38.02 ? 129 ASN A CA  1 
ATOM   983  C C   . ASN A 1 129 ? 10.873  6.654   -5.784  1.00 35.95 ? 129 ASN A C   1 
ATOM   984  O O   . ASN A 1 129 ? 10.682  5.464   -5.485  1.00 34.65 ? 129 ASN A O   1 
ATOM   985  C CB  . ASN A 1 129 ? 10.692  6.402   -8.307  1.00 43.84 ? 129 ASN A CB  1 
ATOM   986  C CG  . ASN A 1 129 ? 12.195  6.355   -8.466  1.00 44.56 ? 129 ASN A CG  1 
ATOM   987  O OD1 . ASN A 1 129 ? 12.885  7.300   -8.123  1.00 48.86 ? 129 ASN A OD1 1 
ATOM   988  N ND2 . ASN A 1 129 ? 12.702  5.259   -8.972  1.00 51.21 ? 129 ASN A ND2 1 
ATOM   989  N N   . SER A 1 130 ? 11.419  7.545   -4.971  1.00 31.89 ? 130 SER A N   1 
ATOM   990  C CA  . SER A 1 130 ? 12.229  7.242   -3.800  1.00 29.55 ? 130 SER A CA  1 
ATOM   991  C C   . SER A 1 130 ? 11.394  7.031   -2.524  1.00 29.62 ? 130 SER A C   1 
ATOM   992  O O   . SER A 1 130 ? 11.883  7.045   -1.417  1.00 34.05 ? 130 SER A O   1 
ATOM   993  C CB  . SER A 1 130 ? 13.307  8.275   -3.587  1.00 34.26 ? 130 SER A CB  1 
ATOM   994  O OG  . SER A 1 130 ? 12.829  9.432   -2.978  1.00 40.90 ? 130 SER A OG  1 
ATOM   995  N N   . PHE A 1 131 ? 10.116  6.827   -2.724  1.00 23.49 ? 131 PHE A N   1 
ATOM   996  C CA  . PHE A 1 131 ? 9.295   6.313   -1.687  1.00 21.21 ? 131 PHE A CA  1 
ATOM   997  C C   . PHE A 1 131 ? 9.456   4.805   -1.496  1.00 18.90 ? 131 PHE A C   1 
ATOM   998  O O   . PHE A 1 131 ? 9.957   4.094   -2.317  1.00 18.85 ? 131 PHE A O   1 
ATOM   999  C CB  . PHE A 1 131 ? 7.850   6.753   -1.914  1.00 19.91 ? 131 PHE A CB  1 
ATOM   1000 C CG  . PHE A 1 131 ? 7.253   6.249   -3.203  1.00 17.20 ? 131 PHE A CG  1 
ATOM   1001 C CD1 . PHE A 1 131 ? 6.675   5.039   -3.249  1.00 17.84 ? 131 PHE A CD1 1 
ATOM   1002 C CD2 . PHE A 1 131 ? 7.278   7.003   -4.337  1.00 21.59 ? 131 PHE A CD2 1 
ATOM   1003 C CE1 . PHE A 1 131 ? 6.100   4.582   -4.407  1.00 19.20 ? 131 PHE A CE1 1 
ATOM   1004 C CE2 . PHE A 1 131 ? 6.727   6.557   -5.495  1.00 21.21 ? 131 PHE A CE2 1 
ATOM   1005 C CZ  . PHE A 1 131 ? 6.136   5.346   -5.529  1.00 21.08 ? 131 PHE A CZ  1 
ATOM   1006 N N   . HIS A 1 132 ? 8.990   4.342   -0.366  1.00 17.96 ? 132 HIS A N   1 
ATOM   1007 C CA  . HIS A 1 132 ? 9.057   2.989   -0.016  1.00 17.05 ? 132 HIS A CA  1 
ATOM   1008 C C   . HIS A 1 132 ? 7.812   2.236   -0.364  1.00 18.13 ? 132 HIS A C   1 
ATOM   1009 O O   . HIS A 1 132 ? 6.770   2.881   -0.415  1.00 16.43 ? 132 HIS A O   1 
ATOM   1010 C CB  . HIS A 1 132 ? 9.307   2.842   1.521   1.00 18.08 ? 132 HIS A CB  1 
ATOM   1011 C CG  . HIS A 1 132 ? 10.422  3.698   1.979   1.00 20.75 ? 132 HIS A CG  1 
ATOM   1012 N ND1 . HIS A 1 132 ? 11.742  3.338   1.749   1.00 24.55 ? 132 HIS A ND1 1 
ATOM   1013 C CD2 . HIS A 1 132 ? 10.440  4.919   2.524   1.00 20.05 ? 132 HIS A CD2 1 
ATOM   1014 C CE1 . HIS A 1 132 ? 12.515  4.336   2.127   1.00 21.79 ? 132 HIS A CE1 1 
ATOM   1015 N NE2 . HIS A 1 132 ? 11.760  5.303   2.614   1.00 23.68 ? 132 HIS A NE2 1 
ATOM   1016 N N   . ARG A 1 133 ? 7.910   0.958   -0.657  1.00 15.21 ? 133 ARG A N   1 
ATOM   1017 C CA  . ARG A 1 133 ? 6.808   0.095   -1.075  1.00 16.94 ? 133 ARG A CA  1 
ATOM   1018 C C   . ARG A 1 133 ? 6.685   -1.153  -0.262  1.00 16.90 ? 133 ARG A C   1 
ATOM   1019 O O   . ARG A 1 133 ? 7.685   -1.877  0.030   1.00 18.34 ? 133 ARG A O   1 
ATOM   1020 C CB  . ARG A 1 133 ? 6.920   -0.304  -2.543  1.00 16.80 ? 133 ARG A CB  1 
ATOM   1021 C CG  . ARG A 1 133 ? 7.048   0.877   -3.494  1.00 18.08 ? 133 ARG A CG  1 
ATOM   1022 C CD  . ARG A 1 133 ? 8.520   1.199   -3.770  1.00 20.94 ? 133 ARG A CD  1 
ATOM   1023 N NE  . ARG A 1 133 ? 8.754   2.325   -4.659  1.00 21.95 ? 133 ARG A NE  1 
ATOM   1024 C CZ  . ARG A 1 133 ? 8.737   2.222   -5.991  1.00 22.48 ? 133 ARG A CZ  1 
ATOM   1025 N NH1 . ARG A 1 133 ? 8.363   1.079   -6.601  1.00 22.46 ? 133 ARG A NH1 1 
ATOM   1026 N NH2 . ARG A 1 133 ? 9.026   3.310   -6.695  1.00 25.43 ? 133 ARG A NH2 1 
ATOM   1027 N N   . LEU A 1 134 ? 5.468   -1.495  0.133   1.00 14.61 ? 134 LEU A N   1 
ATOM   1028 C CA  . LEU A 1 134 ? 5.154   -2.751  0.672   1.00 13.98 ? 134 LEU A CA  1 
ATOM   1029 C C   . LEU A 1 134 ? 4.462   -3.546  -0.400  1.00 17.10 ? 134 LEU A C   1 
ATOM   1030 O O   . LEU A 1 134 ? 3.341   -3.277  -0.781  1.00 15.31 ? 134 LEU A O   1 
ATOM   1031 C CB  . LEU A 1 134 ? 4.274   -2.690  1.951   1.00 14.56 ? 134 LEU A CB  1 
ATOM   1032 C CG  . LEU A 1 134 ? 3.766   -3.987  2.491   1.00 15.75 ? 134 LEU A CG  1 
ATOM   1033 C CD1 . LEU A 1 134 ? 4.836   -4.958  2.991   1.00 17.08 ? 134 LEU A CD1 1 
ATOM   1034 C CD2 . LEU A 1 134 ? 2.833   -3.726  3.672   1.00 17.80 ? 134 LEU A CD2 1 
ATOM   1035 N N   . ARG A 1 135 ? 5.178   -4.544  -0.874  1.00 15.31 ? 135 ARG A N   1 
ATOM   1036 C CA  . ARG A 1 135 ? 4.762   -5.348  -1.992  1.00 16.35 ? 135 ARG A CA  1 
ATOM   1037 C C   . ARG A 1 135 ? 4.027   -6.582  -1.494  1.00 16.32 ? 135 ARG A C   1 
ATOM   1038 O O   . ARG A 1 135 ? 4.607   -7.408  -0.871  1.00 18.73 ? 135 ARG A O   1 
ATOM   1039 C CB  . ARG A 1 135 ? 5.988   -5.755  -2.837  1.00 18.17 ? 135 ARG A CB  1 
ATOM   1040 C CG  . ARG A 1 135 ? 6.874   -4.609  -3.232  1.00 17.09 ? 135 ARG A CG  1 
ATOM   1041 C CD  . ARG A 1 135 ? 8.134   -5.136  -3.867  1.00 22.12 ? 135 ARG A CD  1 
ATOM   1042 N NE  . ARG A 1 135 ? 7.928   -5.740  -5.156  1.00 25.16 ? 135 ARG A NE  1 
ATOM   1043 C CZ  . ARG A 1 135 ? 8.898   -6.314  -5.824  1.00 31.82 ? 135 ARG A CZ  1 
ATOM   1044 N NH1 . ARG A 1 135 ? 10.095  -6.394  -5.289  1.00 33.67 ? 135 ARG A NH1 1 
ATOM   1045 N NH2 . ARG A 1 135 ? 8.681   -6.814  -7.024  1.00 34.32 ? 135 ARG A NH2 1 
ATOM   1046 N N   . LEU A 1 136 ? 2.731   -6.682  -1.790  1.00 14.54 ? 136 LEU A N   1 
ATOM   1047 C CA  . LEU A 1 136 ? 1.920   -7.762  -1.274  1.00 14.54 ? 136 LEU A CA  1 
ATOM   1048 C C   . LEU A 1 136 ? 1.565   -8.761  -2.363  1.00 15.74 ? 136 LEU A C   1 
ATOM   1049 O O   . LEU A 1 136 ? 0.876   -8.457  -3.328  1.00 14.96 ? 136 LEU A O   1 
ATOM   1050 C CB  . LEU A 1 136 ? 0.620   -7.164  -0.718  1.00 14.80 ? 136 LEU A CB  1 
ATOM   1051 C CG  . LEU A 1 136 ? 0.805   -6.204  0.440   1.00 16.05 ? 136 LEU A CG  1 
ATOM   1052 C CD1 . LEU A 1 136 ? -0.478  -5.426  0.758   1.00 17.30 ? 136 LEU A CD1 1 
ATOM   1053 C CD2 . LEU A 1 136 ? 1.271   -6.977  1.674   1.00 15.93 ? 136 LEU A CD2 1 
ATOM   1054 N N   . GLY A 1 137 ? 2.110   -9.974  -2.315  1.00 16.30 ? 137 GLY A N   1 
ATOM   1055 C CA  . GLY A 1 137 ? 1.971   -10.851 -3.443  1.00 15.78 ? 137 GLY A CA  1 
ATOM   1056 C C   . GLY A 1 137 ? 0.581   -11.258 -3.730  1.00 16.84 ? 137 GLY A C   1 
ATOM   1057 O O   . GLY A 1 137 ? -0.181  -11.622 -2.848  1.00 16.12 ? 137 GLY A O   1 
ATOM   1058 N N   . ILE A 1 138 ? 0.215   -11.224 -5.034  1.00 14.72 ? 138 ILE A N   1 
ATOM   1059 C CA  . ILE A 1 138 ? -1.024  -11.710 -5.487  1.00 15.24 ? 138 ILE A CA  1 
ATOM   1060 C C   . ILE A 1 138 ? -0.965  -12.803 -6.564  1.00 14.22 ? 138 ILE A C   1 
ATOM   1061 O O   . ILE A 1 138 ? -1.983  -13.303 -7.026  1.00 15.77 ? 138 ILE A O   1 
ATOM   1062 C CB  . ILE A 1 138 ? -1.962  -10.566 -6.017  1.00 15.40 ? 138 ILE A CB  1 
ATOM   1063 C CG1 . ILE A 1 138 ? -1.271  -9.862  -7.175  1.00 15.25 ? 138 ILE A CG1 1 
ATOM   1064 C CG2 . ILE A 1 138 ? -2.380  -9.666  -4.876  1.00 15.30 ? 138 ILE A CG2 1 
ATOM   1065 C CD1 . ILE A 1 138 ? -2.222  -9.055  -8.025  1.00 14.63 ? 138 ILE A CD1 1 
ATOM   1066 N N   . GLY A 1 139 ? 0.252   -13.198 -6.919  1.00 16.55 ? 139 GLY A N   1 
ATOM   1067 C CA  . GLY A 1 139 ? 0.401   -14.115 -8.023  1.00 16.14 ? 139 GLY A CA  1 
ATOM   1068 C C   . GLY A 1 139 ? 0.250   -13.507 -9.384  1.00 17.46 ? 139 GLY A C   1 
ATOM   1069 O O   . GLY A 1 139 ? -0.152  -12.382 -9.521  1.00 16.38 ? 139 GLY A O   1 
ATOM   1070 N N   . HIS A 1 140 ? 0.702   -14.245 -10.404 1.00 18.72 ? 140 HIS A N   1 
ATOM   1071 C CA  . HIS A 1 140 ? 0.626   -13.835 -11.791 1.00 20.04 ? 140 HIS A CA  1 
ATOM   1072 C C   . HIS A 1 140 ? -0.114  -14.899 -12.583 1.00 22.16 ? 140 HIS A C   1 
ATOM   1073 O O   . HIS A 1 140 ? 0.090   -16.095 -12.391 1.00 23.19 ? 140 HIS A O   1 
ATOM   1074 C CB  . HIS A 1 140 ? 2.054   -13.592 -12.328 1.00 19.94 ? 140 HIS A CB  1 
ATOM   1075 C CG  . HIS A 1 140 ? 2.080   -12.899 -13.647 1.00 20.70 ? 140 HIS A CG  1 
ATOM   1076 N ND1 . HIS A 1 140 ? 1.606   -13.493 -14.792 1.00 23.17 ? 140 HIS A ND1 1 
ATOM   1077 C CD2 . HIS A 1 140 ? 2.475   -11.660 -13.996 1.00 20.58 ? 140 HIS A CD2 1 
ATOM   1078 C CE1 . HIS A 1 140 ? 1.740   -12.658 -15.810 1.00 22.81 ? 140 HIS A CE1 1 
ATOM   1079 N NE2 . HIS A 1 140 ? 2.251   -11.533 -15.351 1.00 21.83 ? 140 HIS A NE2 1 
ATOM   1080 N N   . PRO A 1 141 ? -1.019  -14.486 -13.479 1.00 21.95 ? 141 PRO A N   1 
ATOM   1081 C CA  . PRO A 1 141 ? -1.786  -15.471 -14.233 1.00 23.15 ? 141 PRO A CA  1 
ATOM   1082 C C   . PRO A 1 141 ? -1.021  -16.246 -15.301 1.00 25.44 ? 141 PRO A C   1 
ATOM   1083 O O   . PRO A 1 141 ? -1.573  -17.230 -15.788 1.00 27.49 ? 141 PRO A O   1 
ATOM   1084 C CB  . PRO A 1 141 ? -2.851  -14.613 -14.904 1.00 22.16 ? 141 PRO A CB  1 
ATOM   1085 C CG  . PRO A 1 141 ? -2.240  -13.266 -15.028 1.00 20.98 ? 141 PRO A CG  1 
ATOM   1086 C CD  . PRO A 1 141 ? -1.433  -13.099 -13.775 1.00 20.03 ? 141 PRO A CD  1 
ATOM   1087 N N   . GLY A 1 142 ? 0.112   -15.727 -15.736 1.00 25.13 ? 142 GLY A N   1 
ATOM   1088 C CA  . GLY A 1 142 ? 0.995   -16.488 -16.591 1.00 31.95 ? 142 GLY A CA  1 
ATOM   1089 C C   . GLY A 1 142 ? 1.032   -16.054 -18.022 1.00 37.38 ? 142 GLY A C   1 
ATOM   1090 O O   . GLY A 1 142 ? 1.741   -16.671 -18.810 1.00 38.32 ? 142 GLY A O   1 
ATOM   1091 N N   . HIS A 1 143 ? 0.286   -15.022 -18.371 1.00 36.23 ? 143 HIS A N   1 
ATOM   1092 C CA  . HIS A 1 143 ? 0.521   -14.303 -19.620 1.00 41.43 ? 143 HIS A CA  1 
ATOM   1093 C C   . HIS A 1 143 ? 0.054   -12.889 -19.462 1.00 39.38 ? 143 HIS A C   1 
ATOM   1094 O O   . HIS A 1 143 ? -0.926  -12.654 -18.768 1.00 32.57 ? 143 HIS A O   1 
ATOM   1095 C CB  . HIS A 1 143 ? -0.186  -14.932 -20.809 1.00 47.78 ? 143 HIS A CB  1 
ATOM   1096 C CG  . HIS A 1 143 ? 0.142   -14.239 -22.102 1.00 58.77 ? 143 HIS A CG  1 
ATOM   1097 N ND1 . HIS A 1 143 ? -0.810  -13.616 -22.882 1.00 60.25 ? 143 HIS A ND1 1 
ATOM   1098 C CD2 . HIS A 1 143 ? 1.337   -14.000 -22.702 1.00 64.26 ? 143 HIS A CD2 1 
ATOM   1099 C CE1 . HIS A 1 143 ? -0.221  -13.052 -23.925 1.00 63.41 ? 143 HIS A CE1 1 
ATOM   1100 N NE2 . HIS A 1 143 ? 1.082   -13.268 -23.838 1.00 63.91 ? 143 HIS A NE2 1 
ATOM   1101 N N   . SER A 1 144 ? 0.743   -11.957 -20.122 1.00 36.79 ? 144 SER A N   1 
ATOM   1102 C CA  . SER A 1 144 ? 0.469   -10.519 -19.983 1.00 36.08 ? 144 SER A CA  1 
ATOM   1103 C C   . SER A 1 144 ? -0.964  -10.165 -20.347 1.00 33.60 ? 144 SER A C   1 
ATOM   1104 O O   . SER A 1 144 ? -1.519  -9.229  -19.787 1.00 28.85 ? 144 SER A O   1 
ATOM   1105 C CB  . SER A 1 144 ? 1.437   -9.670  -20.830 1.00 36.30 ? 144 SER A CB  1 
ATOM   1106 O OG  . SER A 1 144 ? 1.300   -10.022 -22.187 1.00 39.99 ? 144 SER A OG  1 
ATOM   1107 N N   . SER A 1 145 ? -1.562  -10.933 -21.259 1.00 35.25 ? 145 SER A N   1 
ATOM   1108 C CA  . SER A 1 145 ? -2.922  -10.687 -21.717 1.00 35.31 ? 145 SER A CA  1 
ATOM   1109 C C   . SER A 1 145 ? -3.957  -10.936 -20.668 1.00 32.65 ? 145 SER A C   1 
ATOM   1110 O O   . SER A 1 145 ? -5.086  -10.461 -20.779 1.00 33.18 ? 145 SER A O   1 
ATOM   1111 C CB  . SER A 1 145 ? -3.268  -11.519 -22.974 1.00 39.37 ? 145 SER A CB  1 
ATOM   1112 O OG  . SER A 1 145 ? -3.482  -12.898 -22.674 1.00 43.44 ? 145 SER A OG  1 
ATOM   1113 N N   . LEU A 1 146 ? -3.589  -11.721 -19.648 1.00 30.16 ? 146 LEU A N   1 
ATOM   1114 C CA  . LEU A 1 146 ? -4.524  -12.152 -18.607 1.00 27.84 ? 146 LEU A CA  1 
ATOM   1115 C C   . LEU A 1 146 ? -4.451  -11.234 -17.369 1.00 25.18 ? 146 LEU A C   1 
ATOM   1116 O O   . LEU A 1 146 ? -5.291  -11.362 -16.454 1.00 24.63 ? 146 LEU A O   1 
ATOM   1117 C CB  . LEU A 1 146 ? -4.213  -13.570 -18.128 1.00 31.12 ? 146 LEU A CB  1 
ATOM   1118 C CG  . LEU A 1 146 ? -4.375  -14.722 -19.140 1.00 35.76 ? 146 LEU A CG  1 
ATOM   1119 C CD1 . LEU A 1 146 ? -3.923  -16.034 -18.504 1.00 34.23 ? 146 LEU A CD1 1 
ATOM   1120 C CD2 . LEU A 1 146 ? -5.823  -14.835 -19.596 1.00 36.68 ? 146 LEU A CD2 1 
ATOM   1121 N N   . VAL A 1 147 ? -3.473  -10.343 -17.369 1.00 23.25 ? 147 VAL A N   1 
ATOM   1122 C CA  . VAL A 1 147 ? -3.194  -9.565  -16.152 1.00 24.50 ? 147 VAL A CA  1 
ATOM   1123 C C   . VAL A 1 147 ? -4.366  -8.628  -15.747 1.00 23.77 ? 147 VAL A C   1 
ATOM   1124 O O   . VAL A 1 147 ? -4.730  -8.573  -14.544 1.00 23.32 ? 147 VAL A O   1 
ATOM   1125 C CB  . VAL A 1 147 ? -1.884  -8.797  -16.272 1.00 25.22 ? 147 VAL A CB  1 
ATOM   1126 C CG1 . VAL A 1 147 ? -1.754  -7.722  -15.200 1.00 25.68 ? 147 VAL A CG1 1 
ATOM   1127 C CG2 . VAL A 1 147 ? -0.724  -9.797  -16.266 1.00 23.83 ? 147 VAL A CG2 1 
ATOM   1128 N N   . SER A 1 148 ? -4.971  -7.880  -16.679 1.00 27.93 ? 148 SER A N   1 
ATOM   1129 C CA  A SER A 1 148 ? -6.084  -6.977  -16.319 0.50 27.39 ? 148 SER A CA  1 
ATOM   1130 C CA  B SER A 1 148 ? -6.050  -6.964  -16.296 0.50 27.29 ? 148 SER A CA  1 
ATOM   1131 C C   . SER A 1 148 ? -7.233  -7.701  -15.634 1.00 27.42 ? 148 SER A C   1 
ATOM   1132 O O   . SER A 1 148 ? -7.700  -7.330  -14.562 1.00 27.54 ? 148 SER A O   1 
ATOM   1133 C CB  A SER A 1 148 ? -6.612  -6.238  -17.554 0.50 29.78 ? 148 SER A CB  1 
ATOM   1134 C CB  B SER A 1 148 ? -6.493  -6.093  -17.487 0.50 29.13 ? 148 SER A CB  1 
ATOM   1135 O OG  A SER A 1 148 ? -5.627  -5.385  -18.063 0.50 29.23 ? 148 SER A OG  1 
ATOM   1136 O OG  B SER A 1 148 ? -7.504  -5.193  -17.077 0.50 29.40 ? 148 SER A OG  1 
ATOM   1137 N N   . GLY A 1 149 ? -7.691  -8.789  -16.231 1.00 24.47 ? 149 GLY A N   1 
ATOM   1138 C CA  . GLY A 1 149 ? -8.784  -9.551  -15.680 1.00 24.24 ? 149 GLY A CA  1 
ATOM   1139 C C   . GLY A 1 149 ? -8.422  -10.148 -14.318 1.00 24.34 ? 149 GLY A C   1 
ATOM   1140 O O   . GLY A 1 149 ? -9.287  -10.402 -13.474 1.00 27.38 ? 149 GLY A O   1 
ATOM   1141 N N   . TYR A 1 150 ? -7.146  -10.494 -14.201 1.00 20.72 ? 150 TYR A N   1 
ATOM   1142 C CA  . TYR A 1 150 ? -6.675  -11.172 -12.989 1.00 18.93 ? 150 TYR A CA  1 
ATOM   1143 C C   . TYR A 1 150 ? -6.684  -10.193 -11.809 1.00 18.23 ? 150 TYR A C   1 
ATOM   1144 O O   . TYR A 1 150 ? -7.231  -10.523 -10.762 1.00 17.88 ? 150 TYR A O   1 
ATOM   1145 C CB  . TYR A 1 150 ? -5.308  -11.793 -13.239 1.00 20.62 ? 150 TYR A CB  1 
ATOM   1146 C CG  . TYR A 1 150 ? -4.699  -12.527 -12.125 1.00 20.94 ? 150 TYR A CG  1 
ATOM   1147 C CD1 . TYR A 1 150 ? -4.990  -13.859 -11.908 1.00 19.91 ? 150 TYR A CD1 1 
ATOM   1148 C CD2 . TYR A 1 150 ? -3.802  -11.896 -11.266 1.00 19.51 ? 150 TYR A CD2 1 
ATOM   1149 C CE1 . TYR A 1 150 ? -4.366  -14.557 -10.890 1.00 20.15 ? 150 TYR A CE1 1 
ATOM   1150 C CE2 . TYR A 1 150 ? -3.224  -12.586 -10.191 1.00 17.28 ? 150 TYR A CE2 1 
ATOM   1151 C CZ  . TYR A 1 150 ? -3.506  -13.950 -10.052 1.00 19.16 ? 150 TYR A CZ  1 
ATOM   1152 O OH  . TYR A 1 150 ? -2.952  -14.658 -8.999  1.00 20.23 ? 150 TYR A OH  1 
ATOM   1153 N N   . VAL A 1 151 ? -6.080  -9.022  -12.006 1.00 18.45 ? 151 VAL A N   1 
ATOM   1154 C CA  . VAL A 1 151 ? -5.981  -8.093  -10.891 1.00 18.23 ? 151 VAL A CA  1 
ATOM   1155 C C   . VAL A 1 151 ? -7.309  -7.556  -10.502 1.00 17.41 ? 151 VAL A C   1 
ATOM   1156 O O   . VAL A 1 151 ? -7.580  -7.236  -9.314  1.00 17.87 ? 151 VAL A O   1 
ATOM   1157 C CB  . VAL A 1 151 ? -4.933  -6.965  -11.028 1.00 18.53 ? 151 VAL A CB  1 
ATOM   1158 C CG1 . VAL A 1 151 ? -3.584  -7.521  -11.386 1.00 19.27 ? 151 VAL A CG1 1 
ATOM   1159 C CG2 . VAL A 1 151 ? -5.412  -5.884  -12.015 1.00 22.16 ? 151 VAL A CG2 1 
ATOM   1160 N N   . LEU A 1 152 ? -8.195  -7.439  -11.508 1.00 18.23 ? 152 LEU A N   1 
ATOM   1161 C CA  . LEU A 1 152 ? -9.531  -6.970  -11.199 1.00 18.60 ? 152 LEU A CA  1 
ATOM   1162 C C   . LEU A 1 152 ? -10.546 -8.063  -10.757 1.00 19.56 ? 152 LEU A C   1 
ATOM   1163 O O   . LEU A 1 152 ? -11.751 -7.825  -10.590 1.00 20.28 ? 152 LEU A O   1 
ATOM   1164 C CB  . LEU A 1 152 ? -10.036 -6.208  -12.425 1.00 19.34 ? 152 LEU A CB  1 
ATOM   1165 C CG  . LEU A 1 152 ? -9.172  -4.979  -12.778 1.00 19.01 ? 152 LEU A CG  1 
ATOM   1166 C CD1 . LEU A 1 152 ? -9.756  -4.190  -14.004 1.00 21.75 ? 152 LEU A CD1 1 
ATOM   1167 C CD2 . LEU A 1 152 ? -9.112  -4.049  -11.592 1.00 20.70 ? 152 LEU A CD2 1 
ATOM   1168 N N   . GLY A 1 153 ? -10.045 -9.291  -10.569 1.00 19.64 ? 153 GLY A N   1 
ATOM   1169 C CA  . GLY A 1 153 ? -10.875 -10.396 -10.129 1.00 19.60 ? 153 GLY A CA  1 
ATOM   1170 C C   . GLY A 1 153 ? -10.770 -10.628 -8.631  1.00 19.85 ? 153 GLY A C   1 
ATOM   1171 O O   . GLY A 1 153 ? -9.835  -10.125 -8.020  1.00 18.04 ? 153 GLY A O   1 
ATOM   1172 N N   . ARG A 1 154 ? -11.715 -11.404 -8.085  1.00 20.82 ? 154 ARG A N   1 
ATOM   1173 C CA  . ARG A 1 154 ? -11.675 -11.864 -6.682  1.00 19.90 ? 154 ARG A CA  1 
ATOM   1174 C C   . ARG A 1 154 ? -10.990 -13.198 -6.675  1.00 20.76 ? 154 ARG A C   1 
ATOM   1175 O O   . ARG A 1 154 ? -11.371 -14.134 -7.379  1.00 21.04 ? 154 ARG A O   1 
ATOM   1176 C CB  . ARG A 1 154 ? -13.079 -11.946 -6.062  1.00 22.13 ? 154 ARG A CB  1 
ATOM   1177 C CG  . ARG A 1 154 ? -13.690 -10.543 -5.878  1.00 26.43 ? 154 ARG A CG  1 
ATOM   1178 C CD  . ARG A 1 154 ? -15.138 -10.509 -5.422  1.00 32.57 ? 154 ARG A CD  1 
ATOM   1179 N NE  . ARG A 1 154 ? -15.466 -9.098  -5.186  1.00 36.81 ? 154 ARG A NE  1 
ATOM   1180 C CZ  . ARG A 1 154 ? -15.868 -8.234  -6.122  1.00 45.93 ? 154 ARG A CZ  1 
ATOM   1181 N NH1 . ARG A 1 154 ? -16.149 -6.971  -5.769  1.00 40.43 ? 154 ARG A NH1 1 
ATOM   1182 N NH2 . ARG A 1 154 ? -15.988 -8.614  -7.396  1.00 50.18 ? 154 ARG A NH2 1 
ATOM   1183 N N   . ALA A 1 155 ? -9.912  -13.264 -5.921  1.00 18.13 ? 155 ALA A N   1 
ATOM   1184 C CA  . ALA A 1 155 ? -9.152  -14.484 -5.802  1.00 20.52 ? 155 ALA A CA  1 
ATOM   1185 C C   . ALA A 1 155 ? -9.948  -15.559 -5.051  1.00 19.78 ? 155 ALA A C   1 
ATOM   1186 O O   . ALA A 1 155 ? -10.816 -15.265 -4.224  1.00 21.65 ? 155 ALA A O   1 
ATOM   1187 C CB  . ALA A 1 155 ? -7.947  -14.185 -5.012  1.00 18.92 ? 155 ALA A CB  1 
ATOM   1188 N N   . PRO A 1 156 ? -9.619  -16.814 -5.365  1.00 19.68 ? 156 PRO A N   1 
ATOM   1189 C CA  . PRO A 1 156 ? -10.277 -17.823 -4.542  1.00 22.34 ? 156 PRO A CA  1 
ATOM   1190 C C   . PRO A 1 156 ? -9.849  -17.749 -3.087  1.00 20.83 ? 156 PRO A C   1 
ATOM   1191 O O   . PRO A 1 156 ? -8.829  -17.205 -2.769  1.00 19.96 ? 156 PRO A O   1 
ATOM   1192 C CB  . PRO A 1 156 ? -9.773  -19.133 -5.133  1.00 22.64 ? 156 PRO A CB  1 
ATOM   1193 C CG  . PRO A 1 156 ? -8.651  -18.806 -6.032  1.00 24.55 ? 156 PRO A CG  1 
ATOM   1194 C CD  . PRO A 1 156 ? -8.702  -17.336 -6.364  1.00 21.56 ? 156 PRO A CD  1 
ATOM   1195 N N   . ARG A 1 157 ? -10.563 -18.461 -2.253  1.00 20.26 ? 157 ARG A N   1 
ATOM   1196 C CA  . ARG A 1 157 ? -10.458 -18.390 -0.838  1.00 20.21 ? 157 ARG A CA  1 
ATOM   1197 C C   . ARG A 1 157 ? -9.041  -18.703 -0.425  1.00 18.72 ? 157 ARG A C   1 
ATOM   1198 O O   . ARG A 1 157 ? -8.496  -18.053 0.410   1.00 19.84 ? 157 ARG A O   1 
ATOM   1199 C CB  . ARG A 1 157 ? -11.470 -19.424 -0.278  1.00 26.05 ? 157 ARG A CB  1 
ATOM   1200 C CG  . ARG A 1 157 ? -11.432 -19.743 1.186   1.00 27.36 ? 157 ARG A CG  1 
ATOM   1201 C CD  . ARG A 1 157 ? -11.782 -21.192 1.577   1.00 29.39 ? 157 ARG A CD  1 
ATOM   1202 N NE  . ARG A 1 157 ? -10.988 -22.181 0.870   1.00 27.13 ? 157 ARG A NE  1 
ATOM   1203 C CZ  . ARG A 1 157 ? -9.715  -22.466 1.087   1.00 29.17 ? 157 ARG A CZ  1 
ATOM   1204 N NH1 . ARG A 1 157 ? -9.141  -23.342 0.315   1.00 31.57 ? 157 ARG A NH1 1 
ATOM   1205 N NH2 . ARG A 1 157 ? -9.030  -21.873 2.012   1.00 31.02 ? 157 ARG A NH2 1 
ATOM   1206 N N   . SER A 1 158 ? -8.435  -19.704 -1.043  1.00 19.51 ? 158 SER A N   1 
ATOM   1207 C CA  . SER A 1 158 ? -7.103  -20.083 -0.626  1.00 18.59 ? 158 SER A CA  1 
ATOM   1208 C C   . SER A 1 158 ? -6.061  -18.962 -0.790  1.00 17.59 ? 158 SER A C   1 
ATOM   1209 O O   . SER A 1 158 ? -5.191  -18.743 0.008   1.00 19.27 ? 158 SER A O   1 
ATOM   1210 C CB  . SER A 1 158 ? -6.689  -21.335 -1.358  1.00 19.34 ? 158 SER A CB  1 
ATOM   1211 O OG  . SER A 1 158 ? -6.590  -21.126 -2.769  1.00 22.12 ? 158 SER A OG  1 
ATOM   1212 N N   . GLU A 1 159 ? -6.236  -18.224 -1.881  1.00 18.20 ? 159 GLU A N   1 
ATOM   1213 C CA  . GLU A 1 159 ? -5.339  -17.138 -2.158  1.00 18.46 ? 159 GLU A CA  1 
ATOM   1214 C C   . GLU A 1 159 ? -5.640  -15.903 -1.310  1.00 16.99 ? 159 GLU A C   1 
ATOM   1215 O O   . GLU A 1 159 ? -4.711  -15.182 -0.938  1.00 17.70 ? 159 GLU A O   1 
ATOM   1216 C CB  . GLU A 1 159 ? -5.483  -16.741 -3.638  1.00 18.42 ? 159 GLU A CB  1 
ATOM   1217 C CG  . GLU A 1 159 ? -4.968  -17.846 -4.548  1.00 19.78 ? 159 GLU A CG  1 
ATOM   1218 C CD  . GLU A 1 159 ? -5.075  -17.478 -6.035  1.00 23.69 ? 159 GLU A CD  1 
ATOM   1219 O OE1 . GLU A 1 159 ? -5.260  -16.284 -6.418  1.00 21.28 ? 159 GLU A OE1 1 
ATOM   1220 O OE2 . GLU A 1 159 ? -5.107  -18.433 -6.864  1.00 25.24 ? 159 GLU A OE2 1 
ATOM   1221 N N   . GLN A 1 160 ? -6.931  -15.693 -1.043  1.00 18.27 ? 160 GLN A N   1 
ATOM   1222 C CA  A GLN A 1 160 ? -7.340  -14.610 -0.136  0.50 17.69 ? 160 GLN A CA  1 
ATOM   1223 C CA  B GLN A 1 160 ? -7.305  -14.598 -0.155  0.50 19.48 ? 160 GLN A CA  1 
ATOM   1224 C C   . GLN A 1 160 ? -6.714  -14.803 1.232   1.00 17.99 ? 160 GLN A C   1 
ATOM   1225 O O   . GLN A 1 160 ? -6.160  -13.872 1.870   1.00 19.04 ? 160 GLN A O   1 
ATOM   1226 C CB  A GLN A 1 160 ? -8.826  -14.510 -0.001  0.50 18.22 ? 160 GLN A CB  1 
ATOM   1227 C CB  B GLN A 1 160 ? -8.796  -14.337 -0.174  0.50 22.24 ? 160 GLN A CB  1 
ATOM   1228 C CG  A GLN A 1 160 ? -9.305  -13.234 0.702   0.50 17.56 ? 160 GLN A CG  1 
ATOM   1229 C CG  B GLN A 1 160 ? -9.155  -13.619 -1.467  0.50 24.58 ? 160 GLN A CG  1 
ATOM   1230 C CD  A GLN A 1 160 ? -10.798 -13.332 1.047   0.50 17.01 ? 160 GLN A CD  1 
ATOM   1231 C CD  B GLN A 1 160 ? -10.511 -12.989 -1.531  0.50 24.83 ? 160 GLN A CD  1 
ATOM   1232 O OE1 A GLN A 1 160 ? -11.243 -14.272 1.685   0.50 17.81 ? 160 GLN A OE1 1 
ATOM   1233 O OE1 B GLN A 1 160 ? -11.031 -12.447 -0.537  0.50 31.00 ? 160 GLN A OE1 1 
ATOM   1234 N NE2 A GLN A 1 160 ? -11.555 -12.306 0.666   0.50 21.63 ? 160 GLN A NE2 1 
ATOM   1235 N NE2 B GLN A 1 160 ? -11.087 -13.014 -2.700  0.50 20.60 ? 160 GLN A NE2 1 
ATOM   1236 N N   . GLU A 1 161 ? -6.781  -16.028 1.696   1.00 19.26 ? 161 GLU A N   1 
ATOM   1237 C CA  . GLU A 1 161 ? -6.251  -16.342 2.980   1.00 19.30 ? 161 GLU A CA  1 
ATOM   1238 C C   . GLU A 1 161 ? -4.752  -16.141 3.064   1.00 16.17 ? 161 GLU A C   1 
ATOM   1239 O O   . GLU A 1 161 ? -4.282  -15.626 3.999   1.00 19.50 ? 161 GLU A O   1 
ATOM   1240 C CB  . GLU A 1 161 ? -6.693  -17.762 3.359   1.00 21.53 ? 161 GLU A CB  1 
ATOM   1241 C CG  . GLU A 1 161 ? -6.407  -18.172 4.760   1.00 23.88 ? 161 GLU A CG  1 
ATOM   1242 C CD  . GLU A 1 161 ? -6.993  -19.521 5.037   1.00 28.14 ? 161 GLU A CD  1 
ATOM   1243 O OE1 . GLU A 1 161 ? -6.392  -20.455 4.598   1.00 33.62 ? 161 GLU A OE1 1 
ATOM   1244 O OE2 . GLU A 1 161 ? -8.045  -19.581 5.590   1.00 27.62 ? 161 GLU A OE2 1 
ATOM   1245 N N   . LEU A 1 162 ? -4.009  -16.532 2.049   1.00 18.20 ? 162 LEU A N   1 
ATOM   1246 C CA  . LEU A 1 162 ? -2.637  -16.316 1.999   1.00 17.13 ? 162 LEU A CA  1 
ATOM   1247 C C   . LEU A 1 162 ? -2.205  -14.837 1.942   1.00 18.94 ? 162 LEU A C   1 
ATOM   1248 O O   . LEU A 1 162 ? -1.307  -14.417 2.598   1.00 17.50 ? 162 LEU A O   1 
ATOM   1249 C CB  . LEU A 1 162 ? -2.002  -17.020 0.778   1.00 18.86 ? 162 LEU A CB  1 
ATOM   1250 C CG  . LEU A 1 162 ? -1.914  -18.529 0.966   1.00 20.24 ? 162 LEU A CG  1 
ATOM   1251 C CD1 . LEU A 1 162 ? -1.796  -19.339 -0.297  1.00 22.85 ? 162 LEU A CD1 1 
ATOM   1252 C CD2 . LEU A 1 162 ? -0.690  -18.800 1.793   1.00 23.08 ? 162 LEU A CD2 1 
ATOM   1253 N N   . LEU A 1 163 ? -2.980  -14.049 1.179   1.00 16.85 ? 163 LEU A N   1 
ATOM   1254 C CA  . LEU A 1 163 ? -2.822  -12.597 1.265   1.00 19.26 ? 163 LEU A CA  1 
ATOM   1255 C C   . LEU A 1 163 ? -3.021  -12.059 2.708   1.00 17.55 ? 163 LEU A C   1 
ATOM   1256 O O   . LEU A 1 163 ? -2.229  -11.249 3.174   1.00 17.16 ? 163 LEU A O   1 
ATOM   1257 C CB  . LEU A 1 163 ? -3.679  -11.877 0.243   1.00 17.68 ? 163 LEU A CB  1 
ATOM   1258 C CG  . LEU A 1 163 ? -3.621  -10.340 0.307   1.00 18.62 ? 163 LEU A CG  1 
ATOM   1259 C CD1 . LEU A 1 163 ? -2.265  -9.767  0.101   1.00 17.89 ? 163 LEU A CD1 1 
ATOM   1260 C CD2 . LEU A 1 163 ? -4.588  -9.897  -0.814  1.00 21.56 ? 163 LEU A CD2 1 
ATOM   1261 N N   . ASP A 1 164 ? -4.068  -12.523 3.378   1.00 18.15 ? 164 ASP A N   1 
ATOM   1262 C CA  . ASP A 1 164 ? -4.335  -12.090 4.760   1.00 19.34 ? 164 ASP A CA  1 
ATOM   1263 C C   . ASP A 1 164 ? -3.122  -12.429 5.644   1.00 20.28 ? 164 ASP A C   1 
ATOM   1264 O O   . ASP A 1 164 ? -2.651  -11.656 6.500   1.00 19.54 ? 164 ASP A O   1 
ATOM   1265 C CB  . ASP A 1 164 ? -5.566  -12.798 5.275   1.00 19.91 ? 164 ASP A CB  1 
ATOM   1266 C CG  . ASP A 1 164 ? -6.870  -12.260 4.778   1.00 21.26 ? 164 ASP A CG  1 
ATOM   1267 O OD1 . ASP A 1 164 ? -6.962  -11.127 4.210   1.00 22.04 ? 164 ASP A OD1 1 
ATOM   1268 O OD2 . ASP A 1 164 ? -7.922  -12.958 4.904   1.00 22.06 ? 164 ASP A OD2 1 
ATOM   1269 N N   . THR A 1 165 ? -2.575  -13.627 5.425   1.00 18.61 ? 165 THR A N   1 
ATOM   1270 C CA  . THR A 1 165 ? -1.381  -14.014 6.162   1.00 18.98 ? 165 THR A CA  1 
ATOM   1271 C C   . THR A 1 165 ? -0.197  -13.143 5.924   1.00 18.97 ? 165 THR A C   1 
ATOM   1272 O O   . THR A 1 165 ? 0.484   -12.660 6.775   1.00 20.17 ? 165 THR A O   1 
ATOM   1273 C CB  . THR A 1 165 ? -1.034  -15.513 5.928   1.00 20.96 ? 165 THR A CB  1 
ATOM   1274 O OG1 . THR A 1 165 ? -2.146  -16.282 6.357   1.00 22.34 ? 165 THR A OG1 1 
ATOM   1275 C CG2 . THR A 1 165 ? 0.199   -15.833 6.581   1.00 25.63 ? 165 THR A CG2 1 
ATOM   1276 N N   . SER A 1 166 ? 0.021   -12.767 4.665   1.00 17.49 ? 166 SER A N   1 
ATOM   1277 C CA  . SER A 1 166 ? 1.090   -11.863 4.407   1.00 16.40 ? 166 SER A CA  1 
ATOM   1278 C C   . SER A 1 166 ? 0.908   -10.408 4.942   1.00 17.38 ? 166 SER A C   1 
ATOM   1279 O O   . SER A 1 166 ? 1.847   -9.740  5.363   1.00 17.72 ? 166 SER A O   1 
ATOM   1280 C CB  . SER A 1 166 ? 1.345   -11.774 2.852   1.00 20.44 ? 166 SER A CB  1 
ATOM   1281 O OG  . SER A 1 166 ? 0.408   -10.922 2.194   1.00 19.65 ? 166 SER A OG  1 
ATOM   1282 N N   . ILE A 1 167 ? -0.358  -9.993  5.028   1.00 16.32 ? 167 ILE A N   1 
ATOM   1283 C CA  . ILE A 1 167 ? -0.699  -8.741  5.659   1.00 17.36 ? 167 ILE A CA  1 
ATOM   1284 C C   . ILE A 1 167 ? -0.398  -8.792  7.170   1.00 19.67 ? 167 ILE A C   1 
ATOM   1285 O O   . ILE A 1 167 ? 0.134   -7.824  7.715   1.00 17.14 ? 167 ILE A O   1 
ATOM   1286 C CB  . ILE A 1 167 ? -2.132  -8.342  5.357   1.00 17.63 ? 167 ILE A CB  1 
ATOM   1287 C CG1 . ILE A 1 167 ? -2.193  -7.806  3.930   1.00 17.60 ? 167 ILE A CG1 1 
ATOM   1288 C CG2 . ILE A 1 167 ? -2.563  -7.231  6.329   1.00 19.06 ? 167 ILE A CG2 1 
ATOM   1289 C CD1 . ILE A 1 167 ? -3.541  -7.630  3.343   1.00 18.11 ? 167 ILE A CD1 1 
ATOM   1290 N N   . ASP A 1 168 ? -0.750  -9.914  7.807   1.00 18.76 ? 168 ASP A N   1 
ATOM   1291 C CA  . ASP A 1 168 ? -0.383  -10.078 9.213   1.00 23.70 ? 168 ASP A CA  1 
ATOM   1292 C C   . ASP A 1 168 ? 1.121   -10.024 9.393   1.00 23.27 ? 168 ASP A C   1 
ATOM   1293 O O   . ASP A 1 168 ? 1.675   -9.397  10.306  1.00 21.28 ? 168 ASP A O   1 
ATOM   1294 C CB  . ASP A 1 168 ? -0.987  -11.395 9.712   1.00 25.37 ? 168 ASP A CB  1 
ATOM   1295 C CG  . ASP A 1 168 ? -1.116  -11.437 11.228  1.00 29.60 ? 168 ASP A CG  1 
ATOM   1296 O OD1 . ASP A 1 168 ? -1.772  -10.545 11.783  1.00 33.02 ? 168 ASP A OD1 1 
ATOM   1297 O OD2 . ASP A 1 168 ? -0.509  -12.339 11.786  1.00 32.27 ? 168 ASP A OD2 1 
ATOM   1298 N N   . PHE A 1 169 ? 1.873   -10.687 8.516   1.00 19.61 ? 169 PHE A N   1 
ATOM   1299 C CA  . PHE A 1 169 ? 3.294   -10.615 8.608   1.00 20.28 ? 169 PHE A CA  1 
ATOM   1300 C C   . PHE A 1 169 ? 3.825   -9.237  8.498   1.00 20.09 ? 169 PHE A C   1 
ATOM   1301 O O   . PHE A 1 169 ? 4.678   -8.760  9.232   1.00 21.65 ? 169 PHE A O   1 
ATOM   1302 C CB  . PHE A 1 169 ? 4.030   -11.478 7.525   1.00 22.30 ? 169 PHE A CB  1 
ATOM   1303 C CG  . PHE A 1 169 ? 3.857   -12.963 7.599   1.00 26.83 ? 169 PHE A CG  1 
ATOM   1304 C CD1 . PHE A 1 169 ? 3.527   -13.630 8.766   1.00 31.71 ? 169 PHE A CD1 1 
ATOM   1305 C CD2 . PHE A 1 169 ? 4.172   -13.727 6.456   1.00 29.36 ? 169 PHE A CD2 1 
ATOM   1306 C CE1 . PHE A 1 169 ? 3.429   -15.031 8.799   1.00 31.95 ? 169 PHE A CE1 1 
ATOM   1307 C CE2 . PHE A 1 169 ? 4.082   -15.127 6.483   1.00 29.78 ? 169 PHE A CE2 1 
ATOM   1308 C CZ  . PHE A 1 169 ? 3.702   -15.775 7.648   1.00 30.18 ? 169 PHE A CZ  1 
ATOM   1309 N N   . ALA A 1 170 ? 3.345   -8.456  7.518   1.00 18.68 ? 170 ALA A N   1 
ATOM   1310 C CA  . ALA A 1 170 ? 3.761   -7.078  7.444   1.00 19.28 ? 170 ALA A CA  1 
ATOM   1311 C C   . ALA A 1 170 ? 3.398   -6.171  8.669   1.00 18.76 ? 170 ALA A C   1 
ATOM   1312 O O   . ALA A 1 170 ? 4.159   -5.329  9.052   1.00 18.14 ? 170 ALA A O   1 
ATOM   1313 C CB  . ALA A 1 170 ? 3.146   -6.456  6.168   1.00 19.67 ? 170 ALA A CB  1 
ATOM   1314 N N   . LEU A 1 171 ? 2.207   -6.399  9.221   1.00 19.38 ? 171 LEU A N   1 
ATOM   1315 C CA  . LEU A 1 171 ? 1.788   -5.669  10.434  1.00 18.13 ? 171 LEU A CA  1 
ATOM   1316 C C   . LEU A 1 171 ? 2.769   -5.980  11.575  1.00 20.46 ? 171 LEU A C   1 
ATOM   1317 O O   . LEU A 1 171 ? 3.080   -5.102  12.389  1.00 20.11 ? 171 LEU A O   1 
ATOM   1318 C CB  . LEU A 1 171 ? 0.380   -5.989  10.800  1.00 19.64 ? 171 LEU A CB  1 
ATOM   1319 C CG  . LEU A 1 171 ? -0.742  -5.402  9.914   1.00 20.15 ? 171 LEU A CG  1 
ATOM   1320 C CD1 . LEU A 1 171 ? -2.082  -5.920  10.355  1.00 24.67 ? 171 LEU A CD1 1 
ATOM   1321 C CD2 . LEU A 1 171 ? -0.666  -3.868  9.938   1.00 24.66 ? 171 LEU A CD2 1 
ATOM   1322 N N   . GLY A 1 172 ? 3.332   -7.163  11.520  1.00 21.61 ? 172 GLY A N   1 
ATOM   1323 C CA  . GLY A 1 172 ? 4.319   -7.581  12.521  1.00 24.06 ? 172 GLY A CA  1 
ATOM   1324 C C   . GLY A 1 172 ? 5.531   -6.721  12.559  1.00 22.36 ? 172 GLY A C   1 
ATOM   1325 O O   . GLY A 1 172 ? 6.239   -6.670  13.588  1.00 27.60 ? 172 GLY A O   1 
ATOM   1326 N N   . VAL A 1 173 ? 5.901   -6.118  11.426  1.00 21.25 ? 173 VAL A N   1 
ATOM   1327 C CA  . VAL A 1 173 ? 7.021   -5.238  11.356  1.00 17.31 ? 173 VAL A CA  1 
ATOM   1328 C C   . VAL A 1 173 ? 6.687   -3.733  11.309  1.00 19.97 ? 173 VAL A C   1 
ATOM   1329 O O   . VAL A 1 173 ? 7.504   -2.884  11.005  1.00 17.35 ? 173 VAL A O   1 
ATOM   1330 C CB  . VAL A 1 173 ? 8.028   -5.633  10.217  1.00 22.06 ? 173 VAL A CB  1 
ATOM   1331 C CG1 . VAL A 1 173 ? 8.436   -7.080  10.372  1.00 21.98 ? 173 VAL A CG1 1 
ATOM   1332 C CG2 . VAL A 1 173 ? 7.477   -5.394  8.788   1.00 22.29 ? 173 VAL A CG2 1 
ATOM   1333 N N   . LEU A 1 174 ? 5.466   -3.448  11.740  1.00 19.57 ? 174 LEU A N   1 
ATOM   1334 C CA  . LEU A 1 174 ? 5.074   -2.038  11.845  1.00 20.07 ? 174 LEU A CA  1 
ATOM   1335 C C   . LEU A 1 174 ? 6.036   -1.180  12.662  1.00 18.76 ? 174 LEU A C   1 
ATOM   1336 O O   . LEU A 1 174 ? 6.350   -0.028  12.290  1.00 20.35 ? 174 LEU A O   1 
ATOM   1337 C CB  . LEU A 1 174 ? 3.641   -1.873  12.295  1.00 20.32 ? 174 LEU A CB  1 
ATOM   1338 C CG  . LEU A 1 174 ? 3.089   -0.458  12.343  1.00 21.86 ? 174 LEU A CG  1 
ATOM   1339 C CD1 . LEU A 1 174 ? 3.098   0.125   10.922  1.00 22.25 ? 174 LEU A CD1 1 
ATOM   1340 C CD2 . LEU A 1 174 ? 1.739   -0.473  13.015  1.00 22.18 ? 174 LEU A CD2 1 
ATOM   1341 N N   . PRO A 1 175 ? 6.529   -1.714  13.823  1.00 18.49 ? 175 PRO A N   1 
ATOM   1342 C CA  . PRO A 1 175 ? 7.371   -0.827  14.549  1.00 19.55 ? 175 PRO A CA  1 
ATOM   1343 C C   . PRO A 1 175 ? 8.613   -0.377  13.773  1.00 19.24 ? 175 PRO A C   1 
ATOM   1344 O O   . PRO A 1 175 ? 9.043   0.755   13.759  1.00 20.90 ? 175 PRO A O   1 
ATOM   1345 C CB  . PRO A 1 175 ? 7.778   -1.703  15.781  1.00 18.81 ? 175 PRO A CB  1 
ATOM   1346 C CG  . PRO A 1 175 ? 6.649   -2.542  16.003  1.00 20.73 ? 175 PRO A CG  1 
ATOM   1347 C CD  . PRO A 1 175 ? 6.185   -2.911  14.574  1.00 20.17 ? 175 PRO A CD  1 
ATOM   1348 N N   . GLU A 1 176 ? 9.250   -1.334  13.144  1.00 20.16 ? 176 GLU A N   1 
ATOM   1349 C CA  . GLU A 1 176 ? 10.356  -1.019  12.243  1.00 21.45 ? 176 GLU A CA  1 
ATOM   1350 C C   . GLU A 1 176 ? 10.022  -0.041  11.071  1.00 21.42 ? 176 GLU A C   1 
ATOM   1351 O O   . GLU A 1 176 ? 10.774  0.880   10.801  1.00 24.01 ? 176 GLU A O   1 
ATOM   1352 C CB  . GLU A 1 176 ? 10.930  -2.300  11.676  1.00 21.97 ? 176 GLU A CB  1 
ATOM   1353 C CG  . GLU A 1 176 ? 11.685  -3.100  12.764  1.00 24.09 ? 176 GLU A CG  1 
ATOM   1354 C CD  . GLU A 1 176 ? 10.788  -3.853  13.674  1.00 23.45 ? 176 GLU A CD  1 
ATOM   1355 O OE1 . GLU A 1 176 ? 11.368  -4.405  14.710  1.00 28.11 ? 176 GLU A OE1 1 
ATOM   1356 O OE2 . GLU A 1 176 ? 9.575   -4.113  13.474  1.00 23.94 ? 176 GLU A OE2 1 
ATOM   1357 N N   . MET A 1 177 ? 8.933   -0.319  10.365  1.00 21.68 ? 177 MET A N   1 
ATOM   1358 C CA  . MET A 1 177 ? 8.537   0.533   9.247   1.00 21.08 ? 177 MET A CA  1 
ATOM   1359 C C   . MET A 1 177 ? 8.268   1.947   9.747   1.00 21.80 ? 177 MET A C   1 
ATOM   1360 O O   . MET A 1 177 ? 8.726   2.932   9.185   1.00 21.85 ? 177 MET A O   1 
ATOM   1361 C CB  . MET A 1 177 ? 7.330   -0.115  8.581   1.00 19.03 ? 177 MET A CB  1 
ATOM   1362 C CG  . MET A 1 177 ? 7.615   -1.455  7.949   1.00 19.31 ? 177 MET A CG  1 
ATOM   1363 S SD  . MET A 1 177 ? 6.299   -1.986  6.819   1.00 20.66 ? 177 MET A SD  1 
ATOM   1364 C CE  . MET A 1 177 ? 4.969   -2.203  7.969   1.00 20.69 ? 177 MET A CE  1 
ATOM   1365 N N   . LEU A 1 178 ? 7.563   2.124   10.868  1.00 19.34 ? 178 LEU A N   1 
ATOM   1366 C CA  . LEU A 1 178 ? 7.317   3.447   11.311  1.00 19.84 ? 178 LEU A CA  1 
ATOM   1367 C C   . LEU A 1 178 ? 8.528   4.264   11.663  1.00 22.25 ? 178 LEU A C   1 
ATOM   1368 O O   . LEU A 1 178 ? 8.581   5.441   11.426  1.00 24.08 ? 178 LEU A O   1 
ATOM   1369 C CB  . LEU A 1 178 ? 6.336   3.453   12.529  1.00 20.46 ? 178 LEU A CB  1 
ATOM   1370 C CG  . LEU A 1 178 ? 4.910   2.985   12.302  1.00 21.13 ? 178 LEU A CG  1 
ATOM   1371 C CD1 . LEU A 1 178 ? 4.129   2.886   13.602  1.00 20.25 ? 178 LEU A CD1 1 
ATOM   1372 C CD2 . LEU A 1 178 ? 4.233   3.885   11.272  1.00 22.28 ? 178 LEU A CD2 1 
ATOM   1373 N N   . ALA A 1 179 ? 9.547   3.574   12.178  1.00 22.95 ? 179 ALA A N   1 
ATOM   1374 C CA  . ALA A 1 179 ? 10.778  4.192   12.530  1.00 24.50 ? 179 ALA A CA  1 
ATOM   1375 C C   . ALA A 1 179 ? 11.611  4.473   11.309  1.00 26.49 ? 179 ALA A C   1 
ATOM   1376 O O   . ALA A 1 179 ? 12.514  5.280   11.384  1.00 29.91 ? 179 ALA A O   1 
ATOM   1377 C CB  . ALA A 1 179 ? 11.549  3.235   13.459  1.00 26.84 ? 179 ALA A CB  1 
ATOM   1378 N N   . GLY A 1 180 ? 11.300  3.835   10.182  1.00 25.18 ? 180 GLY A N   1 
ATOM   1379 C CA  . GLY A 1 180 ? 12.129  3.990   9.009   1.00 27.06 ? 180 GLY A CA  1 
ATOM   1380 C C   . GLY A 1 180 ? 13.349  3.069   9.030   1.00 28.44 ? 180 GLY A C   1 
ATOM   1381 O O   . GLY A 1 180 ? 14.310  3.303   8.276   1.00 29.41 ? 180 GLY A O   1 
ATOM   1382 N N   . ASP A 1 181 ? 13.289  2.019   9.843   1.00 25.76 ? 181 ASP A N   1 
ATOM   1383 C CA  . ASP A 1 181 ? 14.392  1.043   9.953   1.00 27.07 ? 181 ASP A CA  1 
ATOM   1384 C C   . ASP A 1 181 ? 14.105  -0.061  8.969   1.00 25.37 ? 181 ASP A C   1 
ATOM   1385 O O   . ASP A 1 181 ? 13.636  -1.139  9.295   1.00 26.68 ? 181 ASP A O   1 
ATOM   1386 C CB  . ASP A 1 181 ? 14.470  0.571   11.418  1.00 26.91 ? 181 ASP A CB  1 
ATOM   1387 C CG  . ASP A 1 181 ? 15.653  -0.344  11.696  1.00 31.08 ? 181 ASP A CG  1 
ATOM   1388 O OD1 . ASP A 1 181 ? 16.378  -0.752  10.750  1.00 30.77 ? 181 ASP A OD1 1 
ATOM   1389 O OD2 . ASP A 1 181 ? 15.836  -0.644  12.912  1.00 36.19 ? 181 ASP A OD2 1 
ATOM   1390 N N   . TRP A 1 182 ? 14.305  0.275   7.668   1.00 26.20 ? 182 TRP A N   1 
ATOM   1391 C CA  . TRP A 1 182 ? 13.896  -0.608  6.573   1.00 26.99 ? 182 TRP A CA  1 
ATOM   1392 C C   . TRP A 1 182 ? 14.738  -1.893  6.532   1.00 24.64 ? 182 TRP A C   1 
ATOM   1393 O O   . TRP A 1 182 ? 14.216  -2.975  6.277   1.00 28.71 ? 182 TRP A O   1 
ATOM   1394 C CB  . TRP A 1 182 ? 13.963  0.121   5.232   1.00 28.10 ? 182 TRP A CB  1 
ATOM   1395 C CG  . TRP A 1 182 ? 13.064  1.283   5.231   1.00 26.90 ? 182 TRP A CG  1 
ATOM   1396 C CD1 . TRP A 1 182 ? 13.409  2.541   5.284   1.00 24.86 ? 182 TRP A CD1 1 
ATOM   1397 C CD2 . TRP A 1 182 ? 11.626  1.252   5.262   1.00 22.78 ? 182 TRP A CD2 1 
ATOM   1398 N NE1 . TRP A 1 182 ? 12.312  3.361   5.335   1.00 26.46 ? 182 TRP A NE1 1 
ATOM   1399 C CE2 . TRP A 1 182 ? 11.202  2.568   5.361   1.00 25.02 ? 182 TRP A CE2 1 
ATOM   1400 C CE3 . TRP A 1 182 ? 10.686  0.251   5.261   1.00 24.28 ? 182 TRP A CE3 1 
ATOM   1401 C CZ2 . TRP A 1 182 ? 9.859   2.908   5.411   1.00 22.61 ? 182 TRP A CZ2 1 
ATOM   1402 C CZ3 . TRP A 1 182 ? 9.400   0.592   5.305   1.00 19.71 ? 182 TRP A CZ3 1 
ATOM   1403 C CH2 . TRP A 1 182 ? 8.990   1.889   5.412   1.00 21.96 ? 182 TRP A CH2 1 
ATOM   1404 N N   . THR A 1 183 ? 15.982  -1.744  6.946   1.00 32.52 ? 183 THR A N   1 
ATOM   1405 C CA  . THR A 1 183 ? 16.882  -2.861  7.044   1.00 33.73 ? 183 THR A CA  1 
ATOM   1406 C C   . THR A 1 183 ? 16.402  -3.902  8.029   1.00 26.44 ? 183 THR A C   1 
ATOM   1407 O O   . THR A 1 183 ? 16.299  -5.013  7.697   1.00 30.34 ? 183 THR A O   1 
ATOM   1408 C CB  . THR A 1 183 ? 18.277  -2.374  7.480   1.00 35.06 ? 183 THR A CB  1 
ATOM   1409 O OG1 . THR A 1 183 ? 18.813  -1.522  6.486   1.00 41.09 ? 183 THR A OG1 1 
ATOM   1410 C CG2 . THR A 1 183 ? 19.211  -3.541  7.695   1.00 37.98 ? 183 THR A CG2 1 
ATOM   1411 N N   . ARG A 1 184 ? 16.029  -3.503  9.219   1.00 26.98 ? 184 ARG A N   1 
ATOM   1412 C CA  . ARG A 1 184 ? 15.422  -4.427  10.137  1.00 26.96 ? 184 ARG A CA  1 
ATOM   1413 C C   . ARG A 1 184 ? 14.046  -4.946  9.710   1.00 23.93 ? 184 ARG A C   1 
ATOM   1414 O O   . ARG A 1 184 ? 13.751  -6.081  9.843   1.00 24.62 ? 184 ARG A O   1 
ATOM   1415 C CB  . ARG A 1 184 ? 15.400  -3.804  11.514  1.00 29.21 ? 184 ARG A CB  1 
ATOM   1416 C CG  . ARG A 1 184 ? 15.272  -4.765  12.652  1.00 33.34 ? 184 ARG A CG  1 
ATOM   1417 C CD  . ARG A 1 184 ? 16.450  -5.705  12.792  1.00 34.73 ? 184 ARG A CD  1 
ATOM   1418 N NE  . ARG A 1 184 ? 16.004  -6.858  13.534  1.00 43.06 ? 184 ARG A NE  1 
ATOM   1419 C CZ  . ARG A 1 184 ? 16.073  -8.111  13.147  1.00 44.40 ? 184 ARG A CZ  1 
ATOM   1420 N NH1 . ARG A 1 184 ? 16.658  -8.472  12.018  1.00 47.10 ? 184 ARG A NH1 1 
ATOM   1421 N NH2 . ARG A 1 184 ? 15.586  -9.020  13.942  1.00 50.33 ? 184 ARG A NH2 1 
ATOM   1422 N N   . ALA A 1 185 ? 13.208  -4.073  9.168   1.00 25.77 ? 185 ALA A N   1 
ATOM   1423 C CA  . ALA A 1 185 ? 11.884  -4.515  8.690   1.00 26.50 ? 185 ALA A CA  1 
ATOM   1424 C C   . ALA A 1 185 ? 11.983  -5.634  7.660   1.00 21.01 ? 185 ALA A C   1 
ATOM   1425 O O   . ALA A 1 185 ? 11.299  -6.665  7.737   1.00 26.86 ? 185 ALA A O   1 
ATOM   1426 C CB  . ALA A 1 185 ? 11.081  -3.317  8.101   1.00 23.57 ? 185 ALA A CB  1 
ATOM   1427 N N   . MET A 1 186 ? 12.909  -5.435  6.730   1.00 27.93 ? 186 MET A N   1 
ATOM   1428 C CA  . MET A 1 186 ? 13.231  -6.414  5.680   1.00 28.70 ? 186 MET A CA  1 
ATOM   1429 C C   . MET A 1 186 ? 13.797  -7.748  6.226   1.00 31.36 ? 186 MET A C   1 
ATOM   1430 O O   . MET A 1 186 ? 13.322  -8.827  5.887   1.00 28.14 ? 186 MET A O   1 
ATOM   1431 C CB  . MET A 1 186 ? 14.167  -5.749  4.636   1.00 31.84 ? 186 MET A CB  1 
ATOM   1432 C CG  . MET A 1 186 ? 13.615  -4.569  3.820   1.00 35.08 ? 186 MET A CG  1 
ATOM   1433 S SD  . MET A 1 186 ? 14.760  -3.856  2.602   1.00 37.61 ? 186 MET A SD  1 
ATOM   1434 C CE  . MET A 1 186 ? 13.792  -2.470  1.981   1.00 37.67 ? 186 MET A CE  1 
ATOM   1435 N N   . GLN A 1 187 ? 14.706  -7.703  7.175   1.00 33.44 ? 187 GLN A N   1 
ATOM   1436 C CA  . GLN A 1 187 ? 15.152  -8.957  7.765   1.00 34.39 ? 187 GLN A CA  1 
ATOM   1437 C C   . GLN A 1 187 ? 14.119  -9.755  8.459   1.00 34.13 ? 187 GLN A C   1 
ATOM   1438 O O   . GLN A 1 187 ? 14.020  -10.910 8.272   1.00 35.26 ? 187 GLN A O   1 
ATOM   1439 C CB  . GLN A 1 187 ? 16.227  -8.649  8.770   1.00 39.07 ? 187 GLN A CB  1 
ATOM   1440 C CG  . GLN A 1 187 ? 17.386  -7.966  8.118   1.00 43.13 ? 187 GLN A CG  1 
ATOM   1441 C CD  . GLN A 1 187 ? 18.498  -7.701  9.076   1.00 47.19 ? 187 GLN A CD  1 
ATOM   1442 O OE1 . GLN A 1 187 ? 18.274  -7.575  10.243  1.00 51.46 ? 187 GLN A OE1 1 
ATOM   1443 N NE2 . GLN A 1 187 ? 19.693  -7.549  8.562   1.00 52.98 ? 187 GLN A NE2 1 
ATOM   1444 N N   . LYS A 1 188 ? 13.317  -9.098  9.263   1.00 30.12 ? 188 LYS A N   1 
ATOM   1445 C CA  . LYS A 1 188 ? 12.217  -9.750  9.892   1.00 31.52 ? 188 LYS A CA  1 
ATOM   1446 C C   . LYS A 1 188 ? 11.133  -10.251 8.945   1.00 30.27 ? 188 LYS A C   1 
ATOM   1447 O O   . LYS A 1 188 ? 10.665  -11.350 9.081   1.00 31.74 ? 188 LYS A O   1 
ATOM   1448 C CB  . LYS A 1 188 ? 11.614  -8.804  10.906  1.00 31.88 ? 188 LYS A CB  1 
ATOM   1449 C CG  . LYS A 1 188 ? 12.499  -8.525  12.093  1.00 34.88 ? 188 LYS A CG  1 
ATOM   1450 C CD  . LYS A 1 188 ? 11.802  -7.602  13.055  1.00 34.97 ? 188 LYS A CD  1 
ATOM   1451 C CE  . LYS A 1 188 ? 12.324  -7.779  14.450  1.00 36.46 ? 188 LYS A CE  1 
ATOM   1452 N NZ  . LYS A 1 188 ? 11.438  -7.069  15.393  1.00 37.28 ? 188 LYS A NZ  1 
ATOM   1453 N N   . LEU A 1 189 ? 10.768  -9.416  7.982   1.00 33.23 ? 189 LEU A N   1 
ATOM   1454 C CA  . LEU A 1 189 ? 9.613   -9.678  7.143   1.00 34.02 ? 189 LEU A CA  1 
ATOM   1455 C C   . LEU A 1 189 ? 10.015  -10.709 6.109   1.00 31.76 ? 189 LEU A C   1 
ATOM   1456 O O   . LEU A 1 189 ? 9.343   -11.729 5.944   1.00 38.23 ? 189 LEU A O   1 
ATOM   1457 C CB  . LEU A 1 189 ? 9.116   -8.395  6.465   1.00 29.49 ? 189 LEU A CB  1 
ATOM   1458 C CG  . LEU A 1 189 ? 7.996   -8.531  5.443   1.00 29.45 ? 189 LEU A CG  1 
ATOM   1459 C CD1 . LEU A 1 189 ? 6.801   -9.157  6.127   1.00 27.80 ? 189 LEU A CD1 1 
ATOM   1460 C CD2 . LEU A 1 189 ? 7.674   -7.187  4.788   1.00 29.71 ? 189 LEU A CD2 1 
ATOM   1461 N N   . HIS A 1 190 ? 11.132  -10.451 5.456   1.00 37.25 ? 190 HIS A N   1 
ATOM   1462 C CA  . HIS A 1 190 ? 11.567  -11.317 4.348   1.00 37.08 ? 190 HIS A CA  1 
ATOM   1463 C C   . HIS A 1 190 ? 11.983  -12.721 4.839   1.00 43.47 ? 190 HIS A C   1 
ATOM   1464 O O   . HIS A 1 190 ? 12.097  -13.640 4.043   1.00 44.31 ? 190 HIS A O   1 
ATOM   1465 C CB  . HIS A 1 190 ? 12.700  -10.681 3.556   1.00 33.59 ? 190 HIS A CB  1 
ATOM   1466 C CG  . HIS A 1 190 ? 12.380  -9.340  2.963   1.00 30.21 ? 190 HIS A CG  1 
ATOM   1467 N ND1 . HIS A 1 190 ? 13.340  -8.553  2.379   1.00 29.93 ? 190 HIS A ND1 1 
ATOM   1468 C CD2 . HIS A 1 190 ? 11.216  -8.639  2.865   1.00 28.92 ? 190 HIS A CD2 1 
ATOM   1469 C CE1 . HIS A 1 190 ? 12.797  -7.424  1.949   1.00 34.71 ? 190 HIS A CE1 1 
ATOM   1470 N NE2 . HIS A 1 190 ? 11.512  -7.456  2.248   1.00 26.34 ? 190 HIS A NE2 1 
ATOM   1471 N N   . SER A 1 191 ? 12.127  -12.858 6.136   1.00 48.45 ? 191 SER A N   1 
ATOM   1472 C CA  . SER A 1 191 ? 12.368  -14.146 6.755   1.00 45.42 ? 191 SER A CA  1 
ATOM   1473 C C   . SER A 1 191 ? 11.168  -14.973 7.126   1.00 47.97 ? 191 SER A C   1 
ATOM   1474 O O   . SER A 1 191 ? 11.345  -16.029 7.630   1.00 41.81 ? 191 SER A O   1 
ATOM   1475 C CB  . SER A 1 191 ? 13.262  -13.957 7.980   1.00 51.98 ? 191 SER A CB  1 
ATOM   1476 O OG  . SER A 1 191 ? 12.510  -13.573 9.103   1.00 56.44 ? 191 SER A OG  1 
ATOM   1477 N N   . GLN A 1 192 ? 9.945   -14.482 6.923   1.00 46.78 ? 192 GLN A N   1 
ATOM   1478 C CA  . GLN A 1 192 ? 8.713   -15.190 7.318   1.00 48.08 ? 192 GLN A CA  1 
ATOM   1479 C C   . GLN A 1 192 ? 8.211   -16.186 6.288   1.00 45.08 ? 192 GLN A C   1 
ATOM   1480 O O   . GLN A 1 192 ? 8.528   -16.046 5.172   1.00 48.29 ? 192 GLN A O   1 
ATOM   1481 C CB  . GLN A 1 192 ? 7.588   -14.208 7.595   1.00 50.89 ? 192 GLN A CB  1 
ATOM   1482 C CG  . GLN A 1 192 ? 7.885   -13.124 8.579   1.00 52.86 ? 192 GLN A CG  1 
ATOM   1483 C CD  . GLN A 1 192 ? 8.115   -13.640 9.950   1.00 55.76 ? 192 GLN A CD  1 
ATOM   1484 O OE1 . GLN A 1 192 ? 7.492   -14.594 10.394  1.00 54.62 ? 192 GLN A OE1 1 
ATOM   1485 N NE2 . GLN A 1 192 ? 9.052   -13.037 10.613  1.00 60.67 ? 192 GLN A NE2 1 
ATOM   1486 N N   . LYS A 1 193 ? 7.432   -17.186 6.679   1.00 46.56 ? 193 LYS A N   1 
ATOM   1487 C CA  . LYS A 1 193 ? 6.814   -18.039 5.672   1.00 47.29 ? 193 LYS A CA  1 
ATOM   1488 C C   . LYS A 1 193 ? 5.362   -18.458 5.847   1.00 47.34 ? 193 LYS A C   1 
ATOM   1489 O O   . LYS A 1 193 ? 5.000   -19.042 6.845   1.00 48.22 ? 193 LYS A O   1 
ATOM   1490 C CB  . LYS A 1 193 ? 7.751   -19.210 5.363   1.00 56.41 ? 193 LYS A CB  1 
ATOM   1491 C CG  . LYS A 1 193 ? 8.840   -18.792 4.418   1.00 59.15 ? 193 LYS A CG  1 
ATOM   1492 C CD  . LYS A 1 193 ? 10.220  -18.684 5.022   1.00 68.24 ? 193 LYS A CD  1 
ATOM   1493 C CE  . LYS A 1 193 ? 11.108  -19.828 4.537   1.00 69.54 ? 193 LYS A CE  1 
ATOM   1494 N NZ  . LYS A 1 193 ? 12.212  -19.350 3.665   1.00 70.08 ? 193 LYS A NZ  1 
ATOM   1495 N N   . ALA A 1 194 ? 4.541   -18.183 4.847   1.00 42.36 ? 194 ALA A N   1 
ATOM   1496 C CA  . ALA A 1 194 ? 3.107   -18.540 4.885   1.00 46.74 ? 194 ALA A CA  1 
ATOM   1497 C C   . ALA A 1 194 ? 2.869   -20.020 4.585   1.00 55.38 ? 194 ALA A C   1 
ATOM   1498 O O   . ALA A 1 194 ? 1.716   -20.466 4.454   1.00 59.26 ? 194 ALA A O   1 
ATOM   1499 C CB  . ALA A 1 194 ? 2.331   -17.684 3.903   1.00 45.29 ? 194 ALA A CB  1 
ATOM   1500 O OXT . ALA A 1 194 ? 3.823   -20.793 4.467   1.00 50.26 ? 194 ALA A OXT 1 
HETATM 1501 O O   . HOH B 2 .   ? -3.608  -0.275  -12.546 1.00 30.34 ? 201 HOH A O   1 
HETATM 1502 O O   . HOH B 2 .   ? -3.062  -2.485  -4.049  1.00 13.51 ? 202 HOH A O   1 
HETATM 1503 O O   . HOH B 2 .   ? -9.284  -14.257 -11.567 1.00 50.86 ? 203 HOH A O   1 
HETATM 1504 O O   . HOH B 2 .   ? -1.199  5.393   -14.345 1.00 20.19 ? 204 HOH A O   1 
HETATM 1505 O O   . HOH B 2 .   ? -4.334  -13.879 -5.643  1.00 16.84 ? 205 HOH A O   1 
HETATM 1506 O O   . HOH B 2 .   ? -1.621  -1.660  -13.247 1.00 29.70 ? 206 HOH A O   1 
HETATM 1507 O O   . HOH B 2 .   ? -9.723  -21.742 -2.601  1.00 23.85 ? 207 HOH A O   1 
HETATM 1508 O O   . HOH B 2 .   ? -0.988  -4.083  -12.501 1.00 26.95 ? 208 HOH A O   1 
HETATM 1509 O O   . HOH B 2 .   ? -6.832  -5.422  11.894  1.00 21.58 ? 209 HOH A O   1 
HETATM 1510 O O   . HOH B 2 .   ? -8.800  8.229   14.412  1.00 25.23 ? 210 HOH A O   1 
HETATM 1511 O O   . HOH B 2 .   ? -4.947  -12.888 -3.044  1.00 19.19 ? 211 HOH A O   1 
HETATM 1512 O O   . HOH B 2 .   ? -9.377  -3.146  -8.026  1.00 18.40 ? 212 HOH A O   1 
HETATM 1513 O O   . HOH B 2 .   ? 9.057   14.758  5.193   1.00 27.07 ? 213 HOH A O   1 
HETATM 1514 O O   . HOH B 2 .   ? -8.083  9.439   12.042  1.00 20.66 ? 214 HOH A O   1 
HETATM 1515 O O   . HOH B 2 .   ? -7.942  19.281  -3.195  1.00 24.50 ? 215 HOH A O   1 
HETATM 1516 O O   . HOH B 2 .   ? 3.908   -14.452 -8.492  1.00 19.52 ? 216 HOH A O   1 
HETATM 1517 O O   . HOH B 2 .   ? 0.417   -12.097 -0.297  1.00 18.92 ? 217 HOH A O   1 
HETATM 1518 O O   . HOH B 2 .   ? 15.116  -1.682  -1.641  1.00 33.96 ? 218 HOH A O   1 
HETATM 1519 O O   . HOH B 2 .   ? -7.528  -23.034 4.844   1.00 37.76 ? 219 HOH A O   1 
HETATM 1520 O O   . HOH B 2 .   ? 17.573  1.135   7.649   1.00 48.87 ? 220 HOH A O   1 
HETATM 1521 O O   . HOH B 2 .   ? -7.866  -7.168  -1.699  1.00 29.33 ? 221 HOH A O   1 
HETATM 1522 O O   . HOH B 2 .   ? -7.094  -9.690  -18.995 1.00 32.79 ? 222 HOH A O   1 
HETATM 1523 O O   . HOH B 2 .   ? -1.967  -18.059 -11.101 1.00 44.72 ? 223 HOH A O   1 
HETATM 1524 O O   . HOH B 2 .   ? 0.795   -19.014 -2.930  1.00 25.10 ? 224 HOH A O   1 
HETATM 1525 O O   . HOH B 2 .   ? 6.526   7.165   12.221  1.00 20.72 ? 225 HOH A O   1 
HETATM 1526 O O   . HOH B 2 .   ? -7.338  -12.978 -16.515 1.00 40.75 ? 226 HOH A O   1 
HETATM 1527 O O   . HOH B 2 .   ? 1.984   1.721   17.233  1.00 47.88 ? 227 HOH A O   1 
HETATM 1528 O O   . HOH B 2 .   ? 2.438   -16.517 -9.734  1.00 22.49 ? 228 HOH A O   1 
HETATM 1529 O O   . HOH B 2 .   ? 3.337   -17.428 -12.274 1.00 37.98 ? 229 HOH A O   1 
HETATM 1530 O O   . HOH B 2 .   ? 7.406   8.848   14.159  1.00 28.10 ? 230 HOH A O   1 
HETATM 1531 O O   . HOH B 2 .   ? -4.491  -20.970 1.713   1.00 26.64 ? 231 HOH A O   1 
HETATM 1532 O O   . HOH B 2 .   ? -10.748 2.242   10.559  1.00 31.11 ? 232 HOH A O   1 
HETATM 1533 O O   . HOH B 2 .   ? -10.372 3.203   -3.265  1.00 30.60 ? 233 HOH A O   1 
HETATM 1534 O O   . HOH B 2 .   ? 1.516   12.945  8.412   1.00 27.31 ? 234 HOH A O   1 
HETATM 1535 O O   . HOH B 2 .   ? 13.650  11.276  -8.690  1.00 56.79 ? 235 HOH A O   1 
HETATM 1536 O O   . HOH B 2 .   ? -13.083 11.271  -0.438  1.00 39.95 ? 236 HOH A O   1 
HETATM 1537 O O   . HOH B 2 .   ? 7.341   -1.548  -5.641  1.00 22.00 ? 237 HOH A O   1 
HETATM 1538 O O   . HOH B 2 .   ? 3.149   -9.366  -17.060 1.00 37.65 ? 238 HOH A O   1 
HETATM 1539 O O   . HOH B 2 .   ? -9.358  -6.294  11.115  1.00 23.68 ? 239 HOH A O   1 
HETATM 1540 O O   . HOH B 2 .   ? -11.706 11.059  -4.739  1.00 28.87 ? 240 HOH A O   1 
HETATM 1541 O O   . HOH B 2 .   ? -9.830  -6.638  -17.566 1.00 40.74 ? 241 HOH A O   1 
HETATM 1542 O O   . HOH B 2 .   ? -11.906 -9.968  -13.908 1.00 34.76 ? 242 HOH A O   1 
HETATM 1543 O O   . HOH B 2 .   ? -5.438  3.757   -4.725  1.00 22.64 ? 243 HOH A O   1 
HETATM 1544 O O   . HOH B 2 .   ? 5.539   7.661   -13.716 1.00 28.52 ? 244 HOH A O   1 
HETATM 1545 O O   . HOH B 2 .   ? -5.344  14.649  8.558   1.00 36.86 ? 245 HOH A O   1 
HETATM 1546 O O   . HOH B 2 .   ? -0.606  -14.793 11.055  1.00 28.75 ? 246 HOH A O   1 
HETATM 1547 O O   . HOH B 2 .   ? -10.079 -5.690  -0.285  1.00 30.11 ? 247 HOH A O   1 
HETATM 1548 O O   . HOH B 2 .   ? -7.965  -22.465 -4.765  1.00 40.32 ? 248 HOH A O   1 
HETATM 1549 O O   . HOH B 2 .   ? 3.974   15.665  13.227  1.00 38.05 ? 249 HOH A O   1 
HETATM 1550 O O   . HOH B 2 .   ? -3.961  -7.641  -19.327 1.00 29.94 ? 250 HOH A O   1 
HETATM 1551 O O   . HOH B 2 .   ? 1.571   -4.110  14.353  1.00 30.25 ? 251 HOH A O   1 
HETATM 1552 O O   . HOH B 2 .   ? -3.002  19.922  -0.977  1.00 35.16 ? 252 HOH A O   1 
HETATM 1553 O O   . HOH B 2 .   ? 8.804   2.507   16.002  1.00 28.51 ? 253 HOH A O   1 
HETATM 1554 O O   . HOH B 2 .   ? 3.430   10.044  20.050  1.00 30.37 ? 254 HOH A O   1 
HETATM 1555 O O   . HOH B 2 .   ? -6.662  -11.077 1.515   1.00 25.10 ? 255 HOH A O   1 
HETATM 1556 O O   . HOH B 2 .   ? -10.466 -0.045  15.673  1.00 38.82 ? 256 HOH A O   1 
HETATM 1557 O O   . HOH B 2 .   ? 2.454   4.668   18.462  1.00 37.88 ? 257 HOH A O   1 
HETATM 1558 O O   . HOH B 2 .   ? -6.325  -23.253 1.964   1.00 25.42 ? 258 HOH A O   1 
HETATM 1559 O O   . HOH B 2 .   ? 0.375   19.171  -3.278  1.00 43.63 ? 259 HOH A O   1 
HETATM 1560 O O   . HOH B 2 .   ? -13.511 -0.992  -3.859  1.00 25.31 ? 260 HOH A O   1 
HETATM 1561 O O   . HOH B 2 .   ? -10.238 0.059   9.053   1.00 23.19 ? 261 HOH A O   1 
HETATM 1562 O O   . HOH B 2 .   ? 2.089   13.832  16.905  1.00 34.78 ? 262 HOH A O   1 
HETATM 1563 O O   . HOH B 2 .   ? -14.866 15.874  2.212   1.00 29.24 ? 263 HOH A O   1 
HETATM 1564 O O   . HOH B 2 .   ? 15.964  1.125   2.271   1.00 36.50 ? 264 HOH A O   1 
HETATM 1565 O O   . HOH B 2 .   ? -4.935  -24.329 6.677   1.00 45.49 ? 265 HOH A O   1 
HETATM 1566 O O   . HOH B 2 .   ? 0.993   -17.786 -7.561  1.00 41.09 ? 266 HOH A O   1 
HETATM 1567 O O   . HOH B 2 .   ? 11.356  -6.238  -2.664  1.00 33.46 ? 267 HOH A O   1 
HETATM 1568 O O   . HOH B 2 .   ? -1.579  8.245   -14.834 1.00 26.84 ? 268 HOH A O   1 
HETATM 1569 O O   . HOH B 2 .   ? 1.286   -9.141  13.080  1.00 37.05 ? 269 HOH A O   1 
HETATM 1570 O O   . HOH B 2 .   ? 9.904   11.792  8.690   1.00 25.42 ? 270 HOH A O   1 
HETATM 1571 O O   . HOH B 2 .   ? -1.874  -19.304 -3.982  1.00 32.46 ? 271 HOH A O   1 
HETATM 1572 O O   . HOH B 2 .   ? -8.002  -9.819  -0.567  1.00 28.75 ? 272 HOH A O   1 
HETATM 1573 O O   . HOH B 2 .   ? -5.217  5.771   17.224  1.00 37.40 ? 273 HOH A O   1 
HETATM 1574 O O   . HOH B 2 .   ? -6.257  -15.725 -15.154 1.00 52.72 ? 274 HOH A O   1 
HETATM 1575 O O   . HOH B 2 .   ? 13.934  -0.510  15.074  1.00 46.80 ? 275 HOH A O   1 
HETATM 1576 O O   . HOH B 2 .   ? -2.687  12.086  -11.200 1.00 38.37 ? 276 HOH A O   1 
HETATM 1577 O O   . HOH B 2 .   ? -13.955 -12.263 -9.834  1.00 35.99 ? 277 HOH A O   1 
HETATM 1578 O O   . HOH B 2 .   ? -6.123  8.101   15.732  1.00 28.75 ? 278 HOH A O   1 
HETATM 1579 O O   . HOH B 2 .   ? -5.620  -21.206 -6.251  1.00 36.42 ? 279 HOH A O   1 
HETATM 1580 O O   . HOH B 2 .   ? -6.268  -18.570 -9.262  1.00 43.94 ? 280 HOH A O   1 
HETATM 1581 O O   . HOH B 2 .   ? -8.348  21.396  -1.273  1.00 28.22 ? 281 HOH A O   1 
HETATM 1582 O O   . HOH B 2 .   ? 1.814   -7.375  -18.143 1.00 49.46 ? 282 HOH A O   1 
HETATM 1583 O O   . HOH B 2 .   ? -2.279  8.336   18.389  1.00 43.95 ? 283 HOH A O   1 
HETATM 1584 O O   . HOH B 2 .   ? -10.592 18.222  -3.797  1.00 29.37 ? 284 HOH A O   1 
HETATM 1585 O O   . HOH B 2 .   ? -8.277  12.173  11.604  1.00 39.84 ? 285 HOH A O   1 
HETATM 1586 O O   . HOH B 2 .   ? -9.595  14.352  7.446   1.00 39.17 ? 286 HOH A O   1 
HETATM 1587 O O   . HOH B 2 .   ? 14.937  5.502   7.045   1.00 37.54 ? 287 HOH A O   1 
HETATM 1588 O O   . HOH B 2 .   ? 14.229  6.919   -0.156  1.00 33.66 ? 288 HOH A O   1 
HETATM 1589 O O   . HOH B 2 .   ? 14.240  -4.600  -1.214  1.00 37.93 ? 289 HOH A O   1 
HETATM 1590 O O   . HOH B 2 .   ? -1.023  -3.239  13.817  1.00 32.18 ? 290 HOH A O   1 
HETATM 1591 O O   . HOH B 2 .   ? -6.636  19.165  6.230   1.00 41.44 ? 291 HOH A O   1 
HETATM 1592 O O   . HOH B 2 .   ? -11.194 -2.275  -0.927  1.00 41.34 ? 292 HOH A O   1 
HETATM 1593 O O   . HOH B 2 .   ? 4.418   21.095  -0.435  1.00 36.07 ? 293 HOH A O   1 
HETATM 1594 O O   . HOH B 2 .   ? 1.251   -4.647  -14.489 1.00 39.06 ? 294 HOH A O   1 
HETATM 1595 O O   . HOH B 2 .   ? -10.420 13.274  -9.171  1.00 44.71 ? 295 HOH A O   1 
HETATM 1596 O O   . HOH B 2 .   ? -13.651 -0.604  -1.189  1.00 51.17 ? 296 HOH A O   1 
HETATM 1597 O O   . HOH B 2 .   ? 11.033  8.922   -12.192 1.00 47.27 ? 297 HOH A O   1 
HETATM 1598 O O   . HOH B 2 .   ? 3.249   -18.319 -0.197  1.00 35.93 ? 298 HOH A O   1 
HETATM 1599 O O   . HOH B 2 .   ? 8.530   -8.862  -13.938 1.00 33.81 ? 299 HOH A O   1 
HETATM 1600 O O   . HOH B 2 .   ? -13.374 -19.283 -3.358  1.00 40.53 ? 300 HOH A O   1 
HETATM 1601 O O   . HOH B 2 .   ? -16.081 2.474   -8.793  1.00 41.10 ? 301 HOH A O   1 
HETATM 1602 O O   . HOH B 2 .   ? 12.726  6.905   13.485  1.00 41.27 ? 302 HOH A O   1 
HETATM 1603 O O   . HOH B 2 .   ? -12.821 -7.336  -14.624 1.00 44.53 ? 303 HOH A O   1 
HETATM 1604 O O   . HOH B 2 .   ? -7.323  -16.743 -12.886 1.00 47.13 ? 304 HOH A O   1 
HETATM 1605 O O   . HOH B 2 .   ? -12.173 20.148  -2.444  1.00 42.43 ? 305 HOH A O   1 
HETATM 1606 O O   . HOH B 2 .   ? 4.281   -15.264 -16.186 1.00 36.58 ? 306 HOH A O   1 
HETATM 1607 O O   . HOH B 2 .   ? 5.673   -18.988 -1.674  1.00 37.53 ? 307 HOH A O   1 
HETATM 1608 O O   . HOH B 2 .   ? -3.758  -21.075 -3.195  1.00 33.64 ? 308 HOH A O   1 
HETATM 1609 O O   . HOH B 2 .   ? 2.961   20.473  -3.771  1.00 52.99 ? 309 HOH A O   1 
HETATM 1610 O O   . HOH B 2 .   ? 10.056  7.972   14.796  1.00 42.23 ? 310 HOH A O   1 
HETATM 1611 O O   . HOH B 2 .   ? -2.758  -5.353  -18.216 1.00 37.08 ? 311 HOH A O   1 
HETATM 1612 O O   . HOH B 2 .   ? -6.800  11.735  14.665  1.00 44.29 ? 312 HOH A O   1 
HETATM 1613 O O   . HOH B 2 .   ? 6.052   -3.948  -8.658  1.00 41.93 ? 313 HOH A O   1 
HETATM 1614 O O   . HOH B 2 .   ? -3.576  -20.512 4.224   1.00 38.06 ? 314 HOH A O   1 
HETATM 1615 O O   . HOH B 2 .   ? 3.773   16.911  -6.053  1.00 41.09 ? 315 HOH A O   1 
HETATM 1616 O O   . HOH B 2 .   ? 1.429   17.031  -8.060  1.00 38.58 ? 316 HOH A O   1 
HETATM 1617 O O   . HOH B 2 .   ? 3.263   23.465  5.856   1.00 52.02 ? 317 HOH A O   1 
HETATM 1618 O O   . HOH B 2 .   ? -8.335  12.657  8.820   1.00 43.84 ? 318 HOH A O   1 
HETATM 1619 O O   . HOH B 2 .   ? 13.045  -7.124  17.616  1.00 53.59 ? 319 HOH A O   1 
HETATM 1620 O O   . HOH B 2 .   ? -10.303 8.952   -10.755 1.00 34.90 ? 320 HOH A O   1 
HETATM 1621 O O   . HOH B 2 .   ? -0.526  -3.136  -15.809 1.00 59.21 ? 321 HOH A O   1 
HETATM 1622 O O   . HOH B 2 .   ? -6.622  21.402  0.920   1.00 43.06 ? 322 HOH A O   1 
HETATM 1623 O O   . HOH B 2 .   ? -11.111 2.082   14.329  1.00 53.54 ? 323 HOH A O   1 
HETATM 1624 O O   . HOH B 2 .   ? 15.840  -6.781  -0.959  1.00 53.95 ? 324 HOH A O   1 
HETATM 1625 O O   . HOH B 2 .   ? 12.697  12.158  0.025   1.00 33.01 ? 325 HOH A O   1 
HETATM 1626 O O   . HOH B 2 .   ? 9.207   18.175  2.408   1.00 54.33 ? 326 HOH A O   1 
HETATM 1627 O O   . HOH B 2 .   ? 6.598   -12.690 3.600   1.00 45.14 ? 327 HOH A O   1 
HETATM 1628 O O   . HOH B 2 .   ? 1.287   -21.269 -1.552  1.00 44.47 ? 328 HOH A O   1 
HETATM 1629 O O   . HOH B 2 .   ? -13.785 -11.888 -2.029  1.00 43.20 ? 329 HOH A O   1 
HETATM 1630 O O   . HOH B 2 .   ? -13.199 15.300  -4.624  1.00 44.57 ? 330 HOH A O   1 
HETATM 1631 O O   . HOH B 2 .   ? -2.883  4.345   17.428  1.00 38.92 ? 331 HOH A O   1 
HETATM 1632 O O   . HOH B 2 .   ? -0.761  -8.571  -23.516 1.00 45.88 ? 332 HOH A O   1 
HETATM 1633 O O   . HOH B 2 .   ? 6.341   14.790  -1.642  1.00 48.43 ? 333 HOH A O   1 
HETATM 1634 O O   . HOH B 2 .   ? -11.999 0.627   12.465  1.00 46.10 ? 334 HOH A O   1 
HETATM 1635 O O   . HOH B 2 .   ? -14.084 -9.136  -10.377 1.00 38.60 ? 335 HOH A O   1 
HETATM 1636 O O   . HOH B 2 .   ? 17.638  -6.334  5.464   1.00 49.39 ? 336 HOH A O   1 
HETATM 1637 O O   . HOH B 2 .   ? 19.120  -0.607  11.300  1.00 45.74 ? 337 HOH A O   1 
HETATM 1638 O O   . HOH B 2 .   ? 2.498   0.106   -17.198 1.00 52.66 ? 338 HOH A O   1 
HETATM 1639 O O   . HOH B 2 .   ? 18.334  -5.229  -0.063  1.00 46.72 ? 339 HOH A O   1 
HETATM 1640 O O   . HOH B 2 .   ? 5.900   -16.206 2.775   1.00 42.85 ? 340 HOH A O   1 
HETATM 1641 O O   . HOH B 2 .   ? -12.279 -21.501 -4.011  1.00 42.51 ? 341 HOH A O   1 
HETATM 1642 O O   . HOH B 2 .   ? 4.160   14.022  10.766  1.00 45.45 ? 342 HOH A O   1 
HETATM 1643 O O   . HOH B 2 .   ? -1.391  -18.742 -6.573  1.00 39.25 ? 343 HOH A O   1 
HETATM 1644 O O   . HOH B 2 .   ? -13.600 -15.760 -3.778  1.00 41.77 ? 344 HOH A O   1 
HETATM 1645 O O   . HOH B 2 .   ? 13.542  -11.308 -0.467  1.00 50.49 ? 345 HOH A O   1 
HETATM 1646 O O   . HOH B 2 .   ? -0.581  -22.361 4.014   1.00 40.77 ? 346 HOH A O   1 
HETATM 1647 O O   . HOH B 2 .   ? 16.508  -8.848  4.280   1.00 58.28 ? 347 HOH A O   1 
HETATM 1648 O O   . HOH B 2 .   ? -10.778 22.472  -1.816  1.00 24.95 ? 348 HOH A O   1 
HETATM 1649 O O   . HOH B 2 .   ? -5.240  19.854  8.802   1.00 45.65 ? 349 HOH A O   1 
HETATM 1650 O O   . HOH B 2 .   ? 2.320   16.619  10.470  1.00 45.43 ? 350 HOH A O   1 
HETATM 1651 O O   . HOH B 2 .   ? 4.088   16.338  -3.104  1.00 47.94 ? 351 HOH A O   1 
HETATM 1652 O O   . HOH B 2 .   ? -10.847 0.156   0.238   1.00 43.62 ? 352 HOH A O   1 
HETATM 1653 O O   . HOH B 2 .   ? 8.873   -5.657  -13.689 1.00 41.25 ? 353 HOH A O   1 
HETATM 1654 O O   . HOH B 2 .   ? 9.906   17.231  -0.013  1.00 55.52 ? 354 HOH A O   1 
HETATM 1655 O O   . HOH B 2 .   ? -12.364 20.266  5.792   1.00 56.81 ? 355 HOH A O   1 
HETATM 1656 O O   . HOH B 2 .   ? 2.216   -21.101 0.862   1.00 54.65 ? 356 HOH A O   1 
HETATM 1657 O O   . HOH B 2 .   ? 6.409   -17.469 9.428   1.00 46.09 ? 357 HOH A O   1 
HETATM 1658 O O   . HOH B 2 .   ? -0.715  -5.531  -10.201 1.00 20.32 ? 358 HOH A O   1 
HETATM 1659 O O   . HOH B 2 .   ? 4.734   -5.772  -10.689 1.00 36.08 ? 359 HOH A O   1 
HETATM 1660 O O   . HOH B 2 .   ? 1.968   -5.830  -9.511  1.00 20.74 ? 360 HOH A O   1 
HETATM 1661 O O   . HOH B 2 .   ? -9.360  18.598  5.547   1.00 41.45 ? 361 HOH A O   1 
HETATM 1662 O O   . HOH B 2 .   ? 7.311   4.803   -16.973 1.00 41.92 ? 362 HOH A O   1 
HETATM 1663 O O   . HOH B 2 .   ? -12.039 2.506   -1.503  1.00 44.16 ? 363 HOH A O   1 
HETATM 1664 O O   . HOH B 2 .   ? -6.783  -10.772 -3.188  1.00 25.65 ? 364 HOH A O   1 
HETATM 1665 O O   . HOH B 2 .   ? 12.649  -1.147  -9.891  1.00 47.95 ? 365 HOH A O   1 
HETATM 1666 O O   . HOH B 2 .   ? 6.390   -10.132 10.983  1.00 35.88 ? 366 HOH A O   1 
HETATM 1667 O O   . HOH B 2 .   ? 8.535   -5.852  15.025  1.00 29.24 ? 367 HOH A O   1 
HETATM 1668 O O   . HOH B 2 .   ? 11.722  6.189   5.789   1.00 33.56 ? 368 HOH A O   1 
HETATM 1669 O O   . HOH B 2 .   ? -2.883  -17.344 -8.702  1.00 31.30 ? 369 HOH A O   1 
HETATM 1670 O O   . HOH B 2 .   ? -9.099  -11.033 -4.318  1.00 22.34 ? 370 HOH A O   1 
HETATM 1671 O O   . HOH B 2 .   ? 2.709   -12.348 11.975  1.00 43.00 ? 371 HOH A O   1 
HETATM 1672 O O   . HOH B 2 .   ? 8.711   -4.979  17.612  1.00 49.46 ? 372 HOH A O   1 
HETATM 1673 O O   . HOH B 2 .   ? 2.248   -19.471 -18.273 1.00 46.26 ? 373 HOH A O   1 
HETATM 1674 O O   . HOH B 2 .   ? -4.633  0.253   19.503  1.00 53.60 ? 374 HOH A O   1 
HETATM 1675 O O   . HOH B 2 .   ? 3.611   -13.838 -18.297 1.00 46.09 ? 375 HOH A O   1 
HETATM 1676 O O   . HOH B 2 .   ? 8.106   -2.014  -8.248  1.00 45.29 ? 376 HOH A O   1 
HETATM 1677 O O   . HOH B 2 .   ? 9.416   -8.698  15.949  1.00 47.01 ? 377 HOH A O   1 
HETATM 1678 O O   . HOH B 2 .   ? 9.952   11.410  16.542  1.00 44.21 ? 378 HOH A O   1 
HETATM 1679 O O   . HOH B 2 .   ? 2.233   -10.898 14.598  1.00 41.35 ? 379 HOH A O   1 
HETATM 1680 O O   . HOH B 2 .   ? -8.342  -16.874 -10.194 1.00 43.45 ? 380 HOH A O   1 
HETATM 1681 O O   . HOH B 2 .   ? 8.609   -9.768  12.815  1.00 44.77 ? 381 HOH A O   1 
HETATM 1682 O O   . HOH B 2 .   ? -14.495 2.287   -1.983  1.00 50.76 ? 382 HOH A O   1 
HETATM 1683 O O   . HOH B 2 .   ? -1.194  16.711  -8.062  1.00 44.11 ? 383 HOH A O   1 
HETATM 1684 O O   . HOH B 2 .   ? -3.028  18.525  11.969  1.00 56.54 ? 384 HOH A O   1 
HETATM 1685 O O   . HOH B 2 .   ? 1.054   -19.160 -13.317 1.00 59.18 ? 385 HOH A O   1 
HETATM 1686 O O   . HOH B 2 .   ? -4.057  -18.168 -15.050 1.00 44.46 ? 386 HOH A O   1 
HETATM 1687 O O   . HOH B 2 .   ? 12.673  10.848  11.431  1.00 40.90 ? 387 HOH A O   1 
HETATM 1688 O O   . HOH B 2 .   ? -4.801  16.961  10.335  1.00 57.41 ? 388 HOH A O   1 
HETATM 1689 O O   . HOH B 2 .   ? 15.339  -6.643  16.042  1.00 55.34 ? 389 HOH A O   1 
HETATM 1690 O O   . HOH B 2 .   ? -13.773 -15.784 -6.452  1.00 44.93 ? 390 HOH A O   1 
HETATM 1691 O O   . HOH B 2 .   ? -11.091 5.837   15.830  1.00 48.33 ? 391 HOH A O   1 
HETATM 1692 O O   . HOH B 2 .   ? -18.878 -5.558  -3.470  1.00 41.05 ? 392 HOH A O   1 
HETATM 1693 O O   . HOH B 2 .   ? 9.145   -11.831 2.294   1.00 43.17 ? 393 HOH A O   1 
HETATM 1694 O O   . HOH B 2 .   ? -8.385  5.305   18.797  1.00 47.00 ? 394 HOH A O   1 
HETATM 1695 O O   . HOH B 2 .   ? 2.614   -23.406 5.415   1.00 51.10 ? 395 HOH A O   1 
HETATM 1696 O O   . HOH B 2 .   ? -14.407 -12.926 1.043   1.00 52.40 ? 396 HOH A O   1 
HETATM 1697 O O   . HOH B 2 .   ? 11.195  13.121  6.608   1.00 47.20 ? 397 HOH A O   1 
HETATM 1698 O O   . HOH B 2 .   ? 13.169  13.861  15.128  1.00 57.18 ? 398 HOH A O   1 
HETATM 1699 O O   . HOH B 2 .   ? -9.577  0.692   -2.576  1.00 37.45 ? 399 HOH A O   1 
HETATM 1700 O O   . HOH B 2 .   ? -7.319  15.790  11.912  1.00 57.80 ? 400 HOH A O   1 
HETATM 1701 O O   . HOH B 2 .   ? 12.446  14.633  -9.698  1.00 49.27 ? 401 HOH A O   1 
HETATM 1702 O O   . HOH B 2 .   ? 10.992  16.415  -8.176  1.00 54.18 ? 402 HOH A O   1 
HETATM 1703 O O   . HOH B 2 .   ? -1.061  17.040  15.630  1.00 49.66 ? 403 HOH A O   1 
HETATM 1704 O O   . HOH B 2 .   ? 0.266   -2.182  18.079  1.00 63.21 ? 404 HOH A O   1 
HETATM 1705 O O   . HOH B 2 .   ? -4.778  13.664  -12.128 1.00 51.22 ? 405 HOH A O   1 
HETATM 1706 O O   . HOH B 2 .   ? 13.901  -3.620  15.532  1.00 52.92 ? 406 HOH A O   1 
HETATM 1707 O O   . HOH B 2 .   ? 4.169   27.587  2.736   1.00 51.22 ? 407 HOH A O   1 
HETATM 1708 O O   . HOH B 2 .   ? -10.507 -10.015 -0.907  1.00 42.33 ? 408 HOH A O   1 
HETATM 1709 O O   . HOH B 2 .   ? -7.629  12.642  -12.325 1.00 41.72 ? 409 HOH A O   1 
HETATM 1710 O O   . HOH B 2 .   ? 9.891   17.271  5.104   1.00 54.30 ? 410 HOH A O   1 
HETATM 1711 O O   . HOH B 2 .   ? -17.466 -5.963  -1.151  1.00 59.96 ? 411 HOH A O   1 
HETATM 1712 O O   . HOH B 2 .   ? 17.228  3.958   11.649  1.00 58.06 ? 412 HOH A O   1 
HETATM 1713 O O   . HOH B 2 .   ? -5.015  15.075  -14.763 1.00 53.05 ? 413 HOH A O   1 
HETATM 1714 O O   . HOH B 2 .   ? 13.890  9.131   13.180  1.00 52.48 ? 414 HOH A O   1 
HETATM 1715 O O   . HOH B 2 .   ? 13.011  13.233  4.654   1.00 51.22 ? 415 HOH A O   1 
HETATM 1716 O O   . HOH B 2 .   ? -19.631 -4.657  1.135   1.00 43.61 ? 416 HOH A O   1 
HETATM 1717 O O   . HOH B 2 .   ? 12.206  16.379  14.912  1.00 54.51 ? 417 HOH A O   1 
HETATM 1718 O O   . HOH B 2 .   ? -0.036  0.055   19.665  1.00 53.29 ? 418 HOH A O   1 
HETATM 1719 O O   . HOH B 2 .   ? 16.187  13.249  3.539   1.00 55.60 ? 419 HOH A O   1 
HETATM 1720 O O   . HOH B 2 .   ? -2.577  14.345  -14.649 1.00 57.56 ? 420 HOH A O   1 
HETATM 1721 O O   . HOH B 2 .   ? -2.413  1.218   20.272  1.00 56.33 ? 421 HOH A O   1 
HETATM 1722 O O   . HOH B 2 .   ? -0.433  2.750   20.980  1.00 46.05 ? 422 HOH A O   1 
HETATM 1723 O O   . HOH B 2 .   ? -4.524  -9.957  7.775   1.00 31.23 ? 423 HOH A O   1 
HETATM 1724 O O   . HOH B 2 .   ? -5.988  -10.971 9.583   1.00 43.58 ? 424 HOH A O   1 
HETATM 1725 O O   . HOH B 2 .   ? -9.772  -3.263  0.900   1.00 43.58 ? 425 HOH A O   1 
HETATM 1726 O O   . HOH B 2 .   ? -7.274  4.623   -6.180  1.00 31.57 ? 426 HOH A O   1 
HETATM 1727 O O   . HOH B 2 .   ? -15.391 1.496   -13.052 1.00 43.58 ? 427 HOH A O   1 
HETATM 1728 O O   . HOH B 2 .   ? -7.290  2.168   -13.241 1.00 24.46 ? 428 HOH A O   1 
HETATM 1729 O O   . HOH B 2 .   ? -10.417 -4.730  9.332   1.00 48.36 ? 429 HOH A O   1 
HETATM 1730 O O   . HOH B 2 .   ? -14.196 0.668   11.139  1.00 53.50 ? 430 HOH A O   1 
HETATM 1731 O O   . HOH B 2 .   ? -4.686  -6.995  13.061  1.00 35.96 ? 431 HOH A O   1 
HETATM 1732 O O   . HOH B 2 .   ? -2.296  -5.877  14.003  1.00 32.72 ? 432 HOH A O   1 
HETATM 1733 O O   . HOH B 2 .   ? -3.081  4.917   -15.992 1.00 35.02 ? 433 HOH A O   1 
HETATM 1734 O O   . HOH B 2 .   ? 6.356   10.673  11.470  1.00 44.04 ? 434 HOH A O   1 
HETATM 1735 O O   . HOH B 2 .   ? 2.372   12.990  20.846  1.00 47.13 ? 435 HOH A O   1 
HETATM 1736 O O   . HOH B 2 .   ? 9.616   1.686   -14.432 1.00 48.21 ? 436 HOH A O   1 
HETATM 1737 O O   . HOH B 2 .   ? -2.182  -18.753 5.405   1.00 33.22 ? 437 HOH A O   1 
HETATM 1738 O O   . HOH B 2 .   ? -16.143 -9.816  -1.642  1.00 52.88 ? 438 HOH A O   1 
HETATM 1739 O O   . HOH B 2 .   ? 11.159  2.386   17.237  1.00 36.31 ? 439 HOH A O   1 
HETATM 1740 O O   . HOH B 2 .   ? -15.542 14.067  6.246   1.00 20.25 ? 440 HOH A O   1 
HETATM 1741 O O   . HOH B 2 .   ? -14.646 7.450   -5.335  1.00 26.42 ? 441 HOH A O   1 
HETATM 1742 O O   . HOH B 2 .   ? 9.585   -12.167 -6.732  1.00 45.41 ? 442 HOH A O   1 
HETATM 1743 O O   . HOH B 2 .   ? -7.279  -0.479  -12.125 1.00 24.45 ? 443 HOH A O   1 
HETATM 1744 O O   . HOH B 2 .   ? 4.793   -9.019  -13.934 1.00 37.51 ? 444 HOH A O   1 
HETATM 1745 O O   . HOH B 2 .   ? -0.311  -6.441  -19.070 1.00 45.63 ? 445 HOH A O   1 
HETATM 1746 O O   . HOH B 2 .   ? 3.622   -12.747 -20.834 1.00 43.56 ? 446 HOH A O   1 
HETATM 1747 O O   . HOH B 2 .   ? -7.414  -5.254  14.513  1.00 27.99 ? 447 HOH A O   1 
HETATM 1748 O O   . HOH B 2 .   ? 11.385  -11.347 -5.002  1.00 50.97 ? 448 HOH A O   1 
HETATM 1749 O O   . HOH B 2 .   ? -12.828 12.759  -3.250  1.00 37.64 ? 449 HOH A O   1 
HETATM 1750 O O   . HOH B 2 .   ? -10.097 -4.012  -17.861 1.00 44.47 ? 450 HOH A O   1 
# 
loop_
_pdbx_poly_seq_scheme.asym_id 
_pdbx_poly_seq_scheme.entity_id 
_pdbx_poly_seq_scheme.seq_id 
_pdbx_poly_seq_scheme.mon_id 
_pdbx_poly_seq_scheme.ndb_seq_num 
_pdbx_poly_seq_scheme.pdb_seq_num 
_pdbx_poly_seq_scheme.auth_seq_num 
_pdbx_poly_seq_scheme.pdb_mon_id 
_pdbx_poly_seq_scheme.auth_mon_id 
_pdbx_poly_seq_scheme.pdb_strand_id 
_pdbx_poly_seq_scheme.pdb_ins_code 
_pdbx_poly_seq_scheme.hetero 
A 1 1   MET 1   1   1   MET MET A . n 
A 1 2   THR 2   2   2   THR THR A . n 
A 1 3   ALA 3   3   3   ALA ALA A . n 
A 1 4   VAL 4   4   4   VAL VAL A . n 
A 1 5   GLN 5   5   5   GLN GLN A . n 
A 1 6   LEU 6   6   6   LEU LEU A . n 
A 1 7   ILE 7   7   7   ILE ILE A . n 
A 1 8   VAL 8   8   8   VAL VAL A . n 
A 1 9   GLY 9   9   9   GLY GLY A . n 
A 1 10  LEU 10  10  10  LEU LEU A . n 
A 1 11  GLY 11  11  11  GLY GLY A . n 
A 1 12  ASN 12  12  12  ASN ASN A . n 
A 1 13  PRO 13  13  13  PRO PRO A . n 
A 1 14  GLY 14  14  14  GLY GLY A . n 
A 1 15  PRO 15  15  15  PRO PRO A . n 
A 1 16  GLU 16  16  16  GLU GLU A . n 
A 1 17  TYR 17  17  17  TYR TYR A . n 
A 1 18  ASP 18  18  18  ASP ASP A . n 
A 1 19  GLN 19  19  19  GLN GLN A . n 
A 1 20  THR 20  20  20  THR THR A . n 
A 1 21  ARG 21  21  21  ARG ARG A . n 
A 1 22  HIS 22  22  22  HIS HIS A . n 
A 1 23  ASN 23  23  23  ASN ASN A . n 
A 1 24  ALA 24  24  24  ALA ALA A . n 
A 1 25  GLY 25  25  25  GLY GLY A . n 
A 1 26  ALA 26  26  26  ALA ALA A . n 
A 1 27  LEU 27  27  27  LEU LEU A . n 
A 1 28  PHE 28  28  28  PHE PHE A . n 
A 1 29  VAL 29  29  29  VAL VAL A . n 
A 1 30  GLU 30  30  30  GLU GLU A . n 
A 1 31  ARG 31  31  31  ARG ARG A . n 
A 1 32  LEU 32  32  32  LEU LEU A . n 
A 1 33  ALA 33  33  33  ALA ALA A . n 
A 1 34  HIS 34  34  34  HIS HIS A . n 
A 1 35  ALA 35  35  35  ALA ALA A . n 
A 1 36  GLN 36  36  36  GLN GLN A . n 
A 1 37  GLY 37  37  37  GLY GLY A . n 
A 1 38  VAL 38  38  38  VAL VAL A . n 
A 1 39  SER 39  39  39  SER SER A . n 
A 1 40  LEU 40  40  40  LEU LEU A . n 
A 1 41  VAL 41  41  41  VAL VAL A . n 
A 1 42  ALA 42  42  42  ALA ALA A . n 
A 1 43  ASP 43  43  43  ASP ASP A . n 
A 1 44  ARG 44  44  44  ARG ARG A . n 
A 1 45  LYS 45  45  45  LYS LYS A . n 
A 1 46  TYR 46  46  46  TYR TYR A . n 
A 1 47  PHE 47  47  47  PHE PHE A . n 
A 1 48  GLY 48  48  48  GLY GLY A . n 
A 1 49  LEU 49  49  49  LEU LEU A . n 
A 1 50  VAL 50  50  50  VAL VAL A . n 
A 1 51  GLY 51  51  51  GLY GLY A . n 
A 1 52  LYS 52  52  52  LYS LYS A . n 
A 1 53  PHE 53  53  53  PHE PHE A . n 
A 1 54  SER 54  54  54  SER SER A . n 
A 1 55  HIS 55  55  55  HIS HIS A . n 
A 1 56  GLN 56  56  56  GLN GLN A . n 
A 1 57  GLY 57  57  57  GLY GLY A . n 
A 1 58  LYS 58  58  58  LYS LYS A . n 
A 1 59  ASP 59  59  59  ASP ASP A . n 
A 1 60  VAL 60  60  60  VAL VAL A . n 
A 1 61  ARG 61  61  61  ARG ARG A . n 
A 1 62  LEU 62  62  62  LEU LEU A . n 
A 1 63  LEU 63  63  63  LEU LEU A . n 
A 1 64  ILE 64  64  64  ILE ILE A . n 
A 1 65  PRO 65  65  65  PRO PRO A . n 
A 1 66  THR 66  66  66  THR THR A . n 
A 1 67  THR 67  67  67  THR THR A . n 
A 1 68  TYR 68  68  68  TYR TYR A . n 
A 1 69  MET 69  69  69  MET MET A . n 
A 1 70  ASN 70  70  70  ASN ASN A . n 
A 1 71  ARG 71  71  71  ARG ARG A . n 
A 1 72  SER 72  72  72  SER SER A . n 
A 1 73  GLY 73  73  73  GLY GLY A . n 
A 1 74  GLN 74  74  74  GLN GLN A . n 
A 1 75  SER 75  75  75  SER SER A . n 
A 1 76  VAL 76  76  76  VAL VAL A . n 
A 1 77  ALA 77  77  77  ALA ALA A . n 
A 1 78  ALA 78  78  78  ALA ALA A . n 
A 1 79  LEU 79  79  79  LEU LEU A . n 
A 1 80  ALA 80  80  80  ALA ALA A . n 
A 1 81  GLY 81  81  81  GLY GLY A . n 
A 1 82  PHE 82  82  82  PHE PHE A . n 
A 1 83  PHE 83  83  83  PHE PHE A . n 
A 1 84  ARG 84  84  84  ARG ARG A . n 
A 1 85  ILE 85  85  85  ILE ILE A . n 
A 1 86  ALA 86  86  86  ALA ALA A . n 
A 1 87  PRO 87  87  87  PRO PRO A . n 
A 1 88  ASP 88  88  88  ASP ASP A . n 
A 1 89  ALA 89  89  89  ALA ALA A . n 
A 1 90  ILE 90  90  90  ILE ILE A . n 
A 1 91  LEU 91  91  91  LEU LEU A . n 
A 1 92  VAL 92  92  92  VAL VAL A . n 
A 1 93  ALA 93  93  93  ALA ALA A . n 
A 1 94  HIS 94  94  94  HIS HIS A . n 
A 1 95  ASP 95  95  95  ASP ASP A . n 
A 1 96  GLU 96  96  96  GLU GLU A . n 
A 1 97  LEU 97  97  97  LEU LEU A . n 
A 1 98  ASP 98  98  98  ASP ASP A . n 
A 1 99  MET 99  99  99  MET MET A . n 
A 1 100 PRO 100 100 100 PRO PRO A . n 
A 1 101 PRO 101 101 101 PRO PRO A . n 
A 1 102 GLY 102 102 102 GLY GLY A . n 
A 1 103 VAL 103 103 103 VAL VAL A . n 
A 1 104 ALA 104 104 104 ALA ALA A . n 
A 1 105 LYS 105 105 105 LYS LYS A . n 
A 1 106 LEU 106 106 106 LEU LEU A . n 
A 1 107 LYS 107 107 107 LYS LYS A . n 
A 1 108 THR 108 108 108 THR THR A . n 
A 1 109 GLY 109 109 109 GLY GLY A . n 
A 1 110 GLY 110 110 110 GLY GLY A . n 
A 1 111 GLY 111 111 111 GLY GLY A . n 
A 1 112 HIS 112 112 112 HIS HIS A . n 
A 1 113 GLY 113 113 113 GLY GLY A . n 
A 1 114 GLY 114 114 114 GLY GLY A . n 
A 1 115 HIS 115 115 115 HIS HIS A . n 
A 1 116 ASN 116 116 116 ASN ASN A . n 
A 1 117 GLY 117 117 117 GLY GLY A . n 
A 1 118 LEU 118 118 118 LEU LEU A . n 
A 1 119 ARG 119 119 119 ARG ARG A . n 
A 1 120 ASP 120 120 120 ASP ASP A . n 
A 1 121 ILE 121 121 121 ILE ILE A . n 
A 1 122 ILE 122 122 122 ILE ILE A . n 
A 1 123 ALA 123 123 123 ALA ALA A . n 
A 1 124 GLN 124 124 124 GLN GLN A . n 
A 1 125 LEU 125 125 125 LEU LEU A . n 
A 1 126 GLY 126 126 126 GLY GLY A . n 
A 1 127 ASN 127 127 127 ASN ASN A . n 
A 1 128 GLN 128 128 128 GLN GLN A . n 
A 1 129 ASN 129 129 129 ASN ASN A . n 
A 1 130 SER 130 130 130 SER SER A . n 
A 1 131 PHE 131 131 131 PHE PHE A . n 
A 1 132 HIS 132 132 132 HIS HIS A . n 
A 1 133 ARG 133 133 133 ARG ARG A . n 
A 1 134 LEU 134 134 134 LEU LEU A . n 
A 1 135 ARG 135 135 135 ARG ARG A . n 
A 1 136 LEU 136 136 136 LEU LEU A . n 
A 1 137 GLY 137 137 137 GLY GLY A . n 
A 1 138 ILE 138 138 138 ILE ILE A . n 
A 1 139 GLY 139 139 139 GLY GLY A . n 
A 1 140 HIS 140 140 140 HIS HIS A . n 
A 1 141 PRO 141 141 141 PRO PRO A . n 
A 1 142 GLY 142 142 142 GLY GLY A . n 
A 1 143 HIS 143 143 143 HIS HIS A . n 
A 1 144 SER 144 144 144 SER SER A . n 
A 1 145 SER 145 145 145 SER SER A . n 
A 1 146 LEU 146 146 146 LEU LEU A . n 
A 1 147 VAL 147 147 147 VAL VAL A . n 
A 1 148 SER 148 148 148 SER SER A . n 
A 1 149 GLY 149 149 149 GLY GLY A . n 
A 1 150 TYR 150 150 150 TYR TYR A . n 
A 1 151 VAL 151 151 151 VAL VAL A . n 
A 1 152 LEU 152 152 152 LEU LEU A . n 
A 1 153 GLY 153 153 153 GLY GLY A . n 
A 1 154 ARG 154 154 154 ARG ARG A . n 
A 1 155 ALA 155 155 155 ALA ALA A . n 
A 1 156 PRO 156 156 156 PRO PRO A . n 
A 1 157 ARG 157 157 157 ARG ARG A . n 
A 1 158 SER 158 158 158 SER SER A . n 
A 1 159 GLU 159 159 159 GLU GLU A . n 
A 1 160 GLN 160 160 160 GLN GLN A . n 
A 1 161 GLU 161 161 161 GLU GLU A . n 
A 1 162 LEU 162 162 162 LEU LEU A . n 
A 1 163 LEU 163 163 163 LEU LEU A . n 
A 1 164 ASP 164 164 164 ASP ASP A . n 
A 1 165 THR 165 165 165 THR THR A . n 
A 1 166 SER 166 166 166 SER SER A . n 
A 1 167 ILE 167 167 167 ILE ILE A . n 
A 1 168 ASP 168 168 168 ASP ASP A . n 
A 1 169 PHE 169 169 169 PHE PHE A . n 
A 1 170 ALA 170 170 170 ALA ALA A . n 
A 1 171 LEU 171 171 171 LEU LEU A . n 
A 1 172 GLY 172 172 172 GLY GLY A . n 
A 1 173 VAL 173 173 173 VAL VAL A . n 
A 1 174 LEU 174 174 174 LEU LEU A . n 
A 1 175 PRO 175 175 175 PRO PRO A . n 
A 1 176 GLU 176 176 176 GLU GLU A . n 
A 1 177 MET 177 177 177 MET MET A . n 
A 1 178 LEU 178 178 178 LEU LEU A . n 
A 1 179 ALA 179 179 179 ALA ALA A . n 
A 1 180 GLY 180 180 180 GLY GLY A . n 
A 1 181 ASP 181 181 181 ASP ASP A . n 
A 1 182 TRP 182 182 182 TRP TRP A . n 
A 1 183 THR 183 183 183 THR THR A . n 
A 1 184 ARG 184 184 184 ARG ARG A . n 
A 1 185 ALA 185 185 185 ALA ALA A . n 
A 1 186 MET 186 186 186 MET MET A . n 
A 1 187 GLN 187 187 187 GLN GLN A . n 
A 1 188 LYS 188 188 188 LYS LYS A . n 
A 1 189 LEU 189 189 189 LEU LEU A . n 
A 1 190 HIS 190 190 190 HIS HIS A . n 
A 1 191 SER 191 191 191 SER SER A . n 
A 1 192 GLN 192 192 192 GLN GLN A . n 
A 1 193 LYS 193 193 193 LYS LYS A . n 
A 1 194 ALA 194 194 194 ALA ALA A . n 
# 
loop_
_pdbx_nonpoly_scheme.asym_id 
_pdbx_nonpoly_scheme.entity_id 
_pdbx_nonpoly_scheme.mon_id 
_pdbx_nonpoly_scheme.ndb_seq_num 
_pdbx_nonpoly_scheme.pdb_seq_num 
_pdbx_nonpoly_scheme.auth_seq_num 
_pdbx_nonpoly_scheme.pdb_mon_id 
_pdbx_nonpoly_scheme.auth_mon_id 
_pdbx_nonpoly_scheme.pdb_strand_id 
_pdbx_nonpoly_scheme.pdb_ins_code 
B 2 HOH 1   201 1   HOH HOH A . 
B 2 HOH 2   202 2   HOH HOH A . 
B 2 HOH 3   203 3   HOH HOH A . 
B 2 HOH 4   204 4   HOH HOH A . 
B 2 HOH 5   205 5   HOH HOH A . 
B 2 HOH 6   206 6   HOH HOH A . 
B 2 HOH 7   207 7   HOH HOH A . 
B 2 HOH 8   208 8   HOH HOH A . 
B 2 HOH 9   209 9   HOH HOH A . 
B 2 HOH 10  210 10  HOH HOH A . 
B 2 HOH 11  211 11  HOH HOH A . 
B 2 HOH 12  212 12  HOH HOH A . 
B 2 HOH 13  213 13  HOH HOH A . 
B 2 HOH 14  214 14  HOH HOH A . 
B 2 HOH 15  215 15  HOH HOH A . 
B 2 HOH 16  216 16  HOH HOH A . 
B 2 HOH 17  217 17  HOH HOH A . 
B 2 HOH 18  218 18  HOH HOH A . 
B 2 HOH 19  219 19  HOH HOH A . 
B 2 HOH 20  220 20  HOH HOH A . 
B 2 HOH 21  221 21  HOH HOH A . 
B 2 HOH 22  222 22  HOH HOH A . 
B 2 HOH 23  223 23  HOH HOH A . 
B 2 HOH 24  224 24  HOH HOH A . 
B 2 HOH 25  225 25  HOH HOH A . 
B 2 HOH 26  226 26  HOH HOH A . 
B 2 HOH 27  227 27  HOH HOH A . 
B 2 HOH 28  228 28  HOH HOH A . 
B 2 HOH 29  229 29  HOH HOH A . 
B 2 HOH 30  230 30  HOH HOH A . 
B 2 HOH 31  231 31  HOH HOH A . 
B 2 HOH 32  232 32  HOH HOH A . 
B 2 HOH 33  233 33  HOH HOH A . 
B 2 HOH 34  234 34  HOH HOH A . 
B 2 HOH 35  235 35  HOH HOH A . 
B 2 HOH 36  236 36  HOH HOH A . 
B 2 HOH 37  237 37  HOH HOH A . 
B 2 HOH 38  238 38  HOH HOH A . 
B 2 HOH 39  239 39  HOH HOH A . 
B 2 HOH 40  240 40  HOH HOH A . 
B 2 HOH 41  241 41  HOH HOH A . 
B 2 HOH 42  242 42  HOH HOH A . 
B 2 HOH 43  243 43  HOH HOH A . 
B 2 HOH 44  244 44  HOH HOH A . 
B 2 HOH 45  245 45  HOH HOH A . 
B 2 HOH 46  246 46  HOH HOH A . 
B 2 HOH 47  247 47  HOH HOH A . 
B 2 HOH 48  248 48  HOH HOH A . 
B 2 HOH 49  249 49  HOH HOH A . 
B 2 HOH 50  250 50  HOH HOH A . 
B 2 HOH 51  251 51  HOH HOH A . 
B 2 HOH 52  252 52  HOH HOH A . 
B 2 HOH 53  253 53  HOH HOH A . 
B 2 HOH 54  254 54  HOH HOH A . 
B 2 HOH 55  255 55  HOH HOH A . 
B 2 HOH 56  256 56  HOH HOH A . 
B 2 HOH 57  257 57  HOH HOH A . 
B 2 HOH 58  258 58  HOH HOH A . 
B 2 HOH 59  259 59  HOH HOH A . 
B 2 HOH 60  260 60  HOH HOH A . 
B 2 HOH 61  261 61  HOH HOH A . 
B 2 HOH 62  262 62  HOH HOH A . 
B 2 HOH 63  263 63  HOH HOH A . 
B 2 HOH 64  264 64  HOH HOH A . 
B 2 HOH 65  265 65  HOH HOH A . 
B 2 HOH 66  266 66  HOH HOH A . 
B 2 HOH 67  267 67  HOH HOH A . 
B 2 HOH 68  268 68  HOH HOH A . 
B 2 HOH 69  269 69  HOH HOH A . 
B 2 HOH 70  270 70  HOH HOH A . 
B 2 HOH 71  271 71  HOH HOH A . 
B 2 HOH 72  272 72  HOH HOH A . 
B 2 HOH 73  273 73  HOH HOH A . 
B 2 HOH 74  274 74  HOH HOH A . 
B 2 HOH 75  275 75  HOH HOH A . 
B 2 HOH 76  276 76  HOH HOH A . 
B 2 HOH 77  277 77  HOH HOH A . 
B 2 HOH 78  278 78  HOH HOH A . 
B 2 HOH 79  279 79  HOH HOH A . 
B 2 HOH 80  280 80  HOH HOH A . 
B 2 HOH 81  281 81  HOH HOH A . 
B 2 HOH 82  282 82  HOH HOH A . 
B 2 HOH 83  283 83  HOH HOH A . 
B 2 HOH 84  284 84  HOH HOH A . 
B 2 HOH 85  285 85  HOH HOH A . 
B 2 HOH 86  286 86  HOH HOH A . 
B 2 HOH 87  287 87  HOH HOH A . 
B 2 HOH 88  288 88  HOH HOH A . 
B 2 HOH 89  289 89  HOH HOH A . 
B 2 HOH 90  290 90  HOH HOH A . 
B 2 HOH 91  291 91  HOH HOH A . 
B 2 HOH 92  292 92  HOH HOH A . 
B 2 HOH 93  293 93  HOH HOH A . 
B 2 HOH 94  294 94  HOH HOH A . 
B 2 HOH 95  295 95  HOH HOH A . 
B 2 HOH 96  296 96  HOH HOH A . 
B 2 HOH 97  297 97  HOH HOH A . 
B 2 HOH 98  298 98  HOH HOH A . 
B 2 HOH 99  299 99  HOH HOH A . 
B 2 HOH 100 300 100 HOH HOH A . 
B 2 HOH 101 301 101 HOH HOH A . 
B 2 HOH 102 302 102 HOH HOH A . 
B 2 HOH 103 303 103 HOH HOH A . 
B 2 HOH 104 304 104 HOH HOH A . 
B 2 HOH 105 305 105 HOH HOH A . 
B 2 HOH 106 306 106 HOH HOH A . 
B 2 HOH 107 307 107 HOH HOH A . 
B 2 HOH 108 308 108 HOH HOH A . 
B 2 HOH 109 309 109 HOH HOH A . 
B 2 HOH 110 310 110 HOH HOH A . 
B 2 HOH 111 311 111 HOH HOH A . 
B 2 HOH 112 312 112 HOH HOH A . 
B 2 HOH 113 313 113 HOH HOH A . 
B 2 HOH 114 314 114 HOH HOH A . 
B 2 HOH 115 315 115 HOH HOH A . 
B 2 HOH 116 316 116 HOH HOH A . 
B 2 HOH 117 317 117 HOH HOH A . 
B 2 HOH 118 318 118 HOH HOH A . 
B 2 HOH 119 319 119 HOH HOH A . 
B 2 HOH 120 320 120 HOH HOH A . 
B 2 HOH 121 321 121 HOH HOH A . 
B 2 HOH 122 322 122 HOH HOH A . 
B 2 HOH 123 323 123 HOH HOH A . 
B 2 HOH 124 324 124 HOH HOH A . 
B 2 HOH 125 325 125 HOH HOH A . 
B 2 HOH 126 326 126 HOH HOH A . 
B 2 HOH 127 327 127 HOH HOH A . 
B 2 HOH 128 328 128 HOH HOH A . 
B 2 HOH 129 329 129 HOH HOH A . 
B 2 HOH 130 330 130 HOH HOH A . 
B 2 HOH 131 331 131 HOH HOH A . 
B 2 HOH 132 332 132 HOH HOH A . 
B 2 HOH 133 333 133 HOH HOH A . 
B 2 HOH 134 334 134 HOH HOH A . 
B 2 HOH 135 335 135 HOH HOH A . 
B 2 HOH 136 336 136 HOH HOH A . 
B 2 HOH 137 337 137 HOH HOH A . 
B 2 HOH 138 338 138 HOH HOH A . 
B 2 HOH 139 339 139 HOH HOH A . 
B 2 HOH 140 340 140 HOH HOH A . 
B 2 HOH 141 341 141 HOH HOH A . 
B 2 HOH 142 342 142 HOH HOH A . 
B 2 HOH 143 343 143 HOH HOH A . 
B 2 HOH 144 344 144 HOH HOH A . 
B 2 HOH 145 345 145 HOH HOH A . 
B 2 HOH 146 346 146 HOH HOH A . 
B 2 HOH 147 347 147 HOH HOH A . 
B 2 HOH 148 348 148 HOH HOH A . 
B 2 HOH 149 349 149 HOH HOH A . 
B 2 HOH 150 350 150 HOH HOH A . 
B 2 HOH 151 351 151 HOH HOH A . 
B 2 HOH 152 352 152 HOH HOH A . 
B 2 HOH 153 353 153 HOH HOH A . 
B 2 HOH 154 354 154 HOH HOH A . 
B 2 HOH 155 355 155 HOH HOH A . 
B 2 HOH 156 356 156 HOH HOH A . 
B 2 HOH 157 357 157 HOH HOH A . 
B 2 HOH 158 358 158 HOH HOH A . 
B 2 HOH 159 359 159 HOH HOH A . 
B 2 HOH 160 360 160 HOH HOH A . 
B 2 HOH 161 361 161 HOH HOH A . 
B 2 HOH 162 362 162 HOH HOH A . 
B 2 HOH 163 363 163 HOH HOH A . 
B 2 HOH 164 364 164 HOH HOH A . 
B 2 HOH 165 365 165 HOH HOH A . 
B 2 HOH 166 366 166 HOH HOH A . 
B 2 HOH 167 367 167 HOH HOH A . 
B 2 HOH 168 368 168 HOH HOH A . 
B 2 HOH 169 369 169 HOH HOH A . 
B 2 HOH 170 370 170 HOH HOH A . 
B 2 HOH 171 371 171 HOH HOH A . 
B 2 HOH 172 372 172 HOH HOH A . 
B 2 HOH 173 373 173 HOH HOH A . 
B 2 HOH 174 374 174 HOH HOH A . 
B 2 HOH 175 375 175 HOH HOH A . 
B 2 HOH 176 376 176 HOH HOH A . 
B 2 HOH 177 377 177 HOH HOH A . 
B 2 HOH 178 378 178 HOH HOH A . 
B 2 HOH 179 379 179 HOH HOH A . 
B 2 HOH 180 380 180 HOH HOH A . 
B 2 HOH 181 381 181 HOH HOH A . 
B 2 HOH 182 382 182 HOH HOH A . 
B 2 HOH 183 383 183 HOH HOH A . 
B 2 HOH 184 384 184 HOH HOH A . 
B 2 HOH 185 385 185 HOH HOH A . 
B 2 HOH 186 386 186 HOH HOH A . 
B 2 HOH 187 387 187 HOH HOH A . 
B 2 HOH 188 388 188 HOH HOH A . 
B 2 HOH 189 389 189 HOH HOH A . 
B 2 HOH 190 390 190 HOH HOH A . 
B 2 HOH 191 391 191 HOH HOH A . 
B 2 HOH 192 392 192 HOH HOH A . 
B 2 HOH 193 393 193 HOH HOH A . 
B 2 HOH 194 394 194 HOH HOH A . 
B 2 HOH 195 395 195 HOH HOH A . 
B 2 HOH 196 396 196 HOH HOH A . 
B 2 HOH 197 397 197 HOH HOH A . 
B 2 HOH 198 398 198 HOH HOH A . 
B 2 HOH 199 399 199 HOH HOH A . 
B 2 HOH 200 400 200 HOH HOH A . 
B 2 HOH 201 401 201 HOH HOH A . 
B 2 HOH 202 402 202 HOH HOH A . 
B 2 HOH 203 403 203 HOH HOH A . 
B 2 HOH 204 404 204 HOH HOH A . 
B 2 HOH 205 405 205 HOH HOH A . 
B 2 HOH 206 406 206 HOH HOH A . 
B 2 HOH 207 407 207 HOH HOH A . 
B 2 HOH 208 408 208 HOH HOH A . 
B 2 HOH 209 409 209 HOH HOH A . 
B 2 HOH 210 410 210 HOH HOH A . 
B 2 HOH 211 411 211 HOH HOH A . 
B 2 HOH 212 412 212 HOH HOH A . 
B 2 HOH 213 413 213 HOH HOH A . 
B 2 HOH 214 414 214 HOH HOH A . 
B 2 HOH 215 415 215 HOH HOH A . 
B 2 HOH 216 416 216 HOH HOH A . 
B 2 HOH 217 417 217 HOH HOH A . 
B 2 HOH 218 418 218 HOH HOH A . 
B 2 HOH 219 419 219 HOH HOH A . 
B 2 HOH 220 420 220 HOH HOH A . 
B 2 HOH 221 421 221 HOH HOH A . 
B 2 HOH 222 422 222 HOH HOH A . 
B 2 HOH 223 423 223 HOH HOH A . 
B 2 HOH 224 424 224 HOH HOH A . 
B 2 HOH 225 425 225 HOH HOH A . 
B 2 HOH 226 426 226 HOH HOH A . 
B 2 HOH 227 427 227 HOH HOH A . 
B 2 HOH 228 428 228 HOH HOH A . 
B 2 HOH 229 429 229 HOH HOH A . 
B 2 HOH 230 430 230 HOH HOH A . 
B 2 HOH 231 431 231 HOH HOH A . 
B 2 HOH 232 432 232 HOH HOH A . 
B 2 HOH 233 433 233 HOH HOH A . 
B 2 HOH 234 434 234 HOH HOH A . 
B 2 HOH 235 435 235 HOH HOH A . 
B 2 HOH 236 436 236 HOH HOH A . 
B 2 HOH 237 437 237 HOH HOH A . 
B 2 HOH 238 438 238 HOH HOH A . 
B 2 HOH 239 439 239 HOH HOH A . 
B 2 HOH 240 440 240 HOH HOH A . 
B 2 HOH 241 441 241 HOH HOH A . 
B 2 HOH 242 442 242 HOH HOH A . 
B 2 HOH 243 443 243 HOH HOH A . 
B 2 HOH 244 444 244 HOH HOH A . 
B 2 HOH 245 445 245 HOH HOH A . 
B 2 HOH 246 446 246 HOH HOH A . 
B 2 HOH 247 447 247 HOH HOH A . 
B 2 HOH 248 448 248 HOH HOH A . 
B 2 HOH 249 449 249 HOH HOH A . 
B 2 HOH 250 450 250 HOH HOH A . 
# 
_pdbx_struct_assembly.id                   1 
_pdbx_struct_assembly.details              author_and_software_defined_assembly 
_pdbx_struct_assembly.method_details       PISA 
_pdbx_struct_assembly.oligomeric_details   monomeric 
_pdbx_struct_assembly.oligomeric_count     1 
# 
_pdbx_struct_assembly_gen.assembly_id       1 
_pdbx_struct_assembly_gen.oper_expression   1 
_pdbx_struct_assembly_gen.asym_id_list      A,B 
# 
_pdbx_struct_oper_list.id                   1 
_pdbx_struct_oper_list.type                 'identity operation' 
_pdbx_struct_oper_list.name                 1_555 
_pdbx_struct_oper_list.symmetry_operation   x,y,z 
_pdbx_struct_oper_list.matrix[1][1]         1.0000000000 
_pdbx_struct_oper_list.matrix[1][2]         0.0000000000 
_pdbx_struct_oper_list.matrix[1][3]         0.0000000000 
_pdbx_struct_oper_list.vector[1]            0.0000000000 
_pdbx_struct_oper_list.matrix[2][1]         0.0000000000 
_pdbx_struct_oper_list.matrix[2][2]         1.0000000000 
_pdbx_struct_oper_list.matrix[2][3]         0.0000000000 
_pdbx_struct_oper_list.vector[2]            0.0000000000 
_pdbx_struct_oper_list.matrix[3][1]         0.0000000000 
_pdbx_struct_oper_list.matrix[3][2]         0.0000000000 
_pdbx_struct_oper_list.matrix[3][3]         1.0000000000 
_pdbx_struct_oper_list.vector[3]            0.0000000000 
# 
loop_
_pdbx_audit_revision_history.ordinal 
_pdbx_audit_revision_history.data_content_type 
_pdbx_audit_revision_history.major_revision 
_pdbx_audit_revision_history.minor_revision 
_pdbx_audit_revision_history.revision_date 
1 'Structure model' 1 0 2014-05-28 
2 'Structure model' 1 1 2014-11-12 
3 'Structure model' 1 2 2023-11-08 
# 
_pdbx_audit_revision_details.ordinal             1 
_pdbx_audit_revision_details.revision_ordinal    1 
_pdbx_audit_revision_details.data_content_type   'Structure model' 
_pdbx_audit_revision_details.provider            repository 
_pdbx_audit_revision_details.type                'Initial release' 
_pdbx_audit_revision_details.description         ? 
_pdbx_audit_revision_details.details             ? 
# 
loop_
_pdbx_audit_revision_group.ordinal 
_pdbx_audit_revision_group.revision_ordinal 
_pdbx_audit_revision_group.data_content_type 
_pdbx_audit_revision_group.group 
1 2 'Structure model' 'Database references'    
2 3 'Structure model' 'Data collection'        
3 3 'Structure model' 'Database references'    
4 3 'Structure model' 'Refinement description' 
# 
loop_
_pdbx_audit_revision_category.ordinal 
_pdbx_audit_revision_category.revision_ordinal 
_pdbx_audit_revision_category.data_content_type 
_pdbx_audit_revision_category.category 
1 3 'Structure model' chem_comp_atom                
2 3 'Structure model' chem_comp_bond                
3 3 'Structure model' database_2                    
4 3 'Structure model' pdbx_initial_refinement_model 
# 
loop_
_pdbx_audit_revision_item.ordinal 
_pdbx_audit_revision_item.revision_ordinal 
_pdbx_audit_revision_item.data_content_type 
_pdbx_audit_revision_item.item 
1 3 'Structure model' '_database_2.pdbx_DOI'                
2 3 'Structure model' '_database_2.pdbx_database_accession' 
# 
loop_
_software.name 
_software.classification 
_software.version 
_software.citation_id 
_software.pdbx_ordinal 
HKL-2000  'data collection' .        ? 1 
AMoRE     phasing           .        ? 2 
REFMAC    refinement        5.7.0032 ? 3 
HKL-2000  'data reduction'  .        ? 4 
SCALEPACK 'data scaling'    .        ? 5 
# 
loop_
_pdbx_validate_rmsd_angle.id 
_pdbx_validate_rmsd_angle.PDB_model_num 
_pdbx_validate_rmsd_angle.auth_atom_id_1 
_pdbx_validate_rmsd_angle.auth_asym_id_1 
_pdbx_validate_rmsd_angle.auth_comp_id_1 
_pdbx_validate_rmsd_angle.auth_seq_id_1 
_pdbx_validate_rmsd_angle.PDB_ins_code_1 
_pdbx_validate_rmsd_angle.label_alt_id_1 
_pdbx_validate_rmsd_angle.auth_atom_id_2 
_pdbx_validate_rmsd_angle.auth_asym_id_2 
_pdbx_validate_rmsd_angle.auth_comp_id_2 
_pdbx_validate_rmsd_angle.auth_seq_id_2 
_pdbx_validate_rmsd_angle.PDB_ins_code_2 
_pdbx_validate_rmsd_angle.label_alt_id_2 
_pdbx_validate_rmsd_angle.auth_atom_id_3 
_pdbx_validate_rmsd_angle.auth_asym_id_3 
_pdbx_validate_rmsd_angle.auth_comp_id_3 
_pdbx_validate_rmsd_angle.auth_seq_id_3 
_pdbx_validate_rmsd_angle.PDB_ins_code_3 
_pdbx_validate_rmsd_angle.label_alt_id_3 
_pdbx_validate_rmsd_angle.angle_value 
_pdbx_validate_rmsd_angle.angle_target_value 
_pdbx_validate_rmsd_angle.angle_deviation 
_pdbx_validate_rmsd_angle.angle_standard_deviation 
_pdbx_validate_rmsd_angle.linker_flag 
1 1 NE A ARG 31 ? B CZ A ARG 31 ? B NH1 A ARG 31 ? B 124.68 120.30 4.38  0.50 N 
2 1 NE A ARG 31 ? B CZ A ARG 31 ? B NH2 A ARG 31 ? B 115.73 120.30 -4.57 0.50 N 
3 1 CB A ASP 98 ? ? CG A ASP 98 ? ? OD2 A ASP 98 ? ? 112.27 118.30 -6.03 0.90 N 
# 
loop_
_chem_comp_atom.comp_id 
_chem_comp_atom.atom_id 
_chem_comp_atom.type_symbol 
_chem_comp_atom.pdbx_aromatic_flag 
_chem_comp_atom.pdbx_stereo_config 
_chem_comp_atom.pdbx_ordinal 
ALA N    N N N 1   
ALA CA   C N S 2   
ALA C    C N N 3   
ALA O    O N N 4   
ALA CB   C N N 5   
ALA OXT  O N N 6   
ALA H    H N N 7   
ALA H2   H N N 8   
ALA HA   H N N 9   
ALA HB1  H N N 10  
ALA HB2  H N N 11  
ALA HB3  H N N 12  
ALA HXT  H N N 13  
ARG N    N N N 14  
ARG CA   C N S 15  
ARG C    C N N 16  
ARG O    O N N 17  
ARG CB   C N N 18  
ARG CG   C N N 19  
ARG CD   C N N 20  
ARG NE   N N N 21  
ARG CZ   C N N 22  
ARG NH1  N N N 23  
ARG NH2  N N N 24  
ARG OXT  O N N 25  
ARG H    H N N 26  
ARG H2   H N N 27  
ARG HA   H N N 28  
ARG HB2  H N N 29  
ARG HB3  H N N 30  
ARG HG2  H N N 31  
ARG HG3  H N N 32  
ARG HD2  H N N 33  
ARG HD3  H N N 34  
ARG HE   H N N 35  
ARG HH11 H N N 36  
ARG HH12 H N N 37  
ARG HH21 H N N 38  
ARG HH22 H N N 39  
ARG HXT  H N N 40  
ASN N    N N N 41  
ASN CA   C N S 42  
ASN C    C N N 43  
ASN O    O N N 44  
ASN CB   C N N 45  
ASN CG   C N N 46  
ASN OD1  O N N 47  
ASN ND2  N N N 48  
ASN OXT  O N N 49  
ASN H    H N N 50  
ASN H2   H N N 51  
ASN HA   H N N 52  
ASN HB2  H N N 53  
ASN HB3  H N N 54  
ASN HD21 H N N 55  
ASN HD22 H N N 56  
ASN HXT  H N N 57  
ASP N    N N N 58  
ASP CA   C N S 59  
ASP C    C N N 60  
ASP O    O N N 61  
ASP CB   C N N 62  
ASP CG   C N N 63  
ASP OD1  O N N 64  
ASP OD2  O N N 65  
ASP OXT  O N N 66  
ASP H    H N N 67  
ASP H2   H N N 68  
ASP HA   H N N 69  
ASP HB2  H N N 70  
ASP HB3  H N N 71  
ASP HD2  H N N 72  
ASP HXT  H N N 73  
GLN N    N N N 74  
GLN CA   C N S 75  
GLN C    C N N 76  
GLN O    O N N 77  
GLN CB   C N N 78  
GLN CG   C N N 79  
GLN CD   C N N 80  
GLN OE1  O N N 81  
GLN NE2  N N N 82  
GLN OXT  O N N 83  
GLN H    H N N 84  
GLN H2   H N N 85  
GLN HA   H N N 86  
GLN HB2  H N N 87  
GLN HB3  H N N 88  
GLN HG2  H N N 89  
GLN HG3  H N N 90  
GLN HE21 H N N 91  
GLN HE22 H N N 92  
GLN HXT  H N N 93  
GLU N    N N N 94  
GLU CA   C N S 95  
GLU C    C N N 96  
GLU O    O N N 97  
GLU CB   C N N 98  
GLU CG   C N N 99  
GLU CD   C N N 100 
GLU OE1  O N N 101 
GLU OE2  O N N 102 
GLU OXT  O N N 103 
GLU H    H N N 104 
GLU H2   H N N 105 
GLU HA   H N N 106 
GLU HB2  H N N 107 
GLU HB3  H N N 108 
GLU HG2  H N N 109 
GLU HG3  H N N 110 
GLU HE2  H N N 111 
GLU HXT  H N N 112 
GLY N    N N N 113 
GLY CA   C N N 114 
GLY C    C N N 115 
GLY O    O N N 116 
GLY OXT  O N N 117 
GLY H    H N N 118 
GLY H2   H N N 119 
GLY HA2  H N N 120 
GLY HA3  H N N 121 
GLY HXT  H N N 122 
HIS N    N N N 123 
HIS CA   C N S 124 
HIS C    C N N 125 
HIS O    O N N 126 
HIS CB   C N N 127 
HIS CG   C Y N 128 
HIS ND1  N Y N 129 
HIS CD2  C Y N 130 
HIS CE1  C Y N 131 
HIS NE2  N Y N 132 
HIS OXT  O N N 133 
HIS H    H N N 134 
HIS H2   H N N 135 
HIS HA   H N N 136 
HIS HB2  H N N 137 
HIS HB3  H N N 138 
HIS HD1  H N N 139 
HIS HD2  H N N 140 
HIS HE1  H N N 141 
HIS HE2  H N N 142 
HIS HXT  H N N 143 
HOH O    O N N 144 
HOH H1   H N N 145 
HOH H2   H N N 146 
ILE N    N N N 147 
ILE CA   C N S 148 
ILE C    C N N 149 
ILE O    O N N 150 
ILE CB   C N S 151 
ILE CG1  C N N 152 
ILE CG2  C N N 153 
ILE CD1  C N N 154 
ILE OXT  O N N 155 
ILE H    H N N 156 
ILE H2   H N N 157 
ILE HA   H N N 158 
ILE HB   H N N 159 
ILE HG12 H N N 160 
ILE HG13 H N N 161 
ILE HG21 H N N 162 
ILE HG22 H N N 163 
ILE HG23 H N N 164 
ILE HD11 H N N 165 
ILE HD12 H N N 166 
ILE HD13 H N N 167 
ILE HXT  H N N 168 
LEU N    N N N 169 
LEU CA   C N S 170 
LEU C    C N N 171 
LEU O    O N N 172 
LEU CB   C N N 173 
LEU CG   C N N 174 
LEU CD1  C N N 175 
LEU CD2  C N N 176 
LEU OXT  O N N 177 
LEU H    H N N 178 
LEU H2   H N N 179 
LEU HA   H N N 180 
LEU HB2  H N N 181 
LEU HB3  H N N 182 
LEU HG   H N N 183 
LEU HD11 H N N 184 
LEU HD12 H N N 185 
LEU HD13 H N N 186 
LEU HD21 H N N 187 
LEU HD22 H N N 188 
LEU HD23 H N N 189 
LEU HXT  H N N 190 
LYS N    N N N 191 
LYS CA   C N S 192 
LYS C    C N N 193 
LYS O    O N N 194 
LYS CB   C N N 195 
LYS CG   C N N 196 
LYS CD   C N N 197 
LYS CE   C N N 198 
LYS NZ   N N N 199 
LYS OXT  O N N 200 
LYS H    H N N 201 
LYS H2   H N N 202 
LYS HA   H N N 203 
LYS HB2  H N N 204 
LYS HB3  H N N 205 
LYS HG2  H N N 206 
LYS HG3  H N N 207 
LYS HD2  H N N 208 
LYS HD3  H N N 209 
LYS HE2  H N N 210 
LYS HE3  H N N 211 
LYS HZ1  H N N 212 
LYS HZ2  H N N 213 
LYS HZ3  H N N 214 
LYS HXT  H N N 215 
MET N    N N N 216 
MET CA   C N S 217 
MET C    C N N 218 
MET O    O N N 219 
MET CB   C N N 220 
MET CG   C N N 221 
MET SD   S N N 222 
MET CE   C N N 223 
MET OXT  O N N 224 
MET H    H N N 225 
MET H2   H N N 226 
MET HA   H N N 227 
MET HB2  H N N 228 
MET HB3  H N N 229 
MET HG2  H N N 230 
MET HG3  H N N 231 
MET HE1  H N N 232 
MET HE2  H N N 233 
MET HE3  H N N 234 
MET HXT  H N N 235 
PHE N    N N N 236 
PHE CA   C N S 237 
PHE C    C N N 238 
PHE O    O N N 239 
PHE CB   C N N 240 
PHE CG   C Y N 241 
PHE CD1  C Y N 242 
PHE CD2  C Y N 243 
PHE CE1  C Y N 244 
PHE CE2  C Y N 245 
PHE CZ   C Y N 246 
PHE OXT  O N N 247 
PHE H    H N N 248 
PHE H2   H N N 249 
PHE HA   H N N 250 
PHE HB2  H N N 251 
PHE HB3  H N N 252 
PHE HD1  H N N 253 
PHE HD2  H N N 254 
PHE HE1  H N N 255 
PHE HE2  H N N 256 
PHE HZ   H N N 257 
PHE HXT  H N N 258 
PRO N    N N N 259 
PRO CA   C N S 260 
PRO C    C N N 261 
PRO O    O N N 262 
PRO CB   C N N 263 
PRO CG   C N N 264 
PRO CD   C N N 265 
PRO OXT  O N N 266 
PRO H    H N N 267 
PRO HA   H N N 268 
PRO HB2  H N N 269 
PRO HB3  H N N 270 
PRO HG2  H N N 271 
PRO HG3  H N N 272 
PRO HD2  H N N 273 
PRO HD3  H N N 274 
PRO HXT  H N N 275 
SER N    N N N 276 
SER CA   C N S 277 
SER C    C N N 278 
SER O    O N N 279 
SER CB   C N N 280 
SER OG   O N N 281 
SER OXT  O N N 282 
SER H    H N N 283 
SER H2   H N N 284 
SER HA   H N N 285 
SER HB2  H N N 286 
SER HB3  H N N 287 
SER HG   H N N 288 
SER HXT  H N N 289 
THR N    N N N 290 
THR CA   C N S 291 
THR C    C N N 292 
THR O    O N N 293 
THR CB   C N R 294 
THR OG1  O N N 295 
THR CG2  C N N 296 
THR OXT  O N N 297 
THR H    H N N 298 
THR H2   H N N 299 
THR HA   H N N 300 
THR HB   H N N 301 
THR HG1  H N N 302 
THR HG21 H N N 303 
THR HG22 H N N 304 
THR HG23 H N N 305 
THR HXT  H N N 306 
TRP N    N N N 307 
TRP CA   C N S 308 
TRP C    C N N 309 
TRP O    O N N 310 
TRP CB   C N N 311 
TRP CG   C Y N 312 
TRP CD1  C Y N 313 
TRP CD2  C Y N 314 
TRP NE1  N Y N 315 
TRP CE2  C Y N 316 
TRP CE3  C Y N 317 
TRP CZ2  C Y N 318 
TRP CZ3  C Y N 319 
TRP CH2  C Y N 320 
TRP OXT  O N N 321 
TRP H    H N N 322 
TRP H2   H N N 323 
TRP HA   H N N 324 
TRP HB2  H N N 325 
TRP HB3  H N N 326 
TRP HD1  H N N 327 
TRP HE1  H N N 328 
TRP HE3  H N N 329 
TRP HZ2  H N N 330 
TRP HZ3  H N N 331 
TRP HH2  H N N 332 
TRP HXT  H N N 333 
TYR N    N N N 334 
TYR CA   C N S 335 
TYR C    C N N 336 
TYR O    O N N 337 
TYR CB   C N N 338 
TYR CG   C Y N 339 
TYR CD1  C Y N 340 
TYR CD2  C Y N 341 
TYR CE1  C Y N 342 
TYR CE2  C Y N 343 
TYR CZ   C Y N 344 
TYR OH   O N N 345 
TYR OXT  O N N 346 
TYR H    H N N 347 
TYR H2   H N N 348 
TYR HA   H N N 349 
TYR HB2  H N N 350 
TYR HB3  H N N 351 
TYR HD1  H N N 352 
TYR HD2  H N N 353 
TYR HE1  H N N 354 
TYR HE2  H N N 355 
TYR HH   H N N 356 
TYR HXT  H N N 357 
VAL N    N N N 358 
VAL CA   C N S 359 
VAL C    C N N 360 
VAL O    O N N 361 
VAL CB   C N N 362 
VAL CG1  C N N 363 
VAL CG2  C N N 364 
VAL OXT  O N N 365 
VAL H    H N N 366 
VAL H2   H N N 367 
VAL HA   H N N 368 
VAL HB   H N N 369 
VAL HG11 H N N 370 
VAL HG12 H N N 371 
VAL HG13 H N N 372 
VAL HG21 H N N 373 
VAL HG22 H N N 374 
VAL HG23 H N N 375 
VAL HXT  H N N 376 
# 
loop_
_chem_comp_bond.comp_id 
_chem_comp_bond.atom_id_1 
_chem_comp_bond.atom_id_2 
_chem_comp_bond.value_order 
_chem_comp_bond.pdbx_aromatic_flag 
_chem_comp_bond.pdbx_stereo_config 
_chem_comp_bond.pdbx_ordinal 
ALA N   CA   sing N N 1   
ALA N   H    sing N N 2   
ALA N   H2   sing N N 3   
ALA CA  C    sing N N 4   
ALA CA  CB   sing N N 5   
ALA CA  HA   sing N N 6   
ALA C   O    doub N N 7   
ALA C   OXT  sing N N 8   
ALA CB  HB1  sing N N 9   
ALA CB  HB2  sing N N 10  
ALA CB  HB3  sing N N 11  
ALA OXT HXT  sing N N 12  
ARG N   CA   sing N N 13  
ARG N   H    sing N N 14  
ARG N   H2   sing N N 15  
ARG CA  C    sing N N 16  
ARG CA  CB   sing N N 17  
ARG CA  HA   sing N N 18  
ARG C   O    doub N N 19  
ARG C   OXT  sing N N 20  
ARG CB  CG   sing N N 21  
ARG CB  HB2  sing N N 22  
ARG CB  HB3  sing N N 23  
ARG CG  CD   sing N N 24  
ARG CG  HG2  sing N N 25  
ARG CG  HG3  sing N N 26  
ARG CD  NE   sing N N 27  
ARG CD  HD2  sing N N 28  
ARG CD  HD3  sing N N 29  
ARG NE  CZ   sing N N 30  
ARG NE  HE   sing N N 31  
ARG CZ  NH1  sing N N 32  
ARG CZ  NH2  doub N N 33  
ARG NH1 HH11 sing N N 34  
ARG NH1 HH12 sing N N 35  
ARG NH2 HH21 sing N N 36  
ARG NH2 HH22 sing N N 37  
ARG OXT HXT  sing N N 38  
ASN N   CA   sing N N 39  
ASN N   H    sing N N 40  
ASN N   H2   sing N N 41  
ASN CA  C    sing N N 42  
ASN CA  CB   sing N N 43  
ASN CA  HA   sing N N 44  
ASN C   O    doub N N 45  
ASN C   OXT  sing N N 46  
ASN CB  CG   sing N N 47  
ASN CB  HB2  sing N N 48  
ASN CB  HB3  sing N N 49  
ASN CG  OD1  doub N N 50  
ASN CG  ND2  sing N N 51  
ASN ND2 HD21 sing N N 52  
ASN ND2 HD22 sing N N 53  
ASN OXT HXT  sing N N 54  
ASP N   CA   sing N N 55  
ASP N   H    sing N N 56  
ASP N   H2   sing N N 57  
ASP CA  C    sing N N 58  
ASP CA  CB   sing N N 59  
ASP CA  HA   sing N N 60  
ASP C   O    doub N N 61  
ASP C   OXT  sing N N 62  
ASP CB  CG   sing N N 63  
ASP CB  HB2  sing N N 64  
ASP CB  HB3  sing N N 65  
ASP CG  OD1  doub N N 66  
ASP CG  OD2  sing N N 67  
ASP OD2 HD2  sing N N 68  
ASP OXT HXT  sing N N 69  
GLN N   CA   sing N N 70  
GLN N   H    sing N N 71  
GLN N   H2   sing N N 72  
GLN CA  C    sing N N 73  
GLN CA  CB   sing N N 74  
GLN CA  HA   sing N N 75  
GLN C   O    doub N N 76  
GLN C   OXT  sing N N 77  
GLN CB  CG   sing N N 78  
GLN CB  HB2  sing N N 79  
GLN CB  HB3  sing N N 80  
GLN CG  CD   sing N N 81  
GLN CG  HG2  sing N N 82  
GLN CG  HG3  sing N N 83  
GLN CD  OE1  doub N N 84  
GLN CD  NE2  sing N N 85  
GLN NE2 HE21 sing N N 86  
GLN NE2 HE22 sing N N 87  
GLN OXT HXT  sing N N 88  
GLU N   CA   sing N N 89  
GLU N   H    sing N N 90  
GLU N   H2   sing N N 91  
GLU CA  C    sing N N 92  
GLU CA  CB   sing N N 93  
GLU CA  HA   sing N N 94  
GLU C   O    doub N N 95  
GLU C   OXT  sing N N 96  
GLU CB  CG   sing N N 97  
GLU CB  HB2  sing N N 98  
GLU CB  HB3  sing N N 99  
GLU CG  CD   sing N N 100 
GLU CG  HG2  sing N N 101 
GLU CG  HG3  sing N N 102 
GLU CD  OE1  doub N N 103 
GLU CD  OE2  sing N N 104 
GLU OE2 HE2  sing N N 105 
GLU OXT HXT  sing N N 106 
GLY N   CA   sing N N 107 
GLY N   H    sing N N 108 
GLY N   H2   sing N N 109 
GLY CA  C    sing N N 110 
GLY CA  HA2  sing N N 111 
GLY CA  HA3  sing N N 112 
GLY C   O    doub N N 113 
GLY C   OXT  sing N N 114 
GLY OXT HXT  sing N N 115 
HIS N   CA   sing N N 116 
HIS N   H    sing N N 117 
HIS N   H2   sing N N 118 
HIS CA  C    sing N N 119 
HIS CA  CB   sing N N 120 
HIS CA  HA   sing N N 121 
HIS C   O    doub N N 122 
HIS C   OXT  sing N N 123 
HIS CB  CG   sing N N 124 
HIS CB  HB2  sing N N 125 
HIS CB  HB3  sing N N 126 
HIS CG  ND1  sing Y N 127 
HIS CG  CD2  doub Y N 128 
HIS ND1 CE1  doub Y N 129 
HIS ND1 HD1  sing N N 130 
HIS CD2 NE2  sing Y N 131 
HIS CD2 HD2  sing N N 132 
HIS CE1 NE2  sing Y N 133 
HIS CE1 HE1  sing N N 134 
HIS NE2 HE2  sing N N 135 
HIS OXT HXT  sing N N 136 
HOH O   H1   sing N N 137 
HOH O   H2   sing N N 138 
ILE N   CA   sing N N 139 
ILE N   H    sing N N 140 
ILE N   H2   sing N N 141 
ILE CA  C    sing N N 142 
ILE CA  CB   sing N N 143 
ILE CA  HA   sing N N 144 
ILE C   O    doub N N 145 
ILE C   OXT  sing N N 146 
ILE CB  CG1  sing N N 147 
ILE CB  CG2  sing N N 148 
ILE CB  HB   sing N N 149 
ILE CG1 CD1  sing N N 150 
ILE CG1 HG12 sing N N 151 
ILE CG1 HG13 sing N N 152 
ILE CG2 HG21 sing N N 153 
ILE CG2 HG22 sing N N 154 
ILE CG2 HG23 sing N N 155 
ILE CD1 HD11 sing N N 156 
ILE CD1 HD12 sing N N 157 
ILE CD1 HD13 sing N N 158 
ILE OXT HXT  sing N N 159 
LEU N   CA   sing N N 160 
LEU N   H    sing N N 161 
LEU N   H2   sing N N 162 
LEU CA  C    sing N N 163 
LEU CA  CB   sing N N 164 
LEU CA  HA   sing N N 165 
LEU C   O    doub N N 166 
LEU C   OXT  sing N N 167 
LEU CB  CG   sing N N 168 
LEU CB  HB2  sing N N 169 
LEU CB  HB3  sing N N 170 
LEU CG  CD1  sing N N 171 
LEU CG  CD2  sing N N 172 
LEU CG  HG   sing N N 173 
LEU CD1 HD11 sing N N 174 
LEU CD1 HD12 sing N N 175 
LEU CD1 HD13 sing N N 176 
LEU CD2 HD21 sing N N 177 
LEU CD2 HD22 sing N N 178 
LEU CD2 HD23 sing N N 179 
LEU OXT HXT  sing N N 180 
LYS N   CA   sing N N 181 
LYS N   H    sing N N 182 
LYS N   H2   sing N N 183 
LYS CA  C    sing N N 184 
LYS CA  CB   sing N N 185 
LYS CA  HA   sing N N 186 
LYS C   O    doub N N 187 
LYS C   OXT  sing N N 188 
LYS CB  CG   sing N N 189 
LYS CB  HB2  sing N N 190 
LYS CB  HB3  sing N N 191 
LYS CG  CD   sing N N 192 
LYS CG  HG2  sing N N 193 
LYS CG  HG3  sing N N 194 
LYS CD  CE   sing N N 195 
LYS CD  HD2  sing N N 196 
LYS CD  HD3  sing N N 197 
LYS CE  NZ   sing N N 198 
LYS CE  HE2  sing N N 199 
LYS CE  HE3  sing N N 200 
LYS NZ  HZ1  sing N N 201 
LYS NZ  HZ2  sing N N 202 
LYS NZ  HZ3  sing N N 203 
LYS OXT HXT  sing N N 204 
MET N   CA   sing N N 205 
MET N   H    sing N N 206 
MET N   H2   sing N N 207 
MET CA  C    sing N N 208 
MET CA  CB   sing N N 209 
MET CA  HA   sing N N 210 
MET C   O    doub N N 211 
MET C   OXT  sing N N 212 
MET CB  CG   sing N N 213 
MET CB  HB2  sing N N 214 
MET CB  HB3  sing N N 215 
MET CG  SD   sing N N 216 
MET CG  HG2  sing N N 217 
MET CG  HG3  sing N N 218 
MET SD  CE   sing N N 219 
MET CE  HE1  sing N N 220 
MET CE  HE2  sing N N 221 
MET CE  HE3  sing N N 222 
MET OXT HXT  sing N N 223 
PHE N   CA   sing N N 224 
PHE N   H    sing N N 225 
PHE N   H2   sing N N 226 
PHE CA  C    sing N N 227 
PHE CA  CB   sing N N 228 
PHE CA  HA   sing N N 229 
PHE C   O    doub N N 230 
PHE C   OXT  sing N N 231 
PHE CB  CG   sing N N 232 
PHE CB  HB2  sing N N 233 
PHE CB  HB3  sing N N 234 
PHE CG  CD1  doub Y N 235 
PHE CG  CD2  sing Y N 236 
PHE CD1 CE1  sing Y N 237 
PHE CD1 HD1  sing N N 238 
PHE CD2 CE2  doub Y N 239 
PHE CD2 HD2  sing N N 240 
PHE CE1 CZ   doub Y N 241 
PHE CE1 HE1  sing N N 242 
PHE CE2 CZ   sing Y N 243 
PHE CE2 HE2  sing N N 244 
PHE CZ  HZ   sing N N 245 
PHE OXT HXT  sing N N 246 
PRO N   CA   sing N N 247 
PRO N   CD   sing N N 248 
PRO N   H    sing N N 249 
PRO CA  C    sing N N 250 
PRO CA  CB   sing N N 251 
PRO CA  HA   sing N N 252 
PRO C   O    doub N N 253 
PRO C   OXT  sing N N 254 
PRO CB  CG   sing N N 255 
PRO CB  HB2  sing N N 256 
PRO CB  HB3  sing N N 257 
PRO CG  CD   sing N N 258 
PRO CG  HG2  sing N N 259 
PRO CG  HG3  sing N N 260 
PRO CD  HD2  sing N N 261 
PRO CD  HD3  sing N N 262 
PRO OXT HXT  sing N N 263 
SER N   CA   sing N N 264 
SER N   H    sing N N 265 
SER N   H2   sing N N 266 
SER CA  C    sing N N 267 
SER CA  CB   sing N N 268 
SER CA  HA   sing N N 269 
SER C   O    doub N N 270 
SER C   OXT  sing N N 271 
SER CB  OG   sing N N 272 
SER CB  HB2  sing N N 273 
SER CB  HB3  sing N N 274 
SER OG  HG   sing N N 275 
SER OXT HXT  sing N N 276 
THR N   CA   sing N N 277 
THR N   H    sing N N 278 
THR N   H2   sing N N 279 
THR CA  C    sing N N 280 
THR CA  CB   sing N N 281 
THR CA  HA   sing N N 282 
THR C   O    doub N N 283 
THR C   OXT  sing N N 284 
THR CB  OG1  sing N N 285 
THR CB  CG2  sing N N 286 
THR CB  HB   sing N N 287 
THR OG1 HG1  sing N N 288 
THR CG2 HG21 sing N N 289 
THR CG2 HG22 sing N N 290 
THR CG2 HG23 sing N N 291 
THR OXT HXT  sing N N 292 
TRP N   CA   sing N N 293 
TRP N   H    sing N N 294 
TRP N   H2   sing N N 295 
TRP CA  C    sing N N 296 
TRP CA  CB   sing N N 297 
TRP CA  HA   sing N N 298 
TRP C   O    doub N N 299 
TRP C   OXT  sing N N 300 
TRP CB  CG   sing N N 301 
TRP CB  HB2  sing N N 302 
TRP CB  HB3  sing N N 303 
TRP CG  CD1  doub Y N 304 
TRP CG  CD2  sing Y N 305 
TRP CD1 NE1  sing Y N 306 
TRP CD1 HD1  sing N N 307 
TRP CD2 CE2  doub Y N 308 
TRP CD2 CE3  sing Y N 309 
TRP NE1 CE2  sing Y N 310 
TRP NE1 HE1  sing N N 311 
TRP CE2 CZ2  sing Y N 312 
TRP CE3 CZ3  doub Y N 313 
TRP CE3 HE3  sing N N 314 
TRP CZ2 CH2  doub Y N 315 
TRP CZ2 HZ2  sing N N 316 
TRP CZ3 CH2  sing Y N 317 
TRP CZ3 HZ3  sing N N 318 
TRP CH2 HH2  sing N N 319 
TRP OXT HXT  sing N N 320 
TYR N   CA   sing N N 321 
TYR N   H    sing N N 322 
TYR N   H2   sing N N 323 
TYR CA  C    sing N N 324 
TYR CA  CB   sing N N 325 
TYR CA  HA   sing N N 326 
TYR C   O    doub N N 327 
TYR C   OXT  sing N N 328 
TYR CB  CG   sing N N 329 
TYR CB  HB2  sing N N 330 
TYR CB  HB3  sing N N 331 
TYR CG  CD1  doub Y N 332 
TYR CG  CD2  sing Y N 333 
TYR CD1 CE1  sing Y N 334 
TYR CD1 HD1  sing N N 335 
TYR CD2 CE2  doub Y N 336 
TYR CD2 HD2  sing N N 337 
TYR CE1 CZ   doub Y N 338 
TYR CE1 HE1  sing N N 339 
TYR CE2 CZ   sing Y N 340 
TYR CE2 HE2  sing N N 341 
TYR CZ  OH   sing N N 342 
TYR OH  HH   sing N N 343 
TYR OXT HXT  sing N N 344 
VAL N   CA   sing N N 345 
VAL N   H    sing N N 346 
VAL N   H2   sing N N 347 
VAL CA  C    sing N N 348 
VAL CA  CB   sing N N 349 
VAL CA  HA   sing N N 350 
VAL C   O    doub N N 351 
VAL C   OXT  sing N N 352 
VAL CB  CG1  sing N N 353 
VAL CB  CG2  sing N N 354 
VAL CB  HB   sing N N 355 
VAL CG1 HG11 sing N N 356 
VAL CG1 HG12 sing N N 357 
VAL CG1 HG13 sing N N 358 
VAL CG2 HG21 sing N N 359 
VAL CG2 HG22 sing N N 360 
VAL CG2 HG23 sing N N 361 
VAL OXT HXT  sing N N 362 
# 
_pdbx_entity_nonpoly.entity_id   2 
_pdbx_entity_nonpoly.name        water 
_pdbx_entity_nonpoly.comp_id     HOH 
# 
_pdbx_initial_refinement_model.id               1 
_pdbx_initial_refinement_model.entity_id_list   ? 
_pdbx_initial_refinement_model.type             'experimental model' 
_pdbx_initial_refinement_model.source_name      PDB 
_pdbx_initial_refinement_model.accession_code   4JC4 
_pdbx_initial_refinement_model.details          ? 
# 
